data_9ENP
#
_entry.id   9ENP
#
_cell.length_a   1.00
_cell.length_b   1.00
_cell.length_c   1.00
_cell.angle_alpha   90.00
_cell.angle_beta   90.00
_cell.angle_gamma   90.00
#
_symmetry.space_group_name_H-M   'P 1'
#
loop_
_entity.id
_entity.type
_entity.pdbx_description
1 polymer 'DNA polymerase catalytic subunit'
2 polymer 'DNA polymerase processivity factor'
3 polymer 'DNA (46-MER)'
4 polymer 'DNA (67-MER)'
5 non-polymer 'CALCIUM ION'
6 water water
#
loop_
_entity_poly.entity_id
_entity_poly.type
_entity_poly.pdbx_seq_one_letter_code
_entity_poly.pdbx_strand_id
1 'polypeptide(L)'
;MFSGGGGPLSPGGKSAARAASGFFAPAGPRGASRGPPPCLRQNFYNPYLAPVGTQQKPTGPTQRHTYYSECDEFRFIAPR
VLDEDAPPEKRAGVHDGHLKRAPKVYCGGDERDVLRVGSGGFWPRRSRLWGGVDHAPAGFNPTVTVFHVYDILENVEHAY
GMRAAQFHARFMDAITPTGTVITLLGLTPEGHRVAVHVYGTRQYFYMNKEEVDRHLQCRAPRDLCERMAAALRESPGASF
RGISADHFEAEVVERTDVYYYETRPALFYRVYVRSGRVLSYLCDNFCPAIKKYEGGVDATTRFILDNPGFVTFGWYRLKP
GRNNTLAQPRAPMAFGTSSDVEFNCTADNLAIEGGMSDLPAYKLMCFDIECKAGGEDELAFPVAGHPEDLVIQISCLLYD
LSTTALEHVLLFSLGSCDLPESHLNELAARGLPTPVVLEFDSEFEMLLAFMTLVKQYGPEFVTGYNIINFDWPFLLAKLT
DIYKVPLDGYGRMNGRGVFRVWDIGQSHFQKRSKIKVNGMVNIDMYGIITDKIKLSSYKLNAVAEAVLKDKKKDLSYRDI
PAYYAAGPAQRGVIGEYCIQDSLLVGQLFFKFLPHLELSAVARLAGINITRTIYDGQQIRVFTCLLRLADQKGFILPDTQ
GRFRGAGGEAPKRPAAAREDEERPEEEGEDEDEREEGGGEREPEGARETAGRHVGYQGARVLDPTSGFHVNPVVVFDFAS
LYPSIIQAHNLCFSTLSLRADAVAHLEAGKDYLEIEVGGRRLFFVKAHVRESLLSILLRDWLAMRKQIRSRIPQSSPEEA
VLLDKQQAAIKVVCNSVYGFTGVQHGLLPCLHVAATVTTIGREMLLATREYVHARWAAFEQLLADFPEAADMRAPGPYSM
RIIYGDTDSIFVLCRGLTAAGLTAVGDKMASHISRALFLPPIKLECEKTFTKLLLIAKKKYIGVIYGGKMLIKGVDLVRK
NNCAFINRTSRALVDLLFYDDTVSGAAAALAERPAEEWLARPLPEGLQAFGAVLVDAHRRITDPERDIQDFVLTAELSRH
PRAYTNKRLAHLTVYYKLMARRAQVPSIKDRIPYVIVAQTREVEETVARLAALRELDAAAPGDEPAPPAALPSPAKRPRE
TPSPADPPGGASKPRKLLVSELAEDPAYAIAHGVALNTDYYFSHLLGAACVTFKALFGNNAKITESLLKRFIPEVWHPPD
DVAARLRTAGFGAVGAGATAEETRRMLHRAFDTLA
;
A
2 'polypeptide(L)'
;MTDSPGGVAPASPVEDASDASLGQPEEGAPCQVVLQGAELNGILQAFAPLRTSLLDSLLVMGDRGILIHNTIFGEQVFLP
LEHSQFSRYRWRGPTAAFLSLVDQKRSLLSVFRANQYPDLRRVELAITGQAPFRTLVQRIWTTTSDGEAVELASETLMKR
ELTSFVVLVPQGTPDVQLRLTRPQLTKVLNATGADSATPTTFELGVNGKFSVFTTSTCVTFAAREEGVSSSTSTQVQILS
NALTKAGQAAANAKTVYGENTHRTFSVVVDDCSMRAVLRRLQVGGGTLKFFLTTPVPSLCVTATGPNAVSAVFLLKPQKI
CLDWLGHSQGSPSAGSSASRASGSEPTDSQDSASDAVSHGDPEDLDGAARAGEAGALHACPMPSSTTRVTPTTKRGRSGG
EDARADTALKKPKTGSPTAPPPADPVPLDTEDDSDAADGTAARPAAPDARSGSRYACYFRDLPTGEASPGAFSAFRGGPQ
TPYGFGFP
;
B
3 'polydeoxyribonucleotide'
;(DG)(DC)(DC)(DA)(DC)(DT)(DA)(DC)(DG)(DA)(DC)(DA)(DC)(DC)(DT)(DT)(DG)(DA)(DT)(DC)
(DG)(DC)(DC)(DT)(DC)(DG)(DC)(DA)(DG)(DC)(DC)(DG)(DT)(DC)(DC)(DA)(DA)(DC)(DC)(DA)
(DA)(DC)(DT)(DC)(AS)(AS)
;
C
4 'polydeoxyribonucleotide'
;(DA)(DT)(DT)(DT)(DG)(DC)(DT)(DG)(DA)(DC)(DC)(DT)(DT)(DT)(DG)(DT)(DT)(DC)(DT)(DG)
(DG)(DG)(DT)(DG)(DA)(DG)(DT)(DT)(DG)(DG)(DT)(DT)(DG)(DG)(DA)(DC)(DG)(DG)(DC)(DT)
(DG)(DC)(DG)(DA)(DG)(DG)(DC)(DG)(DA)(DT)(DC)(DA)(DA)(DG)(DG)(DT)(DG)(DT)(DC)(DG)
(DT)(DA)(DG)(DT)(DG)(DG)(DC)
;
D
#
# COMPACT_ATOMS: atom_id res chain seq x y z
N THR A 59 -4.33 -41.71 45.70
CA THR A 59 -3.43 -41.94 44.54
C THR A 59 -3.48 -40.74 43.59
N GLY A 60 -4.62 -40.54 42.91
CA GLY A 60 -4.76 -39.50 41.91
C GLY A 60 -4.07 -39.85 40.60
N PRO A 61 -4.03 -38.88 39.64
CA PRO A 61 -3.49 -39.10 38.30
C PRO A 61 -2.05 -39.63 38.24
N THR A 62 -1.80 -40.47 37.22
CA THR A 62 -0.48 -41.05 36.94
C THR A 62 0.54 -39.95 36.61
N GLN A 63 0.15 -39.02 35.73
CA GLN A 63 0.90 -37.79 35.48
C GLN A 63 0.13 -36.63 36.14
N ARG A 64 0.84 -35.75 36.86
CA ARG A 64 0.19 -34.66 37.57
C ARG A 64 -0.50 -33.71 36.58
N HIS A 65 -1.71 -33.25 36.95
CA HIS A 65 -2.41 -32.17 36.26
C HIS A 65 -1.81 -30.83 36.72
N THR A 66 -1.39 -29.97 35.78
CA THR A 66 -0.66 -28.76 36.14
C THR A 66 -1.54 -27.50 36.07
N TYR A 67 -2.72 -27.57 35.44
CA TYR A 67 -3.71 -26.51 35.54
C TYR A 67 -4.26 -26.41 36.97
N TYR A 68 -4.85 -25.25 37.31
CA TYR A 68 -5.36 -25.01 38.65
C TYR A 68 -6.72 -25.67 38.82
N SER A 69 -6.82 -26.65 39.71
CA SER A 69 -8.07 -27.19 40.20
C SER A 69 -8.42 -26.69 41.60
N GLU A 70 -7.45 -26.03 42.28
CA GLU A 70 -7.64 -25.38 43.57
C GLU A 70 -6.71 -24.17 43.67
N CYS A 71 -7.14 -23.16 44.45
CA CYS A 71 -6.42 -21.92 44.63
C CYS A 71 -7.01 -21.20 45.85
N ASP A 72 -6.17 -20.71 46.78
CA ASP A 72 -6.65 -20.06 47.99
C ASP A 72 -5.89 -18.80 48.36
N GLU A 73 -4.99 -18.34 47.48
CA GLU A 73 -4.38 -17.03 47.58
C GLU A 73 -4.01 -16.55 46.18
N PHE A 74 -4.14 -15.24 45.92
CA PHE A 74 -3.80 -14.69 44.62
C PHE A 74 -3.57 -13.19 44.72
N ARG A 75 -2.91 -12.63 43.70
CA ARG A 75 -2.72 -11.21 43.56
C ARG A 75 -4.02 -10.55 43.11
N PHE A 76 -4.63 -9.76 44.01
CA PHE A 76 -5.85 -9.03 43.72
C PHE A 76 -5.52 -7.67 43.12
N ILE A 77 -5.77 -7.50 41.82
CA ILE A 77 -5.65 -6.22 41.11
C ILE A 77 -7.04 -5.82 40.58
N ALA A 78 -7.48 -4.59 40.93
CA ALA A 78 -8.77 -4.07 40.52
C ALA A 78 -8.76 -2.53 40.50
N PRO A 79 -9.50 -1.86 39.58
CA PRO A 79 -9.65 -0.41 39.61
C PRO A 79 -10.32 0.08 40.89
N ARG A 80 -9.77 1.14 41.49
CA ARG A 80 -10.35 1.72 42.69
C ARG A 80 -11.73 2.34 42.39
N VAL A 81 -12.03 2.69 41.14
CA VAL A 81 -13.31 3.29 40.77
C VAL A 81 -14.50 2.34 40.99
N LEU A 82 -14.26 1.03 41.16
CA LEU A 82 -15.31 0.08 41.49
C LEU A 82 -15.78 0.20 42.94
N ASP A 83 -15.03 0.91 43.80
CA ASP A 83 -15.45 1.24 45.16
C ASP A 83 -16.40 2.44 45.11
N GLU A 84 -17.66 2.18 44.74
CA GLU A 84 -18.60 3.23 44.38
C GLU A 84 -19.13 3.98 45.61
N ASP A 85 -18.70 3.58 46.83
CA ASP A 85 -18.98 4.29 48.07
C ASP A 85 -17.76 5.09 48.60
N ALA A 86 -16.58 4.95 47.96
CA ALA A 86 -15.37 5.64 48.38
C ALA A 86 -15.42 7.13 48.00
N PRO A 87 -14.72 8.03 48.76
CA PRO A 87 -14.73 9.46 48.44
C PRO A 87 -13.90 9.79 47.20
N PRO A 88 -14.20 10.90 46.47
CA PRO A 88 -13.59 11.21 45.18
C PRO A 88 -12.06 11.21 45.09
N GLU A 89 -11.37 11.43 46.20
CA GLU A 89 -9.91 11.42 46.27
C GLU A 89 -9.33 10.03 45.99
N LYS A 90 -10.07 8.97 46.38
CA LYS A 90 -9.53 7.62 46.51
C LYS A 90 -10.23 6.63 45.58
N ARG A 91 -10.49 7.08 44.33
CA ARG A 91 -11.09 6.27 43.27
C ARG A 91 -10.21 6.21 42.00
N ALA A 92 -9.01 6.80 42.04
CA ALA A 92 -8.05 6.70 40.94
C ALA A 92 -7.11 5.49 41.14
N GLY A 93 -6.58 4.98 40.03
CA GLY A 93 -5.58 3.91 40.05
C GLY A 93 -6.17 2.52 40.35
N VAL A 94 -5.29 1.57 40.69
CA VAL A 94 -5.67 0.19 41.00
C VAL A 94 -5.21 -0.20 42.40
N HIS A 95 -6.03 -1.00 43.10
CA HIS A 95 -5.54 -1.81 44.20
C HIS A 95 -4.58 -2.87 43.66
N ASP A 96 -3.54 -3.22 44.43
CA ASP A 96 -2.63 -4.30 44.08
C ASP A 96 -2.02 -4.87 45.35
N GLY A 97 -2.47 -6.06 45.75
CA GLY A 97 -1.98 -6.77 46.92
C GLY A 97 -2.38 -8.24 46.89
N HIS A 98 -1.98 -9.03 47.89
CA HIS A 98 -2.29 -10.44 47.92
C HIS A 98 -3.46 -10.71 48.86
N LEU A 99 -4.44 -11.46 48.35
CA LEU A 99 -5.67 -11.76 49.08
C LEU A 99 -5.77 -13.26 49.31
N LYS A 100 -5.98 -13.68 50.57
CA LYS A 100 -6.18 -15.09 50.91
C LYS A 100 -7.67 -15.42 50.89
N ARG A 101 -8.15 -15.78 49.69
CA ARG A 101 -9.54 -16.11 49.42
C ARG A 101 -9.55 -17.07 48.22
N ALA A 102 -10.56 -17.94 48.10
CA ALA A 102 -10.79 -18.67 46.86
C ALA A 102 -11.34 -17.72 45.78
N PRO A 103 -10.81 -17.74 44.54
CA PRO A 103 -11.36 -16.97 43.42
C PRO A 103 -12.87 -17.13 43.24
N LYS A 104 -13.61 -16.00 43.22
CA LYS A 104 -15.07 -15.98 43.14
C LYS A 104 -15.53 -15.60 41.73
N VAL A 105 -16.76 -15.99 41.38
CA VAL A 105 -17.47 -15.44 40.23
C VAL A 105 -18.92 -15.18 40.64
N TYR A 106 -19.48 -14.06 40.16
CA TYR A 106 -20.88 -13.72 40.45
C TYR A 106 -21.67 -13.77 39.13
N CYS A 107 -22.90 -14.25 39.23
CA CYS A 107 -23.75 -14.36 38.05
C CYS A 107 -25.22 -14.32 38.44
N GLY A 108 -25.94 -13.29 38.00
CA GLY A 108 -27.37 -13.16 38.22
C GLY A 108 -27.76 -13.15 39.71
N GLY A 109 -26.88 -12.63 40.57
CA GLY A 109 -27.16 -12.60 42.01
C GLY A 109 -26.59 -13.80 42.79
N ASP A 110 -26.24 -14.88 42.08
CA ASP A 110 -25.57 -16.03 42.68
C ASP A 110 -24.05 -15.85 42.70
N GLU A 111 -23.37 -16.63 43.55
CA GLU A 111 -21.93 -16.62 43.71
C GLU A 111 -21.39 -18.06 43.72
N ARG A 112 -20.23 -18.28 43.07
CA ARG A 112 -19.54 -19.56 43.10
C ARG A 112 -18.04 -19.38 43.16
N ASP A 113 -17.31 -20.39 43.64
CA ASP A 113 -15.88 -20.49 43.41
C ASP A 113 -15.63 -20.78 41.92
N VAL A 114 -14.63 -20.11 41.33
CA VAL A 114 -14.27 -20.32 39.93
C VAL A 114 -13.87 -21.77 39.66
N LEU A 115 -13.20 -22.45 40.62
CA LEU A 115 -12.57 -23.74 40.38
C LEU A 115 -13.42 -24.92 40.87
N ARG A 116 -14.61 -24.66 41.40
CA ARG A 116 -15.54 -25.69 41.82
C ARG A 116 -16.24 -26.32 40.62
N VAL A 117 -16.16 -27.66 40.50
CA VAL A 117 -16.93 -28.41 39.52
C VAL A 117 -18.07 -29.17 40.22
N GLY A 118 -19.26 -29.04 39.64
CA GLY A 118 -20.51 -29.52 40.21
C GLY A 118 -21.70 -29.09 39.34
N SER A 119 -22.92 -29.10 39.90
CA SER A 119 -24.14 -29.08 39.11
C SER A 119 -24.50 -27.67 38.63
N GLY A 120 -24.25 -26.66 39.46
CA GLY A 120 -24.83 -25.32 39.24
C GLY A 120 -23.92 -24.33 38.51
N GLY A 121 -22.96 -24.82 37.69
CA GLY A 121 -21.95 -23.97 37.06
C GLY A 121 -22.53 -22.91 36.14
N PHE A 122 -21.85 -21.76 36.04
CA PHE A 122 -22.31 -20.62 35.26
C PHE A 122 -21.91 -20.75 33.79
N TRP A 123 -20.97 -21.63 33.44
CA TRP A 123 -20.56 -21.84 32.05
C TRP A 123 -20.62 -23.31 31.67
N PRO A 124 -20.78 -23.67 30.37
CA PRO A 124 -20.83 -25.06 29.95
C PRO A 124 -19.49 -25.79 30.08
N ARG A 125 -19.54 -27.12 30.29
CA ARG A 125 -18.36 -27.97 30.36
C ARG A 125 -18.47 -29.19 29.45
N ARG A 126 -17.32 -29.65 28.93
CA ARG A 126 -17.21 -30.91 28.18
C ARG A 126 -16.06 -31.76 28.73
N SER A 127 -15.80 -31.67 30.05
CA SER A 127 -14.68 -32.31 30.71
C SER A 127 -15.18 -33.47 31.57
N ARG A 128 -14.48 -34.60 31.51
CA ARG A 128 -14.74 -35.73 32.38
C ARG A 128 -14.01 -35.61 33.72
N LEU A 129 -12.67 -35.45 33.68
CA LEU A 129 -11.88 -35.28 34.89
C LEU A 129 -11.72 -33.80 35.24
N TRP A 130 -11.68 -33.51 36.55
CA TRP A 130 -11.25 -32.22 37.03
C TRP A 130 -10.38 -32.37 38.28
N GLY A 131 -9.10 -32.01 38.17
CA GLY A 131 -8.15 -32.10 39.26
C GLY A 131 -7.96 -33.52 39.79
N GLY A 132 -8.17 -34.52 38.94
CA GLY A 132 -8.04 -35.92 39.32
C GLY A 132 -9.29 -36.54 39.95
N VAL A 133 -10.45 -35.87 39.86
CA VAL A 133 -11.75 -36.45 40.22
C VAL A 133 -12.55 -36.70 38.94
N ASP A 134 -13.15 -37.89 38.81
CA ASP A 134 -13.97 -38.24 37.66
C ASP A 134 -15.43 -37.82 37.88
N HIS A 135 -15.94 -36.93 37.02
CA HIS A 135 -17.29 -36.38 37.12
C HIS A 135 -18.26 -37.00 36.11
N ALA A 136 -17.85 -38.02 35.36
CA ALA A 136 -18.77 -38.74 34.49
C ALA A 136 -19.83 -39.48 35.30
N PRO A 137 -21.07 -39.66 34.77
CA PRO A 137 -22.09 -40.47 35.44
C PRO A 137 -21.61 -41.86 35.78
N ALA A 138 -22.23 -42.48 36.79
CA ALA A 138 -21.85 -43.83 37.20
C ALA A 138 -22.05 -44.82 36.05
N GLY A 139 -21.01 -45.61 35.75
CA GLY A 139 -21.05 -46.60 34.68
C GLY A 139 -20.91 -46.02 33.27
N PHE A 140 -20.45 -44.76 33.15
CA PHE A 140 -20.16 -44.16 31.84
C PHE A 140 -19.03 -44.93 31.17
N ASN A 141 -19.33 -45.57 30.03
CA ASN A 141 -18.33 -46.35 29.29
C ASN A 141 -18.76 -46.47 27.83
N PRO A 142 -18.60 -45.41 27.00
CA PRO A 142 -18.96 -45.46 25.58
C PRO A 142 -18.16 -46.50 24.81
N THR A 143 -18.79 -47.10 23.81
CA THR A 143 -18.08 -47.96 22.87
C THR A 143 -17.70 -47.15 21.63
N VAL A 144 -16.41 -47.17 21.27
CA VAL A 144 -15.88 -46.38 20.17
C VAL A 144 -15.44 -47.32 19.05
N THR A 145 -16.02 -47.11 17.87
CA THR A 145 -15.62 -47.79 16.65
C THR A 145 -14.98 -46.77 15.70
N VAL A 146 -15.75 -45.79 15.25
CA VAL A 146 -15.26 -44.72 14.39
C VAL A 146 -15.08 -43.42 15.19
N PHE A 147 -14.06 -42.65 14.81
CA PHE A 147 -13.80 -41.35 15.39
C PHE A 147 -13.15 -40.45 14.33
N HIS A 148 -13.32 -39.16 14.48
CA HIS A 148 -12.70 -38.20 13.59
C HIS A 148 -11.45 -37.64 14.30
N VAL A 149 -10.35 -37.48 13.56
CA VAL A 149 -9.12 -36.87 14.04
C VAL A 149 -9.02 -35.47 13.47
N TYR A 150 -8.81 -34.45 14.32
CA TYR A 150 -8.57 -33.10 13.82
C TYR A 150 -7.13 -32.63 14.12
N ASP A 151 -6.43 -33.26 15.06
CA ASP A 151 -5.09 -32.85 15.45
C ASP A 151 -4.30 -34.04 15.99
N ILE A 152 -2.97 -33.98 15.85
CA ILE A 152 -2.07 -35.07 16.26
C ILE A 152 -0.97 -34.49 17.13
N LEU A 153 -0.84 -35.01 18.35
CA LEU A 153 0.25 -34.64 19.25
C LEU A 153 1.35 -35.69 19.16
N GLU A 154 2.51 -35.33 19.65
CA GLU A 154 3.71 -36.15 19.65
C GLU A 154 4.43 -35.92 20.97
N ASN A 155 4.50 -36.96 21.79
CA ASN A 155 5.01 -36.89 23.15
C ASN A 155 5.97 -38.05 23.44
N VAL A 156 6.83 -37.89 24.44
CA VAL A 156 7.63 -39.00 24.95
C VAL A 156 6.99 -39.54 26.23
N GLU A 157 6.86 -40.88 26.30
CA GLU A 157 6.47 -41.59 27.51
C GLU A 157 7.62 -42.50 27.95
N HIS A 158 7.75 -42.69 29.28
CA HIS A 158 8.76 -43.58 29.86
C HIS A 158 8.06 -44.72 30.60
N ALA A 159 8.50 -45.96 30.39
CA ALA A 159 7.96 -47.13 31.08
C ALA A 159 8.00 -46.99 32.62
N TYR A 160 9.02 -46.31 33.17
CA TYR A 160 9.11 -46.09 34.60
C TYR A 160 8.03 -45.11 35.09
N GLY A 161 7.80 -44.03 34.34
CA GLY A 161 6.73 -43.09 34.67
C GLY A 161 5.34 -43.72 34.60
N MET A 162 5.11 -44.60 33.61
CA MET A 162 3.81 -45.20 33.38
C MET A 162 3.62 -46.53 34.12
N ARG A 163 4.51 -46.90 35.06
CA ARG A 163 4.49 -48.22 35.68
C ARG A 163 3.24 -48.48 36.54
N ALA A 164 2.62 -47.42 37.09
CA ALA A 164 1.40 -47.54 37.88
C ALA A 164 0.14 -47.68 37.01
N ALA A 165 0.19 -47.18 35.77
CA ALA A 165 -0.89 -47.36 34.81
C ALA A 165 -0.95 -48.82 34.34
N GLN A 166 -2.16 -49.36 34.18
CA GLN A 166 -2.32 -50.78 33.90
C GLN A 166 -2.24 -51.08 32.40
N PHE A 167 -1.18 -50.57 31.73
CA PHE A 167 -1.06 -50.76 30.28
C PHE A 167 -0.59 -52.20 29.97
N HIS A 168 -1.08 -52.76 28.87
CA HIS A 168 -0.61 -54.06 28.39
C HIS A 168 0.87 -53.99 28.01
N ALA A 169 1.54 -55.15 28.09
CA ALA A 169 2.97 -55.28 27.90
C ALA A 169 3.44 -54.77 26.53
N ARG A 170 2.62 -54.95 25.49
CA ARG A 170 2.99 -54.54 24.13
C ARG A 170 3.18 -53.02 23.99
N PHE A 171 2.49 -52.23 24.83
CA PHE A 171 2.67 -50.79 24.88
C PHE A 171 3.88 -50.43 25.72
N MET A 172 4.06 -51.08 26.88
CA MET A 172 5.19 -50.84 27.77
C MET A 172 6.51 -51.15 27.07
N ASP A 173 6.55 -52.19 26.23
CA ASP A 173 7.71 -52.51 25.41
C ASP A 173 8.12 -51.35 24.49
N ALA A 174 7.13 -50.72 23.85
CA ALA A 174 7.34 -49.60 22.94
C ALA A 174 7.89 -48.35 23.65
N ILE A 175 7.73 -48.24 24.98
CA ILE A 175 8.24 -47.11 25.76
C ILE A 175 9.26 -47.53 26.82
N THR A 176 9.87 -48.72 26.67
CA THR A 176 10.95 -49.17 27.56
C THR A 176 12.29 -48.97 26.87
N PRO A 177 13.26 -48.21 27.44
CA PRO A 177 13.09 -47.37 28.63
C PRO A 177 12.33 -46.07 28.36
N THR A 178 12.27 -45.67 27.09
CA THR A 178 11.60 -44.46 26.63
C THR A 178 11.09 -44.69 25.20
N GLY A 179 10.08 -43.91 24.79
CA GLY A 179 9.53 -44.03 23.43
C GLY A 179 8.57 -42.91 23.06
N THR A 180 8.38 -42.72 21.76
CA THR A 180 7.52 -41.66 21.24
C THR A 180 6.11 -42.20 21.04
N VAL A 181 5.12 -41.45 21.54
CA VAL A 181 3.72 -41.78 21.42
C VAL A 181 3.02 -40.71 20.60
N ILE A 182 2.25 -41.14 19.60
CA ILE A 182 1.50 -40.28 18.70
C ILE A 182 0.07 -40.22 19.24
N THR A 183 -0.47 -39.05 19.58
CA THR A 183 -1.81 -38.99 20.15
C THR A 183 -2.77 -38.35 19.13
N LEU A 184 -3.72 -39.15 18.65
CA LEU A 184 -4.77 -38.67 17.76
C LEU A 184 -5.88 -38.03 18.59
N LEU A 185 -6.16 -36.74 18.35
CA LEU A 185 -7.19 -36.02 19.08
C LEU A 185 -8.43 -35.92 18.22
N GLY A 186 -9.59 -36.16 18.84
CA GLY A 186 -10.78 -36.30 18.04
C GLY A 186 -12.11 -36.33 18.74
N LEU A 187 -13.13 -36.72 17.96
CA LEU A 187 -14.51 -36.75 18.40
C LEU A 187 -15.20 -37.97 17.81
N THR A 188 -16.06 -38.64 18.59
CA THR A 188 -16.91 -39.71 18.04
C THR A 188 -18.15 -39.08 17.40
N PRO A 189 -18.93 -39.84 16.59
CA PRO A 189 -20.24 -39.35 16.10
C PRO A 189 -21.25 -38.96 17.19
N GLU A 190 -21.09 -39.49 18.41
CA GLU A 190 -21.93 -39.14 19.55
C GLU A 190 -21.44 -37.89 20.29
N GLY A 191 -20.35 -37.26 19.82
CA GLY A 191 -19.80 -36.03 20.40
C GLY A 191 -18.86 -36.27 21.59
N HIS A 192 -18.47 -37.52 21.88
CA HIS A 192 -17.50 -37.79 22.93
C HIS A 192 -16.09 -37.40 22.47
N ARG A 193 -15.34 -36.71 23.34
CA ARG A 193 -13.96 -36.35 23.05
C ARG A 193 -13.06 -37.58 23.23
N VAL A 194 -12.25 -37.89 22.21
CA VAL A 194 -11.37 -39.05 22.24
C VAL A 194 -9.90 -38.63 22.09
N ALA A 195 -9.03 -39.39 22.75
CA ALA A 195 -7.60 -39.40 22.44
C ALA A 195 -7.16 -40.84 22.19
N VAL A 196 -6.58 -41.12 21.02
CA VAL A 196 -6.02 -42.43 20.73
C VAL A 196 -4.50 -42.34 20.69
N HIS A 197 -3.84 -43.02 21.63
CA HIS A 197 -2.41 -43.01 21.79
C HIS A 197 -1.81 -44.20 21.02
N VAL A 198 -1.01 -43.89 19.98
CA VAL A 198 -0.45 -44.90 19.11
C VAL A 198 1.00 -45.15 19.47
N TYR A 199 1.35 -46.40 19.73
CA TYR A 199 2.68 -46.78 20.17
C TYR A 199 3.44 -47.48 19.04
N GLY A 200 4.77 -47.46 19.11
CA GLY A 200 5.58 -48.22 18.19
C GLY A 200 6.17 -47.43 17.00
N THR A 201 5.78 -46.17 16.81
CA THR A 201 6.37 -45.29 15.79
C THR A 201 7.75 -44.83 16.26
N ARG A 202 8.78 -45.02 15.40
CA ARG A 202 10.12 -44.51 15.65
C ARG A 202 10.60 -43.59 14.53
N GLN A 203 11.29 -42.52 14.89
CA GLN A 203 12.02 -41.71 13.92
C GLN A 203 13.27 -42.46 13.46
N TYR A 204 13.73 -42.13 12.27
CA TYR A 204 14.97 -42.70 11.75
C TYR A 204 15.62 -41.75 10.76
N PHE A 205 16.95 -41.92 10.63
CA PHE A 205 17.78 -41.16 9.72
C PHE A 205 18.79 -42.09 9.06
N TYR A 206 19.44 -41.62 7.99
CA TYR A 206 20.44 -42.43 7.31
C TYR A 206 21.80 -41.74 7.31
N MET A 207 22.84 -42.58 7.30
CA MET A 207 24.22 -42.19 7.05
C MET A 207 24.87 -43.19 6.10
N ASN A 208 25.74 -42.70 5.21
CA ASN A 208 26.43 -43.53 4.23
C ASN A 208 27.31 -44.55 4.96
N LYS A 209 27.21 -45.83 4.59
CA LYS A 209 27.88 -46.90 5.31
C LYS A 209 29.40 -46.81 5.14
N GLU A 210 29.89 -46.54 3.93
CA GLU A 210 31.33 -46.47 3.67
C GLU A 210 31.97 -45.30 4.41
N GLU A 211 31.29 -44.14 4.46
CA GLU A 211 31.79 -42.97 5.17
C GLU A 211 31.81 -43.19 6.68
N VAL A 212 30.77 -43.83 7.25
CA VAL A 212 30.71 -44.16 8.66
C VAL A 212 31.79 -45.17 9.03
N ASP A 213 31.91 -46.27 8.26
CA ASP A 213 32.89 -47.32 8.50
C ASP A 213 34.34 -46.80 8.40
N ARG A 214 34.59 -45.81 7.54
CA ARG A 214 35.91 -45.21 7.38
C ARG A 214 36.21 -44.12 8.43
N HIS A 215 35.17 -43.48 9.01
CA HIS A 215 35.33 -42.43 10.00
C HIS A 215 35.38 -42.96 11.43
N LEU A 216 34.39 -43.77 11.83
CA LEU A 216 34.24 -44.30 13.19
C LEU A 216 34.86 -45.68 13.37
N GLN A 217 35.36 -46.30 12.29
CA GLN A 217 35.93 -47.66 12.26
C GLN A 217 34.90 -48.75 12.63
N CYS A 218 33.61 -48.48 12.40
CA CYS A 218 32.55 -49.47 12.58
C CYS A 218 32.69 -50.63 11.58
N ARG A 219 32.30 -51.85 12.00
CA ARG A 219 32.29 -53.04 11.15
C ARG A 219 30.95 -53.79 11.19
N ALA A 220 30.14 -53.55 12.24
CA ALA A 220 28.77 -54.04 12.35
C ALA A 220 27.86 -52.95 12.94
N PRO A 221 26.53 -52.98 12.69
CA PRO A 221 25.61 -51.94 13.18
C PRO A 221 25.63 -51.66 14.69
N ARG A 222 25.95 -52.69 15.50
CA ARG A 222 26.05 -52.55 16.95
C ARG A 222 27.17 -51.61 17.37
N ASP A 223 28.24 -51.52 16.56
CA ASP A 223 29.33 -50.58 16.81
C ASP A 223 28.81 -49.15 16.80
N LEU A 224 28.09 -48.80 15.73
CA LEU A 224 27.52 -47.47 15.55
C LEU A 224 26.54 -47.13 16.68
N CYS A 225 25.73 -48.08 17.12
CA CYS A 225 24.85 -47.92 18.28
C CYS A 225 25.62 -47.49 19.54
N GLU A 226 26.77 -48.14 19.82
CA GLU A 226 27.63 -47.75 20.94
C GLU A 226 28.34 -46.41 20.70
N ARG A 227 28.78 -46.10 19.46
CA ARG A 227 29.38 -44.81 19.16
C ARG A 227 28.40 -43.66 19.47
N MET A 228 27.13 -43.83 19.08
CA MET A 228 26.08 -42.85 19.36
C MET A 228 25.78 -42.77 20.87
N ALA A 229 25.66 -43.92 21.52
CA ALA A 229 25.50 -43.97 22.98
C ALA A 229 26.65 -43.23 23.69
N ALA A 230 27.90 -43.42 23.24
CA ALA A 230 29.05 -42.70 23.78
C ALA A 230 28.92 -41.19 23.59
N ALA A 231 28.57 -40.71 22.39
CA ALA A 231 28.41 -39.28 22.12
C ALA A 231 27.33 -38.63 22.99
N LEU A 232 26.34 -39.43 23.45
CA LEU A 232 25.27 -38.96 24.32
C LEU A 232 25.68 -39.05 25.79
N ARG A 233 26.31 -40.14 26.23
CA ARG A 233 26.88 -40.27 27.57
C ARG A 233 27.84 -39.11 27.88
N GLU A 234 28.66 -38.72 26.88
CA GLU A 234 29.67 -37.68 27.01
C GLU A 234 29.13 -36.26 26.72
N SER A 235 27.81 -36.09 26.59
CA SER A 235 27.19 -34.80 26.25
C SER A 235 27.40 -33.76 27.37
N PRO A 236 27.56 -32.45 27.02
CA PRO A 236 27.65 -31.38 28.03
C PRO A 236 26.46 -31.36 28.98
N GLY A 237 26.76 -31.31 30.29
CA GLY A 237 25.73 -31.29 31.32
C GLY A 237 25.07 -32.65 31.56
N ALA A 238 25.45 -33.68 30.77
CA ALA A 238 24.89 -35.03 30.83
C ALA A 238 23.35 -35.05 30.83
N SER A 239 22.75 -34.25 29.92
CA SER A 239 21.32 -34.22 29.68
C SER A 239 20.79 -35.54 29.09
N PHE A 240 21.71 -36.37 28.55
CA PHE A 240 21.39 -37.70 28.02
C PHE A 240 22.07 -38.79 28.86
N ARG A 241 21.98 -38.64 30.19
CA ARG A 241 22.44 -39.65 31.15
C ARG A 241 21.63 -40.94 31.00
N GLY A 242 22.33 -42.09 31.00
CA GLY A 242 21.69 -43.39 30.98
C GLY A 242 21.37 -43.92 29.57
N ILE A 243 21.82 -43.26 28.50
CA ILE A 243 21.65 -43.78 27.14
C ILE A 243 22.54 -45.02 26.94
N SER A 244 22.02 -45.97 26.14
CA SER A 244 22.66 -47.25 25.84
C SER A 244 22.46 -47.63 24.36
N ALA A 245 23.15 -48.69 23.89
CA ALA A 245 22.94 -49.18 22.53
C ALA A 245 21.51 -49.69 22.31
N ASP A 246 20.79 -50.07 23.37
CA ASP A 246 19.41 -50.53 23.28
C ASP A 246 18.43 -49.38 22.99
N HIS A 247 18.84 -48.11 23.16
CA HIS A 247 18.07 -46.96 22.70
C HIS A 247 18.09 -46.81 21.17
N PHE A 248 18.83 -47.69 20.46
CA PHE A 248 19.04 -47.62 19.03
C PHE A 248 18.80 -48.96 18.34
N GLU A 249 18.50 -48.87 17.05
CA GLU A 249 18.57 -50.00 16.13
C GLU A 249 19.18 -49.47 14.83
N ALA A 250 20.04 -50.28 14.21
CA ALA A 250 20.65 -49.92 12.95
C ALA A 250 20.68 -51.10 11.99
N GLU A 251 20.37 -50.82 10.72
CA GLU A 251 20.35 -51.82 9.67
C GLU A 251 20.98 -51.24 8.40
N VAL A 252 21.42 -52.13 7.51
CA VAL A 252 22.05 -51.73 6.25
C VAL A 252 21.03 -51.86 5.12
N VAL A 253 20.87 -50.78 4.34
CA VAL A 253 19.91 -50.71 3.25
C VAL A 253 20.55 -50.00 2.05
N GLU A 254 20.04 -50.28 0.85
CA GLU A 254 20.51 -49.61 -0.36
C GLU A 254 19.56 -48.44 -0.67
N ARG A 255 20.13 -47.25 -0.91
CA ARG A 255 19.37 -46.04 -1.24
C ARG A 255 20.19 -45.17 -2.19
N THR A 256 19.51 -44.18 -2.81
CA THR A 256 20.21 -43.18 -3.60
C THR A 256 19.95 -41.80 -3.01
N ASP A 257 21.00 -40.95 -2.92
CA ASP A 257 20.82 -39.53 -2.70
C ASP A 257 19.95 -38.94 -3.84
N VAL A 258 18.92 -38.15 -3.51
CA VAL A 258 18.01 -37.57 -4.48
C VAL A 258 18.69 -36.57 -5.43
N TYR A 259 19.89 -36.07 -5.11
CA TYR A 259 20.50 -35.03 -5.95
C TYR A 259 21.33 -35.65 -7.07
N TYR A 260 21.11 -35.19 -8.32
CA TYR A 260 21.94 -35.49 -9.50
C TYR A 260 21.55 -36.83 -10.11
N TYR A 261 21.73 -36.93 -11.44
CA TYR A 261 21.35 -38.13 -12.18
C TYR A 261 22.46 -39.18 -12.16
N GLU A 262 23.72 -38.75 -12.12
CA GLU A 262 24.86 -39.64 -12.14
C GLU A 262 25.00 -40.40 -10.81
N THR A 263 24.37 -39.87 -9.75
CA THR A 263 24.45 -40.42 -8.41
C THR A 263 24.05 -41.90 -8.41
N ARG A 264 24.97 -42.76 -7.95
CA ARG A 264 24.75 -44.19 -7.90
C ARG A 264 24.08 -44.60 -6.59
N PRO A 265 23.29 -45.70 -6.58
CA PRO A 265 22.87 -46.35 -5.34
C PRO A 265 24.07 -46.73 -4.47
N ALA A 266 23.90 -46.60 -3.15
CA ALA A 266 24.93 -46.93 -2.19
C ALA A 266 24.30 -47.60 -0.95
N LEU A 267 25.13 -48.25 -0.13
CA LEU A 267 24.70 -48.74 1.18
C LEU A 267 24.72 -47.62 2.23
N PHE A 268 23.64 -47.61 3.04
CA PHE A 268 23.46 -46.68 4.14
C PHE A 268 23.07 -47.46 5.40
N TYR A 269 23.49 -46.95 6.56
CA TYR A 269 22.90 -47.34 7.82
C TYR A 269 21.61 -46.56 8.01
N ARG A 270 20.47 -47.26 8.04
CA ARG A 270 19.24 -46.70 8.59
C ARG A 270 19.25 -46.87 10.10
N VAL A 271 19.25 -45.75 10.83
CA VAL A 271 19.30 -45.74 12.28
C VAL A 271 17.96 -45.30 12.85
N TYR A 272 17.33 -46.16 13.66
CA TYR A 272 16.13 -45.81 14.41
C TYR A 272 16.46 -45.29 15.80
N VAL A 273 15.62 -44.36 16.28
CA VAL A 273 15.77 -43.72 17.57
C VAL A 273 14.42 -43.68 18.28
N ARG A 274 14.45 -43.59 19.63
CA ARG A 274 13.24 -43.61 20.44
C ARG A 274 12.68 -42.21 20.74
N SER A 275 13.49 -41.15 20.54
CA SER A 275 13.10 -39.79 20.93
C SER A 275 13.68 -38.73 19.97
N GLY A 276 12.89 -37.68 19.72
CA GLY A 276 13.33 -36.53 18.92
C GLY A 276 14.41 -35.70 19.63
N ARG A 277 14.46 -35.75 20.96
CA ARG A 277 15.49 -35.09 21.75
C ARG A 277 16.86 -35.70 21.45
N VAL A 278 16.93 -37.03 21.38
CA VAL A 278 18.12 -37.75 20.99
C VAL A 278 18.49 -37.49 19.53
N LEU A 279 17.50 -37.53 18.63
CA LEU A 279 17.75 -37.35 17.20
C LEU A 279 18.32 -35.96 16.90
N SER A 280 17.72 -34.92 17.49
CA SER A 280 18.13 -33.54 17.26
C SER A 280 19.49 -33.22 17.91
N TYR A 281 19.99 -34.07 18.82
CA TYR A 281 21.39 -33.98 19.26
C TYR A 281 22.29 -34.67 18.24
N LEU A 282 21.98 -35.93 17.87
CA LEU A 282 22.80 -36.66 16.91
C LEU A 282 22.91 -35.96 15.55
N CYS A 283 21.91 -35.19 15.13
CA CYS A 283 21.92 -34.56 13.82
C CYS A 283 22.84 -33.34 13.70
N ASP A 284 23.45 -32.85 14.80
CA ASP A 284 24.40 -31.75 14.72
C ASP A 284 25.63 -31.89 15.64
N ASN A 285 25.52 -32.61 16.77
CA ASN A 285 26.64 -32.81 17.68
C ASN A 285 27.49 -34.03 17.33
N PHE A 286 26.97 -34.97 16.52
CA PHE A 286 27.64 -36.25 16.24
C PHE A 286 28.10 -36.34 14.78
N CYS A 287 29.40 -36.65 14.58
CA CYS A 287 30.05 -36.67 13.28
C CYS A 287 29.57 -35.57 12.33
N PRO A 288 29.84 -34.26 12.61
CA PRO A 288 29.39 -33.17 11.74
C PRO A 288 29.88 -33.25 10.29
N ALA A 289 30.99 -33.97 10.05
CA ALA A 289 31.55 -34.15 8.72
C ALA A 289 30.76 -35.16 7.87
N ILE A 290 30.00 -36.05 8.53
CA ILE A 290 29.23 -37.10 7.86
C ILE A 290 27.81 -36.59 7.57
N LYS A 291 27.47 -36.50 6.28
CA LYS A 291 26.15 -36.05 5.83
C LYS A 291 25.07 -37.00 6.37
N LYS A 292 23.94 -36.43 6.80
CA LYS A 292 22.82 -37.19 7.32
C LYS A 292 21.56 -36.92 6.48
N TYR A 293 20.70 -37.93 6.46
CA TYR A 293 19.50 -37.90 5.64
C TYR A 293 18.26 -38.12 6.48
N GLU A 294 17.29 -37.21 6.31
CA GLU A 294 15.96 -37.28 6.90
C GLU A 294 15.94 -37.20 8.43
N GLY A 295 17.01 -36.67 9.05
CA GLY A 295 17.05 -36.42 10.48
C GLY A 295 16.03 -35.37 10.94
N GLY A 296 15.57 -34.50 10.04
CA GLY A 296 14.57 -33.52 10.41
C GLY A 296 13.12 -34.00 10.34
N VAL A 297 12.87 -35.27 9.97
CA VAL A 297 11.51 -35.77 9.81
C VAL A 297 10.90 -36.15 11.16
N ASP A 298 9.76 -35.53 11.54
CA ASP A 298 9.13 -35.75 12.85
C ASP A 298 8.42 -37.10 12.93
N ALA A 299 8.07 -37.55 14.15
CA ALA A 299 7.45 -38.85 14.32
C ALA A 299 6.04 -38.88 13.70
N THR A 300 5.32 -37.75 13.75
CA THR A 300 4.02 -37.63 13.11
C THR A 300 4.11 -37.91 11.60
N THR A 301 5.12 -37.34 10.92
CA THR A 301 5.32 -37.57 9.50
C THR A 301 5.63 -39.04 9.24
N ARG A 302 6.47 -39.67 10.05
CA ARG A 302 6.76 -41.09 9.87
C ARG A 302 5.49 -41.93 10.05
N PHE A 303 4.66 -41.62 11.07
CA PHE A 303 3.40 -42.30 11.28
C PHE A 303 2.49 -42.18 10.05
N ILE A 304 2.33 -40.97 9.49
CA ILE A 304 1.50 -40.73 8.32
C ILE A 304 2.06 -41.41 7.06
N LEU A 305 3.36 -41.29 6.78
CA LEU A 305 3.92 -41.80 5.53
C LEU A 305 4.09 -43.32 5.55
N ASP A 306 4.41 -43.93 6.70
CA ASP A 306 4.71 -45.36 6.78
C ASP A 306 3.45 -46.24 6.87
N ASN A 307 2.26 -45.61 6.92
CA ASN A 307 0.97 -46.29 6.93
C ASN A 307 0.12 -45.80 5.77
N PRO A 308 0.17 -46.49 4.60
CA PRO A 308 -0.49 -46.01 3.38
C PRO A 308 -1.95 -45.62 3.61
N GLY A 309 -2.30 -44.41 3.17
CA GLY A 309 -3.67 -43.94 3.25
C GLY A 309 -3.96 -43.09 4.49
N PHE A 310 -3.14 -43.15 5.56
CA PHE A 310 -3.42 -42.38 6.77
C PHE A 310 -3.37 -40.87 6.48
N VAL A 311 -4.19 -40.11 7.23
CA VAL A 311 -4.34 -38.67 7.08
C VAL A 311 -4.29 -38.00 8.46
N THR A 312 -3.91 -36.73 8.48
CA THR A 312 -3.84 -35.94 9.70
C THR A 312 -5.18 -35.31 10.08
N PHE A 313 -6.17 -35.38 9.21
CA PHE A 313 -7.50 -34.81 9.45
C PHE A 313 -8.53 -35.68 8.74
N GLY A 314 -9.45 -36.32 9.47
CA GLY A 314 -10.38 -37.23 8.85
C GLY A 314 -10.86 -38.37 9.76
N TRP A 315 -11.73 -39.22 9.21
CA TRP A 315 -12.36 -40.32 9.91
C TRP A 315 -11.51 -41.59 9.94
N TYR A 316 -11.40 -42.18 11.14
CA TYR A 316 -10.68 -43.41 11.38
C TYR A 316 -11.61 -44.42 12.04
N ARG A 317 -11.23 -45.70 11.96
CA ARG A 317 -11.89 -46.80 12.63
C ARG A 317 -10.86 -47.60 13.45
N LEU A 318 -11.23 -48.00 14.68
CA LEU A 318 -10.46 -48.97 15.44
C LEU A 318 -10.76 -50.39 14.92
N LYS A 319 -9.72 -51.24 14.82
CA LYS A 319 -9.87 -52.60 14.31
C LYS A 319 -8.84 -53.57 14.92
N PRO A 320 -9.06 -54.91 14.83
CA PRO A 320 -8.05 -55.88 15.27
C PRO A 320 -6.74 -55.77 14.49
N GLY A 321 -5.62 -55.88 15.21
CA GLY A 321 -4.29 -55.85 14.64
C GLY A 321 -3.81 -57.22 14.15
N ARG A 322 -2.48 -57.37 13.99
CA ARG A 322 -1.85 -58.49 13.30
C ARG A 322 -2.14 -59.82 13.99
N ASN A 323 -1.92 -59.88 15.32
CA ASN A 323 -2.17 -61.10 16.10
C ASN A 323 -3.55 -61.04 16.78
N ASN A 324 -4.53 -60.40 16.12
CA ASN A 324 -5.89 -60.18 16.66
C ASN A 324 -5.86 -59.34 17.94
N THR A 325 -4.79 -58.56 18.15
CA THR A 325 -4.69 -57.63 19.27
C THR A 325 -5.68 -56.48 19.09
N LEU A 326 -6.21 -55.94 20.21
CA LEU A 326 -7.16 -54.84 20.18
C LEU A 326 -6.54 -53.60 20.82
N ALA A 327 -7.16 -52.43 20.55
CA ALA A 327 -6.93 -51.23 21.34
C ALA A 327 -7.38 -51.45 22.79
N GLN A 328 -6.59 -50.95 23.76
CA GLN A 328 -6.93 -51.02 25.16
C GLN A 328 -7.48 -49.66 25.62
N PRO A 329 -8.67 -49.58 26.25
CA PRO A 329 -9.13 -48.33 26.87
C PRO A 329 -8.33 -48.04 28.13
N ARG A 330 -7.83 -46.80 28.27
CA ARG A 330 -7.13 -46.39 29.48
C ARG A 330 -8.10 -46.30 30.66
N ALA A 331 -7.59 -46.52 31.88
CA ALA A 331 -8.34 -46.17 33.09
C ALA A 331 -8.32 -44.66 33.27
N PRO A 332 -9.38 -44.01 33.83
CA PRO A 332 -9.41 -42.56 34.03
C PRO A 332 -8.17 -41.95 34.67
N MET A 333 -7.58 -42.57 35.70
CA MET A 333 -6.40 -42.01 36.35
C MET A 333 -5.11 -42.17 35.52
N ALA A 334 -5.22 -42.77 34.33
CA ALA A 334 -4.13 -42.83 33.35
C ALA A 334 -4.38 -41.93 32.14
N PHE A 335 -5.45 -41.12 32.12
CA PHE A 335 -5.70 -40.21 31.01
C PHE A 335 -4.62 -39.14 30.94
N GLY A 336 -4.07 -38.91 29.74
CA GLY A 336 -3.11 -37.84 29.52
C GLY A 336 -3.75 -36.50 29.14
N THR A 337 -5.03 -36.54 28.77
CA THR A 337 -5.71 -35.37 28.21
C THR A 337 -7.08 -35.16 28.86
N SER A 338 -7.69 -34.03 28.52
CA SER A 338 -9.06 -33.72 28.90
C SER A 338 -10.06 -34.30 27.88
N SER A 339 -10.08 -35.64 27.81
CA SER A 339 -10.98 -36.40 26.96
C SER A 339 -12.01 -37.16 27.78
N ASP A 340 -13.06 -37.67 27.13
CA ASP A 340 -14.06 -38.52 27.77
C ASP A 340 -13.61 -39.98 27.82
N VAL A 341 -12.96 -40.45 26.74
CA VAL A 341 -12.35 -41.77 26.63
C VAL A 341 -10.98 -41.70 25.97
N GLU A 342 -10.04 -42.54 26.40
CA GLU A 342 -8.72 -42.62 25.80
C GLU A 342 -8.34 -44.08 25.52
N PHE A 343 -7.57 -44.32 24.45
CA PHE A 343 -7.15 -45.68 24.09
C PHE A 343 -5.64 -45.75 23.85
N ASN A 344 -5.06 -46.92 24.16
CA ASN A 344 -3.73 -47.32 23.70
C ASN A 344 -3.90 -48.26 22.50
N CYS A 345 -3.14 -48.05 21.43
CA CYS A 345 -3.18 -48.93 20.27
C CYS A 345 -1.83 -48.89 19.53
N THR A 346 -1.65 -49.78 18.53
CA THR A 346 -0.54 -49.67 17.58
C THR A 346 -1.12 -49.30 16.21
N ALA A 347 -0.29 -48.94 15.22
CA ALA A 347 -0.80 -48.43 13.96
C ALA A 347 -1.63 -49.47 13.20
N ASP A 348 -1.37 -50.76 13.39
CA ASP A 348 -2.18 -51.84 12.80
C ASP A 348 -3.57 -51.96 13.40
N ASN A 349 -3.86 -51.28 14.53
CA ASN A 349 -5.22 -51.20 15.06
C ASN A 349 -6.08 -50.13 14.37
N LEU A 350 -5.54 -49.41 13.38
CA LEU A 350 -6.24 -48.27 12.78
C LEU A 350 -6.46 -48.49 11.30
N ALA A 351 -7.59 -47.98 10.81
CA ALA A 351 -7.84 -47.85 9.38
C ALA A 351 -8.57 -46.54 9.09
N ILE A 352 -8.40 -46.01 7.88
CA ILE A 352 -9.22 -44.91 7.40
C ILE A 352 -10.63 -45.42 7.15
N GLU A 353 -11.61 -44.69 7.68
CA GLU A 353 -13.01 -44.99 7.42
C GLU A 353 -13.41 -44.33 6.11
N GLY A 354 -13.65 -45.15 5.08
CA GLY A 354 -14.15 -44.66 3.80
C GLY A 354 -15.61 -44.20 3.90
N GLY A 355 -15.97 -43.22 3.07
CA GLY A 355 -17.36 -42.81 2.98
C GLY A 355 -17.68 -41.69 3.96
N MET A 356 -17.46 -41.92 5.28
CA MET A 356 -17.67 -40.87 6.27
C MET A 356 -16.84 -39.65 5.85
N SER A 357 -17.48 -38.48 5.80
CA SER A 357 -16.80 -37.25 5.37
C SER A 357 -17.33 -36.03 6.13
N ASP A 358 -18.53 -36.13 6.71
CA ASP A 358 -19.13 -35.02 7.44
C ASP A 358 -18.30 -34.70 8.68
N LEU A 359 -18.07 -33.40 8.94
CA LEU A 359 -17.38 -32.96 10.15
C LEU A 359 -18.29 -33.22 11.34
N PRO A 360 -17.76 -33.72 12.48
CA PRO A 360 -18.56 -33.91 13.70
C PRO A 360 -18.77 -32.62 14.50
N ALA A 361 -19.44 -32.72 15.64
CA ALA A 361 -19.82 -31.56 16.43
C ALA A 361 -18.64 -30.96 17.20
N TYR A 362 -17.63 -30.48 16.49
CA TYR A 362 -16.54 -29.73 17.09
C TYR A 362 -17.08 -28.40 17.57
N LYS A 363 -16.38 -27.75 18.52
CA LYS A 363 -16.88 -26.49 19.06
C LYS A 363 -15.90 -25.38 18.66
N LEU A 364 -16.48 -24.21 18.31
CA LEU A 364 -15.71 -23.02 18.00
C LEU A 364 -15.91 -21.98 19.09
N MET A 365 -14.81 -21.47 19.65
CA MET A 365 -14.90 -20.31 20.51
C MET A 365 -14.47 -19.06 19.73
N CYS A 366 -15.34 -18.06 19.66
CA CYS A 366 -14.97 -16.77 19.10
C CYS A 366 -14.84 -15.80 20.27
N PHE A 367 -13.64 -15.23 20.50
CA PHE A 367 -13.44 -14.42 21.68
C PHE A 367 -12.77 -13.08 21.34
N ASP A 368 -12.98 -12.10 22.22
CA ASP A 368 -12.36 -10.79 22.09
C ASP A 368 -12.12 -10.19 23.48
N ILE A 369 -10.96 -9.59 23.71
CA ILE A 369 -10.69 -8.91 24.98
C ILE A 369 -10.85 -7.38 24.81
N GLU A 370 -11.22 -6.73 25.91
CA GLU A 370 -11.21 -5.28 26.03
C GLU A 370 -10.28 -4.90 27.19
N CYS A 371 -9.35 -3.96 26.92
CA CYS A 371 -8.34 -3.54 27.88
C CYS A 371 -8.50 -2.07 28.22
N LYS A 372 -8.09 -1.69 29.43
CA LYS A 372 -8.10 -0.31 29.87
C LYS A 372 -6.72 0.06 30.41
N ALA A 373 -6.08 1.10 29.85
CA ALA A 373 -4.84 1.61 30.40
C ALA A 373 -5.11 2.27 31.76
N GLY A 374 -4.21 2.04 32.74
CA GLY A 374 -4.40 2.52 34.10
C GLY A 374 -3.33 3.52 34.56
N GLY A 375 -2.40 3.92 33.67
CA GLY A 375 -1.30 4.81 34.02
C GLY A 375 -1.69 6.29 34.06
N GLU A 376 -0.69 7.18 33.94
CA GLU A 376 -0.89 8.63 34.07
C GLU A 376 -1.62 9.23 32.87
N ASP A 377 -1.75 8.47 31.77
CA ASP A 377 -2.61 8.83 30.65
C ASP A 377 -3.42 7.61 30.19
N GLU A 378 -4.74 7.62 30.47
CA GLU A 378 -5.62 6.52 30.07
C GLU A 378 -5.83 6.47 28.55
N LEU A 379 -5.34 7.46 27.79
CA LEU A 379 -5.41 7.45 26.33
C LEU A 379 -4.16 6.80 25.70
N ALA A 380 -3.19 6.36 26.51
CA ALA A 380 -2.06 5.55 26.04
C ALA A 380 -2.51 4.11 25.75
N PHE A 381 -1.88 3.45 24.76
CA PHE A 381 -2.21 2.07 24.40
C PHE A 381 -1.74 1.11 25.51
N PRO A 382 -2.58 0.16 25.96
CA PRO A 382 -2.23 -0.67 27.12
C PRO A 382 -1.12 -1.67 26.87
N VAL A 383 -0.24 -1.84 27.87
CA VAL A 383 0.88 -2.77 27.82
C VAL A 383 0.70 -3.83 28.90
N ALA A 384 0.75 -5.12 28.53
CA ALA A 384 0.42 -6.21 29.46
C ALA A 384 1.35 -6.25 30.67
N GLY A 385 2.63 -5.90 30.48
CA GLY A 385 3.63 -5.94 31.54
C GLY A 385 3.44 -4.88 32.63
N HIS A 386 2.60 -3.85 32.40
CA HIS A 386 2.22 -2.89 33.42
C HIS A 386 1.08 -3.45 34.27
N PRO A 387 1.22 -3.63 35.60
CA PRO A 387 0.15 -4.15 36.44
C PRO A 387 -1.16 -3.38 36.34
N GLU A 388 -1.11 -2.06 36.13
CA GLU A 388 -2.29 -1.20 36.14
C GLU A 388 -3.06 -1.21 34.81
N ASP A 389 -2.46 -1.71 33.72
CA ASP A 389 -3.15 -1.82 32.44
C ASP A 389 -3.92 -3.14 32.37
N LEU A 390 -5.21 -3.13 32.73
CA LEU A 390 -6.00 -4.34 32.95
C LEU A 390 -6.78 -4.79 31.73
N VAL A 391 -6.96 -6.11 31.60
CA VAL A 391 -8.09 -6.67 30.87
C VAL A 391 -9.34 -6.38 31.70
N ILE A 392 -10.38 -5.79 31.09
CA ILE A 392 -11.60 -5.41 31.83
C ILE A 392 -12.79 -6.24 31.38
N GLN A 393 -12.82 -6.75 30.14
CA GLN A 393 -13.90 -7.58 29.67
C GLN A 393 -13.41 -8.60 28.63
N ILE A 394 -14.05 -9.76 28.58
CA ILE A 394 -13.80 -10.77 27.57
C ILE A 394 -15.15 -11.25 27.04
N SER A 395 -15.44 -11.05 25.76
CA SER A 395 -16.60 -11.66 25.13
C SER A 395 -16.18 -13.02 24.60
N CYS A 396 -17.08 -13.99 24.72
CA CYS A 396 -16.77 -15.38 24.41
C CYS A 396 -18.02 -16.06 23.85
N LEU A 397 -18.03 -16.29 22.54
CA LEU A 397 -19.17 -16.91 21.86
C LEU A 397 -18.84 -18.35 21.50
N LEU A 398 -19.73 -19.28 21.83
CA LEU A 398 -19.49 -20.69 21.59
C LEU A 398 -20.45 -21.19 20.54
N TYR A 399 -19.91 -21.70 19.42
CA TYR A 399 -20.70 -22.22 18.33
C TYR A 399 -20.46 -23.71 18.13
N ASP A 400 -21.47 -24.41 17.61
CA ASP A 400 -21.25 -25.72 17.02
C ASP A 400 -20.70 -25.55 15.62
N LEU A 401 -19.54 -26.14 15.35
CA LEU A 401 -18.84 -25.97 14.07
C LEU A 401 -19.51 -26.78 12.95
N SER A 402 -20.32 -27.80 13.29
CA SER A 402 -20.97 -28.66 12.30
C SER A 402 -22.32 -28.08 11.86
N THR A 403 -23.13 -27.54 12.80
CA THR A 403 -24.41 -26.94 12.46
C THR A 403 -24.33 -25.42 12.25
N THR A 404 -23.19 -24.80 12.61
CA THR A 404 -22.92 -23.36 12.61
C THR A 404 -23.73 -22.56 13.64
N ALA A 405 -24.51 -23.22 14.49
CA ALA A 405 -25.37 -22.55 15.45
C ALA A 405 -24.59 -21.94 16.63
N LEU A 406 -24.95 -20.71 17.02
CA LEU A 406 -24.48 -20.08 18.24
C LEU A 406 -25.20 -20.72 19.43
N GLU A 407 -24.43 -21.29 20.37
CA GLU A 407 -24.99 -22.04 21.48
C GLU A 407 -24.92 -21.24 22.79
N HIS A 408 -23.84 -20.47 23.00
CA HIS A 408 -23.66 -19.69 24.22
C HIS A 408 -23.06 -18.33 23.91
N VAL A 409 -23.48 -17.32 24.69
CA VAL A 409 -22.89 -15.99 24.66
C VAL A 409 -22.44 -15.68 26.09
N LEU A 410 -21.13 -15.65 26.33
CA LEU A 410 -20.58 -15.36 27.65
C LEU A 410 -19.87 -14.01 27.61
N LEU A 411 -20.13 -13.19 28.63
CA LEU A 411 -19.36 -11.97 28.83
C LEU A 411 -18.70 -12.02 30.20
N PHE A 412 -17.36 -12.01 30.23
CA PHE A 412 -16.61 -11.90 31.47
C PHE A 412 -16.36 -10.42 31.72
N SER A 413 -16.64 -9.95 32.94
CA SER A 413 -16.56 -8.52 33.26
C SER A 413 -15.85 -8.29 34.60
N LEU A 414 -14.79 -7.47 34.59
CA LEU A 414 -14.21 -6.96 35.82
C LEU A 414 -15.08 -5.79 36.32
N GLY A 415 -15.77 -6.00 37.44
CA GLY A 415 -16.77 -5.09 37.95
C GLY A 415 -18.17 -5.42 37.44
N SER A 416 -19.19 -4.92 38.14
CA SER A 416 -20.58 -5.16 37.78
C SER A 416 -20.94 -4.56 36.42
N CYS A 417 -21.90 -5.18 35.72
CA CYS A 417 -22.14 -4.92 34.31
C CYS A 417 -23.58 -5.27 33.95
N ASP A 418 -24.40 -4.26 33.64
CA ASP A 418 -25.80 -4.45 33.25
C ASP A 418 -25.98 -4.20 31.75
N LEU A 419 -26.12 -5.27 30.95
CA LEU A 419 -26.32 -5.12 29.51
C LEU A 419 -27.59 -4.32 29.23
N PRO A 420 -27.59 -3.40 28.23
CA PRO A 420 -28.79 -2.65 27.85
C PRO A 420 -29.96 -3.53 27.42
N GLU A 421 -31.17 -3.17 27.84
CA GLU A 421 -32.37 -3.89 27.43
C GLU A 421 -32.51 -3.92 25.91
N SER A 422 -32.12 -2.82 25.25
CA SER A 422 -32.05 -2.71 23.80
C SER A 422 -31.25 -3.85 23.15
N HIS A 423 -30.06 -4.14 23.70
CA HIS A 423 -29.18 -5.17 23.19
C HIS A 423 -29.76 -6.57 23.44
N LEU A 424 -30.32 -6.79 24.63
CA LEU A 424 -30.94 -8.07 24.98
C LEU A 424 -32.13 -8.36 24.07
N ASN A 425 -32.97 -7.35 23.79
CA ASN A 425 -34.09 -7.45 22.88
C ASN A 425 -33.64 -7.75 21.44
N GLU A 426 -32.57 -7.09 20.97
CA GLU A 426 -32.04 -7.34 19.64
C GLU A 426 -31.59 -8.80 19.46
N LEU A 427 -30.83 -9.34 20.44
CA LEU A 427 -30.38 -10.72 20.39
C LEU A 427 -31.55 -11.70 20.42
N ALA A 428 -32.57 -11.43 21.26
CA ALA A 428 -33.77 -12.25 21.36
C ALA A 428 -34.55 -12.25 20.04
N ALA A 429 -34.68 -11.07 19.38
CA ALA A 429 -35.35 -10.94 18.10
C ALA A 429 -34.61 -11.70 16.98
N ARG A 430 -33.26 -11.76 17.07
CA ARG A 430 -32.43 -12.52 16.14
C ARG A 430 -32.40 -14.02 16.45
N GLY A 431 -33.03 -14.46 17.55
CA GLY A 431 -33.10 -15.87 17.91
C GLY A 431 -31.79 -16.41 18.47
N LEU A 432 -30.95 -15.55 19.05
CA LEU A 432 -29.65 -15.94 19.62
C LEU A 432 -29.76 -16.19 21.13
N PRO A 433 -28.81 -16.92 21.76
CA PRO A 433 -28.88 -17.21 23.19
C PRO A 433 -28.78 -15.94 24.03
N THR A 434 -29.48 -15.95 25.18
CA THR A 434 -29.41 -14.82 26.11
C THR A 434 -28.00 -14.76 26.71
N PRO A 435 -27.30 -13.62 26.65
CA PRO A 435 -25.99 -13.47 27.28
C PRO A 435 -25.98 -13.84 28.75
N VAL A 436 -24.91 -14.50 29.16
CA VAL A 436 -24.60 -14.73 30.57
C VAL A 436 -23.46 -13.80 30.93
N VAL A 437 -23.68 -12.93 31.91
CA VAL A 437 -22.67 -12.00 32.35
C VAL A 437 -22.06 -12.57 33.62
N LEU A 438 -20.73 -12.73 33.58
CA LEU A 438 -19.95 -13.23 34.69
C LEU A 438 -19.19 -12.04 35.24
N GLU A 439 -19.42 -11.73 36.52
CA GLU A 439 -18.81 -10.58 37.16
C GLU A 439 -17.70 -11.03 38.13
N PHE A 440 -16.60 -10.27 38.14
CA PHE A 440 -15.44 -10.55 38.96
C PHE A 440 -15.00 -9.30 39.71
N ASP A 441 -14.43 -9.51 40.91
CA ASP A 441 -13.89 -8.43 41.73
C ASP A 441 -12.49 -8.01 41.30
N SER A 442 -11.77 -8.84 40.53
CA SER A 442 -10.37 -8.58 40.17
C SER A 442 -10.00 -9.21 38.82
N GLU A 443 -8.90 -8.72 38.22
CA GLU A 443 -8.45 -9.22 36.93
C GLU A 443 -8.05 -10.72 37.01
N PHE A 444 -7.35 -11.14 38.04
CA PHE A 444 -6.94 -12.52 38.18
C PHE A 444 -8.13 -13.49 38.20
N GLU A 445 -9.17 -13.19 38.96
CA GLU A 445 -10.32 -14.07 39.04
C GLU A 445 -11.00 -14.22 37.69
N MET A 446 -11.09 -13.11 36.92
CA MET A 446 -11.62 -13.13 35.58
C MET A 446 -10.75 -13.95 34.61
N LEU A 447 -9.42 -13.73 34.61
CA LEU A 447 -8.53 -14.44 33.72
C LEU A 447 -8.50 -15.94 34.06
N LEU A 448 -8.49 -16.26 35.36
CA LEU A 448 -8.54 -17.65 35.78
C LEU A 448 -9.84 -18.31 35.31
N ALA A 449 -10.98 -17.63 35.45
CA ALA A 449 -12.25 -18.16 34.99
C ALA A 449 -12.28 -18.38 33.48
N PHE A 450 -11.74 -17.46 32.70
CA PHE A 450 -11.65 -17.64 31.26
C PHE A 450 -10.79 -18.87 30.93
N MET A 451 -9.60 -19.01 31.53
CA MET A 451 -8.74 -20.15 31.26
C MET A 451 -9.37 -21.47 31.74
N THR A 452 -10.15 -21.40 32.83
CA THR A 452 -10.91 -22.53 33.34
C THR A 452 -11.98 -22.95 32.34
N LEU A 453 -12.71 -22.00 31.74
CA LEU A 453 -13.62 -22.28 30.65
C LEU A 453 -12.87 -22.92 29.47
N VAL A 454 -11.74 -22.35 29.05
CA VAL A 454 -10.98 -22.91 27.94
C VAL A 454 -10.58 -24.36 28.24
N LYS A 455 -10.14 -24.70 29.47
CA LYS A 455 -9.79 -26.08 29.79
C LYS A 455 -11.02 -26.99 29.86
N GLN A 456 -12.11 -26.56 30.53
CA GLN A 456 -13.26 -27.40 30.80
C GLN A 456 -14.14 -27.58 29.56
N TYR A 457 -14.36 -26.55 28.75
CA TYR A 457 -15.14 -26.66 27.53
C TYR A 457 -14.29 -27.19 26.38
N GLY A 458 -12.99 -26.84 26.38
CA GLY A 458 -12.02 -27.40 25.46
C GLY A 458 -12.42 -27.18 24.02
N PRO A 459 -12.65 -25.93 23.53
CA PRO A 459 -13.02 -25.72 22.13
C PRO A 459 -11.88 -26.18 21.23
N GLU A 460 -12.21 -27.00 20.24
CA GLU A 460 -11.23 -27.52 19.30
C GLU A 460 -10.73 -26.44 18.37
N PHE A 461 -11.57 -25.47 18.04
CA PHE A 461 -11.22 -24.38 17.14
C PHE A 461 -11.47 -23.04 17.87
N VAL A 462 -10.57 -22.09 17.68
CA VAL A 462 -10.68 -20.79 18.33
C VAL A 462 -10.45 -19.70 17.30
N THR A 463 -11.32 -18.68 17.33
CA THR A 463 -11.24 -17.59 16.37
C THR A 463 -11.49 -16.25 17.07
N GLY A 464 -11.27 -15.19 16.29
CA GLY A 464 -11.37 -13.82 16.75
C GLY A 464 -10.72 -12.93 15.69
N TYR A 465 -10.64 -11.63 15.96
CA TYR A 465 -9.99 -10.69 15.04
C TYR A 465 -8.78 -10.10 15.74
N ASN A 466 -7.59 -10.28 15.14
CA ASN A 466 -6.29 -9.98 15.72
C ASN A 466 -5.98 -10.79 16.99
N ILE A 467 -6.59 -11.96 17.19
CA ILE A 467 -6.31 -12.77 18.38
C ILE A 467 -4.86 -13.24 18.48
N ILE A 468 -4.14 -13.50 17.37
CA ILE A 468 -2.75 -13.96 17.48
C ILE A 468 -1.84 -12.77 17.79
N ASN A 469 -2.16 -11.60 17.23
CA ASN A 469 -1.29 -10.43 17.29
C ASN A 469 -1.54 -9.61 18.56
N PHE A 470 -2.75 -9.63 19.14
CA PHE A 470 -3.05 -8.83 20.31
C PHE A 470 -3.65 -9.67 21.45
N ASP A 471 -4.81 -10.31 21.27
CA ASP A 471 -5.62 -10.81 22.38
C ASP A 471 -4.91 -11.94 23.17
N TRP A 472 -4.46 -13.01 22.50
CA TRP A 472 -3.71 -14.04 23.20
C TRP A 472 -2.42 -13.49 23.81
N PRO A 473 -1.51 -12.79 23.06
CA PRO A 473 -0.31 -12.22 23.68
C PRO A 473 -0.60 -11.42 24.95
N PHE A 474 -1.63 -10.59 24.97
CA PHE A 474 -1.96 -9.78 26.14
C PHE A 474 -2.41 -10.68 27.30
N LEU A 475 -3.37 -11.58 27.09
CA LEU A 475 -3.83 -12.53 28.12
C LEU A 475 -2.71 -13.36 28.71
N LEU A 476 -1.88 -13.96 27.86
CA LEU A 476 -0.84 -14.88 28.32
C LEU A 476 0.31 -14.14 28.99
N ALA A 477 0.61 -12.91 28.58
CA ALA A 477 1.54 -12.05 29.28
C ALA A 477 1.03 -11.75 30.69
N LYS A 478 -0.26 -11.42 30.86
CA LYS A 478 -0.83 -11.24 32.19
C LYS A 478 -0.66 -12.50 33.04
N LEU A 479 -1.13 -13.64 32.54
CA LEU A 479 -1.07 -14.91 33.27
C LEU A 479 0.35 -15.33 33.62
N THR A 480 1.31 -15.15 32.71
CA THR A 480 2.70 -15.54 32.94
C THR A 480 3.44 -14.50 33.81
N ASP A 481 3.46 -13.22 33.41
CA ASP A 481 4.34 -12.21 34.00
C ASP A 481 3.78 -11.66 35.31
N ILE A 482 2.47 -11.32 35.34
CA ILE A 482 1.84 -10.69 36.49
C ILE A 482 1.45 -11.76 37.52
N TYR A 483 0.83 -12.87 37.07
CA TYR A 483 0.18 -13.81 37.99
C TYR A 483 0.92 -15.15 38.15
N LYS A 484 1.99 -15.40 37.38
CA LYS A 484 2.85 -16.57 37.52
C LYS A 484 2.12 -17.92 37.33
N VAL A 485 1.07 -17.96 36.51
CA VAL A 485 0.29 -19.18 36.26
C VAL A 485 1.00 -20.03 35.19
N PRO A 486 1.24 -21.34 35.42
CA PRO A 486 1.74 -22.23 34.37
C PRO A 486 0.66 -22.59 33.34
N LEU A 487 1.00 -22.46 32.06
CA LEU A 487 0.05 -22.62 30.97
C LEU A 487 0.06 -24.03 30.36
N ASP A 488 1.04 -24.89 30.69
CA ASP A 488 1.29 -26.14 29.99
C ASP A 488 0.17 -27.18 30.19
N GLY A 489 -0.70 -26.99 31.16
CA GLY A 489 -1.82 -27.88 31.38
C GLY A 489 -3.15 -27.38 30.83
N TYR A 490 -3.19 -26.20 30.12
CA TYR A 490 -4.43 -25.58 29.73
C TYR A 490 -4.87 -25.93 28.31
N GLY A 491 -4.03 -26.56 27.51
CA GLY A 491 -4.47 -27.15 26.25
C GLY A 491 -5.18 -28.49 26.50
N ARG A 492 -5.12 -29.38 25.51
CA ARG A 492 -5.79 -30.67 25.61
C ARG A 492 -5.08 -31.59 26.62
N MET A 493 -3.74 -31.61 26.63
CA MET A 493 -2.96 -32.34 27.63
C MET A 493 -3.14 -31.78 29.04
N ASN A 494 -3.06 -32.64 30.07
CA ASN A 494 -3.28 -32.23 31.45
C ASN A 494 -2.05 -31.61 32.11
N GLY A 495 -0.87 -31.78 31.49
CA GLY A 495 0.35 -31.07 31.87
C GLY A 495 1.41 -31.29 30.81
N ARG A 496 2.48 -30.47 30.81
CA ARG A 496 3.64 -30.63 29.94
C ARG A 496 3.30 -30.50 28.44
N GLY A 497 2.18 -29.85 28.10
CA GLY A 497 1.83 -29.57 26.71
C GLY A 497 2.32 -28.19 26.26
N VAL A 498 2.35 -27.96 24.94
CA VAL A 498 2.75 -26.67 24.38
C VAL A 498 1.59 -25.68 24.47
N PHE A 499 1.84 -24.51 25.08
CA PHE A 499 0.90 -23.41 25.08
C PHE A 499 1.75 -22.15 24.92
N ARG A 500 2.10 -21.78 23.69
CA ARG A 500 3.12 -20.75 23.50
C ARG A 500 2.81 -19.72 22.41
N VAL A 501 3.13 -18.45 22.70
CA VAL A 501 3.09 -17.32 21.75
C VAL A 501 4.52 -16.87 21.47
N TRP A 502 4.83 -16.49 20.22
CA TRP A 502 6.07 -15.80 19.90
C TRP A 502 5.90 -14.83 18.73
N ASP A 503 6.76 -13.81 18.68
CA ASP A 503 6.69 -12.75 17.68
C ASP A 503 7.56 -13.08 16.46
N ILE A 504 7.12 -12.56 15.30
CA ILE A 504 7.74 -12.81 14.01
C ILE A 504 8.88 -11.79 13.80
N ARG A 512 3.90 -8.51 14.94
CA ARG A 512 3.11 -9.66 14.42
C ARG A 512 3.61 -10.96 15.09
N SER A 513 2.72 -11.98 15.19
CA SER A 513 2.96 -13.12 16.07
C SER A 513 2.42 -14.46 15.53
N LYS A 514 2.85 -15.56 16.17
CA LYS A 514 2.33 -16.91 15.98
C LYS A 514 1.96 -17.54 17.34
N ILE A 515 1.08 -18.55 17.33
CA ILE A 515 0.69 -19.28 18.55
C ILE A 515 0.62 -20.78 18.27
N LYS A 516 1.07 -21.60 19.25
CA LYS A 516 0.77 -23.03 19.27
C LYS A 516 0.14 -23.37 20.63
N VAL A 517 -1.07 -23.93 20.61
CA VAL A 517 -1.70 -24.49 21.80
C VAL A 517 -2.09 -25.93 21.50
N ASN A 518 -1.56 -26.89 22.25
CA ASN A 518 -1.78 -28.31 21.97
C ASN A 518 -3.29 -28.64 21.95
N GLY A 519 -3.77 -29.23 20.85
CA GLY A 519 -5.15 -29.62 20.71
C GLY A 519 -6.14 -28.46 20.45
N MET A 520 -5.65 -27.26 20.14
CA MET A 520 -6.51 -26.12 19.85
C MET A 520 -6.08 -25.48 18.53
N VAL A 521 -6.99 -25.41 17.56
CA VAL A 521 -6.70 -24.80 16.27
C VAL A 521 -7.08 -23.32 16.33
N ASN A 522 -6.08 -22.44 16.38
CA ASN A 522 -6.29 -20.99 16.37
C ASN A 522 -6.33 -20.45 14.95
N ILE A 523 -7.45 -19.85 14.54
CA ILE A 523 -7.62 -19.24 13.22
C ILE A 523 -8.06 -17.78 13.41
N ASP A 524 -7.13 -16.85 13.24
CA ASP A 524 -7.43 -15.42 13.31
C ASP A 524 -8.01 -14.93 11.99
N MET A 525 -9.19 -14.29 12.05
CA MET A 525 -9.87 -13.84 10.84
C MET A 525 -9.16 -12.67 10.13
N TYR A 526 -8.27 -11.92 10.80
CA TYR A 526 -7.52 -10.86 10.15
C TYR A 526 -6.62 -11.43 9.03
N GLY A 527 -5.94 -12.54 9.31
CA GLY A 527 -5.14 -13.23 8.31
C GLY A 527 -5.97 -13.77 7.15
N ILE A 528 -7.14 -14.35 7.43
CA ILE A 528 -8.03 -14.89 6.42
C ILE A 528 -8.49 -13.78 5.46
N ILE A 529 -8.86 -12.62 6.01
CA ILE A 529 -9.50 -11.58 5.22
C ILE A 529 -8.48 -10.74 4.45
N THR A 530 -7.31 -10.43 5.03
CA THR A 530 -6.26 -9.75 4.29
C THR A 530 -5.78 -10.57 3.10
N ASP A 531 -5.84 -11.91 3.18
CA ASP A 531 -5.48 -12.79 2.07
C ASP A 531 -6.57 -12.87 0.99
N LYS A 532 -7.85 -12.83 1.37
CA LYS A 532 -8.95 -13.05 0.43
C LYS A 532 -9.47 -11.77 -0.24
N ILE A 533 -9.59 -10.67 0.52
CA ILE A 533 -10.28 -9.46 0.06
C ILE A 533 -9.28 -8.29 0.04
N LYS A 534 -9.28 -7.51 -1.04
CA LYS A 534 -8.45 -6.31 -1.14
C LYS A 534 -9.27 -5.09 -0.74
N LEU A 535 -8.83 -4.40 0.34
CA LEU A 535 -9.54 -3.29 0.96
C LEU A 535 -8.57 -2.15 1.30
N SER A 536 -9.13 -0.94 1.41
CA SER A 536 -8.40 0.24 1.85
C SER A 536 -7.97 0.11 3.32
N SER A 537 -8.91 -0.40 4.15
CA SER A 537 -8.74 -0.55 5.58
C SER A 537 -9.20 -1.93 6.04
N TYR A 538 -8.45 -2.56 6.96
CA TYR A 538 -8.84 -3.86 7.53
C TYR A 538 -9.27 -3.76 8.99
N LYS A 539 -9.68 -2.57 9.46
CA LYS A 539 -10.39 -2.46 10.72
C LYS A 539 -11.69 -3.26 10.62
N LEU A 540 -12.15 -3.84 11.73
CA LEU A 540 -13.33 -4.69 11.71
C LEU A 540 -14.57 -3.93 11.24
N ASN A 541 -14.65 -2.61 11.53
CA ASN A 541 -15.70 -1.73 11.02
C ASN A 541 -15.78 -1.75 9.48
N ALA A 542 -14.63 -1.49 8.84
CA ALA A 542 -14.51 -1.43 7.39
C ALA A 542 -14.82 -2.78 6.75
N VAL A 543 -14.35 -3.88 7.36
CA VAL A 543 -14.62 -5.23 6.89
C VAL A 543 -16.10 -5.57 7.03
N ALA A 544 -16.76 -5.18 8.12
CA ALA A 544 -18.18 -5.42 8.29
C ALA A 544 -19.01 -4.69 7.22
N GLU A 545 -18.69 -3.43 6.90
CA GLU A 545 -19.33 -2.71 5.80
C GLU A 545 -19.04 -3.35 4.44
N ALA A 546 -17.79 -3.72 4.16
CA ALA A 546 -17.37 -4.21 2.85
C ALA A 546 -17.91 -5.63 2.56
N VAL A 547 -17.78 -6.55 3.53
CA VAL A 547 -18.04 -7.97 3.34
C VAL A 547 -19.49 -8.32 3.73
N LEU A 548 -19.92 -7.92 4.94
CA LEU A 548 -21.22 -8.33 5.48
C LEU A 548 -22.32 -7.31 5.16
N LYS A 549 -21.95 -6.08 4.80
CA LYS A 549 -22.83 -4.95 4.51
C LYS A 549 -23.66 -4.55 5.74
N ASP A 550 -22.99 -4.52 6.91
CA ASP A 550 -23.59 -4.11 8.17
C ASP A 550 -22.94 -2.83 8.70
N LYS A 551 -23.77 -1.81 9.03
CA LYS A 551 -23.31 -0.50 9.47
C LYS A 551 -23.25 -0.44 11.01
N LYS A 552 -22.25 -1.16 11.58
CA LYS A 552 -22.10 -1.34 13.03
C LYS A 552 -21.56 -0.10 13.76
N LYS A 553 -21.92 0.03 15.06
CA LYS A 553 -21.42 1.07 15.97
C LYS A 553 -20.03 0.74 16.55
N ASP A 554 -19.37 1.71 17.22
CA ASP A 554 -17.99 1.60 17.66
C ASP A 554 -17.72 2.35 18.99
N LEU A 555 -16.76 1.85 19.77
CA LEU A 555 -16.37 2.54 21.00
C LEU A 555 -14.86 2.71 20.97
N SER A 556 -14.38 3.92 20.67
CA SER A 556 -12.96 4.18 20.62
C SER A 556 -12.36 3.95 22.00
N TYR A 557 -11.13 3.42 22.06
CA TYR A 557 -10.42 3.27 23.31
C TYR A 557 -10.52 4.56 24.13
N ARG A 558 -10.70 5.70 23.46
CA ARG A 558 -10.78 7.00 24.11
C ARG A 558 -12.00 7.10 25.01
N ASP A 559 -13.13 6.53 24.57
CA ASP A 559 -14.37 6.62 25.34
C ASP A 559 -14.41 5.55 26.42
N ILE A 560 -13.63 4.48 26.26
CA ILE A 560 -13.67 3.35 27.17
C ILE A 560 -13.45 3.80 28.62
N PRO A 561 -12.36 4.51 28.97
CA PRO A 561 -12.14 4.86 30.38
C PRO A 561 -13.22 5.74 31.00
N ALA A 562 -13.93 6.56 30.20
CA ALA A 562 -15.06 7.34 30.70
C ALA A 562 -16.28 6.46 30.97
N TYR A 563 -16.61 5.54 30.05
CA TYR A 563 -17.71 4.59 30.22
C TYR A 563 -17.45 3.66 31.41
N TYR A 564 -16.21 3.21 31.61
CA TYR A 564 -15.89 2.25 32.66
C TYR A 564 -16.16 2.83 34.04
N ALA A 565 -15.76 4.09 34.26
CA ALA A 565 -15.87 4.77 35.55
C ALA A 565 -17.31 5.18 35.90
N ALA A 566 -18.20 5.29 34.90
CA ALA A 566 -19.52 5.89 35.07
C ALA A 566 -20.49 5.00 35.84
N GLY A 567 -20.33 3.67 35.78
CA GLY A 567 -21.16 2.73 36.55
C GLY A 567 -21.47 1.44 35.79
N PRO A 568 -22.34 0.55 36.35
CA PRO A 568 -22.64 -0.75 35.76
C PRO A 568 -23.40 -0.70 34.44
N ALA A 569 -24.29 0.28 34.26
CA ALA A 569 -25.04 0.47 33.02
C ALA A 569 -24.11 0.85 31.86
N GLN A 570 -23.14 1.73 32.16
CA GLN A 570 -22.16 2.18 31.19
C GLN A 570 -21.13 1.09 30.89
N ARG A 571 -20.71 0.30 31.89
CA ARG A 571 -19.94 -0.93 31.64
C ARG A 571 -20.72 -1.94 30.80
N GLY A 572 -22.05 -1.95 30.93
CA GLY A 572 -22.96 -2.68 30.05
C GLY A 572 -22.88 -2.25 28.58
N VAL A 573 -22.74 -0.96 28.29
CA VAL A 573 -22.53 -0.46 26.93
C VAL A 573 -21.20 -0.96 26.37
N ILE A 574 -20.13 -1.03 27.18
CA ILE A 574 -18.88 -1.63 26.73
C ILE A 574 -19.11 -3.11 26.39
N GLY A 575 -19.90 -3.82 27.22
CA GLY A 575 -20.26 -5.21 27.01
C GLY A 575 -21.04 -5.46 25.73
N GLU A 576 -22.07 -4.65 25.45
CA GLU A 576 -22.80 -4.65 24.18
C GLU A 576 -21.83 -4.57 22.99
N TYR A 577 -20.92 -3.60 23.01
N TYR A 577 -20.88 -3.63 23.04
CA TYR A 577 -19.95 -3.39 21.95
CA TYR A 577 -19.91 -3.39 21.98
C TYR A 577 -19.01 -4.60 21.81
C TYR A 577 -18.97 -4.58 21.82
N CYS A 578 -18.53 -5.16 22.93
CA CYS A 578 -17.65 -6.33 22.90
C CYS A 578 -18.34 -7.58 22.31
N ILE A 579 -19.60 -7.82 22.69
CA ILE A 579 -20.41 -8.92 22.16
C ILE A 579 -20.67 -8.74 20.66
N GLN A 580 -21.07 -7.53 20.23
N GLN A 580 -21.00 -7.52 20.24
CA GLN A 580 -21.36 -7.24 18.83
CA GLN A 580 -21.33 -7.26 18.85
C GLN A 580 -20.13 -7.43 17.96
C GLN A 580 -20.10 -7.45 17.96
N ASP A 581 -18.94 -7.02 18.45
CA ASP A 581 -17.68 -7.29 17.78
C ASP A 581 -17.52 -8.80 17.53
N SER A 582 -17.76 -9.64 18.54
CA SER A 582 -17.58 -11.08 18.43
C SER A 582 -18.61 -11.73 17.50
N LEU A 583 -19.84 -11.22 17.49
CA LEU A 583 -20.89 -11.68 16.56
C LEU A 583 -20.53 -11.41 15.10
N LEU A 584 -19.94 -10.25 14.80
CA LEU A 584 -19.49 -9.95 13.44
C LEU A 584 -18.38 -10.89 13.01
N VAL A 585 -17.41 -11.17 13.90
CA VAL A 585 -16.33 -12.08 13.58
C VAL A 585 -16.83 -13.50 13.36
N GLY A 586 -17.84 -13.95 14.11
CA GLY A 586 -18.50 -15.21 13.84
C GLY A 586 -19.12 -15.27 12.45
N GLN A 587 -19.80 -14.20 12.02
CA GLN A 587 -20.39 -14.12 10.69
C GLN A 587 -19.31 -14.18 9.60
N LEU A 588 -18.16 -13.53 9.80
CA LEU A 588 -17.03 -13.63 8.87
C LEU A 588 -16.52 -15.07 8.77
N PHE A 589 -16.35 -15.75 9.91
CA PHE A 589 -15.89 -17.12 9.97
C PHE A 589 -16.82 -18.04 9.18
N PHE A 590 -18.13 -17.98 9.41
CA PHE A 590 -19.07 -18.87 8.73
C PHE A 590 -19.35 -18.46 7.27
N LYS A 591 -18.92 -17.28 6.83
CA LYS A 591 -18.93 -16.93 5.42
C LYS A 591 -17.74 -17.56 4.69
N PHE A 592 -16.52 -17.40 5.23
CA PHE A 592 -15.32 -17.86 4.54
C PHE A 592 -14.98 -19.33 4.80
N LEU A 593 -15.49 -19.91 5.91
CA LEU A 593 -15.25 -21.29 6.33
C LEU A 593 -13.76 -21.66 6.27
N PRO A 594 -12.86 -20.94 7.00
CA PRO A 594 -11.43 -21.10 6.84
C PRO A 594 -10.89 -22.45 7.33
N HIS A 595 -11.59 -23.10 8.27
CA HIS A 595 -11.23 -24.43 8.71
C HIS A 595 -11.36 -25.47 7.58
N LEU A 596 -12.24 -25.24 6.61
CA LEU A 596 -12.44 -26.19 5.51
C LEU A 596 -11.31 -26.12 4.48
N GLU A 597 -10.78 -24.94 4.18
CA GLU A 597 -9.63 -24.84 3.29
C GLU A 597 -8.35 -25.28 3.99
N LEU A 598 -8.19 -24.95 5.27
CA LEU A 598 -7.02 -25.36 6.04
C LEU A 598 -6.99 -26.89 6.20
N SER A 599 -8.13 -27.53 6.47
CA SER A 599 -8.17 -28.98 6.60
C SER A 599 -7.99 -29.67 5.24
N ALA A 600 -8.46 -29.06 4.14
CA ALA A 600 -8.20 -29.60 2.81
C ALA A 600 -6.69 -29.59 2.49
N VAL A 601 -5.98 -28.53 2.84
CA VAL A 601 -4.53 -28.49 2.66
C VAL A 601 -3.83 -29.50 3.57
N ALA A 602 -4.26 -29.63 4.84
CA ALA A 602 -3.70 -30.59 5.78
C ALA A 602 -3.78 -32.02 5.25
N ARG A 603 -4.96 -32.43 4.72
CA ARG A 603 -5.16 -33.74 4.13
C ARG A 603 -4.28 -33.99 2.90
N LEU A 604 -4.13 -32.98 2.04
CA LEU A 604 -3.36 -33.11 0.81
C LEU A 604 -1.86 -33.20 1.12
N ALA A 605 -1.37 -32.33 2.01
CA ALA A 605 0.05 -32.18 2.29
C ALA A 605 0.61 -33.24 3.25
N GLY A 606 -0.25 -33.89 4.06
CA GLY A 606 0.19 -34.92 4.98
C GLY A 606 0.76 -34.40 6.30
N ILE A 607 0.39 -33.18 6.69
CA ILE A 607 0.84 -32.50 7.91
C ILE A 607 -0.37 -32.09 8.74
N ASN A 608 -0.18 -31.77 10.02
CA ASN A 608 -1.30 -31.44 10.90
C ASN A 608 -1.82 -30.03 10.57
N ILE A 609 -3.04 -29.70 10.96
CA ILE A 609 -3.69 -28.45 10.62
C ILE A 609 -3.01 -27.25 11.28
N THR A 610 -2.41 -27.46 12.45
CA THR A 610 -1.72 -26.38 13.15
C THR A 610 -0.45 -25.99 12.38
N ARG A 611 0.27 -26.98 11.82
CA ARG A 611 1.45 -26.71 11.03
C ARG A 611 1.06 -26.10 9.67
N THR A 612 -0.13 -26.46 9.16
CA THR A 612 -0.64 -25.92 7.92
C THR A 612 -0.83 -24.42 8.04
N ILE A 613 -1.20 -23.95 9.25
CA ILE A 613 -1.48 -22.54 9.47
C ILE A 613 -0.21 -21.75 9.79
N TYR A 614 0.69 -22.30 10.61
CA TYR A 614 1.80 -21.48 11.12
C TYR A 614 3.14 -21.80 10.48
N ASP A 615 3.34 -22.99 9.90
CA ASP A 615 4.59 -23.25 9.19
C ASP A 615 4.42 -22.73 7.76
N GLY A 616 5.51 -22.50 7.04
CA GLY A 616 5.36 -21.87 5.72
C GLY A 616 4.93 -22.85 4.63
N GLN A 617 5.10 -22.44 3.37
CA GLN A 617 4.74 -23.25 2.21
C GLN A 617 5.66 -24.46 2.03
N GLN A 618 6.91 -24.41 2.52
CA GLN A 618 7.91 -25.41 2.14
C GLN A 618 7.54 -26.80 2.66
N ILE A 619 7.06 -26.90 3.92
CA ILE A 619 6.83 -28.19 4.56
C ILE A 619 5.73 -28.99 3.84
N ARG A 620 4.80 -28.31 3.18
CA ARG A 620 3.74 -28.94 2.40
C ARG A 620 4.29 -29.70 1.19
N VAL A 621 5.16 -29.06 0.41
CA VAL A 621 5.82 -29.70 -0.73
C VAL A 621 6.83 -30.74 -0.22
N PHE A 622 7.59 -30.43 0.83
CA PHE A 622 8.59 -31.34 1.36
C PHE A 622 7.97 -32.70 1.74
N THR A 623 6.84 -32.70 2.44
CA THR A 623 6.22 -33.93 2.90
C THR A 623 5.67 -34.78 1.75
N CYS A 624 5.08 -34.14 0.72
CA CYS A 624 4.65 -34.84 -0.48
C CYS A 624 5.81 -35.44 -1.27
N LEU A 625 6.92 -34.69 -1.38
CA LEU A 625 8.12 -35.16 -2.04
C LEU A 625 8.72 -36.33 -1.27
N LEU A 626 8.72 -36.27 0.07
CA LEU A 626 9.24 -37.34 0.92
C LEU A 626 8.48 -38.66 0.71
N ARG A 627 7.15 -38.64 0.66
CA ARG A 627 6.35 -39.81 0.35
C ARG A 627 6.73 -40.46 -0.99
N LEU A 628 6.82 -39.64 -2.05
CA LEU A 628 7.16 -40.13 -3.37
C LEU A 628 8.63 -40.61 -3.48
N ALA A 629 9.58 -39.85 -2.92
CA ALA A 629 11.00 -40.19 -2.95
C ALA A 629 11.27 -41.55 -2.32
N ASP A 630 10.61 -41.84 -1.19
CA ASP A 630 10.75 -43.14 -0.53
C ASP A 630 10.28 -44.29 -1.41
N GLN A 631 9.13 -44.15 -2.10
CA GLN A 631 8.63 -45.16 -3.01
C GLN A 631 9.59 -45.42 -4.20
N LYS A 632 10.42 -44.43 -4.56
CA LYS A 632 11.36 -44.52 -5.68
C LYS A 632 12.78 -44.90 -5.25
N GLY A 633 13.02 -45.11 -3.95
CA GLY A 633 14.32 -45.52 -3.43
C GLY A 633 15.27 -44.38 -3.11
N PHE A 634 14.79 -43.13 -3.16
CA PHE A 634 15.64 -41.98 -2.87
C PHE A 634 15.58 -41.63 -1.38
N ILE A 635 16.64 -40.97 -0.88
CA ILE A 635 16.63 -40.30 0.42
C ILE A 635 17.01 -38.82 0.29
N LEU A 636 16.43 -38.00 1.17
CA LEU A 636 16.57 -36.56 1.16
C LEU A 636 17.62 -36.14 2.19
N PRO A 637 18.74 -35.49 1.80
CA PRO A 637 19.76 -35.05 2.76
C PRO A 637 19.31 -33.82 3.54
N ASP A 638 19.77 -33.73 4.79
CA ASP A 638 19.50 -32.59 5.65
C ASP A 638 20.34 -31.37 5.26
N THR A 639 19.77 -30.16 5.47
CA THR A 639 20.43 -28.88 5.16
C THR A 639 20.86 -28.21 6.45
N ARG A 700 14.79 -6.78 -22.61
CA ARG A 700 14.19 -5.43 -22.47
C ARG A 700 13.20 -5.13 -23.60
N VAL A 701 13.17 -5.96 -24.66
CA VAL A 701 12.26 -5.81 -25.79
C VAL A 701 10.79 -6.03 -25.39
N LEU A 702 10.57 -6.64 -24.21
CA LEU A 702 9.24 -6.87 -23.65
C LEU A 702 8.75 -5.72 -22.77
N ASP A 703 9.63 -4.75 -22.45
CA ASP A 703 9.27 -3.60 -21.63
C ASP A 703 8.24 -2.72 -22.35
N PRO A 704 7.24 -2.12 -21.64
CA PRO A 704 6.18 -1.37 -22.28
C PRO A 704 6.65 0.00 -22.77
N THR A 705 6.33 0.29 -24.04
CA THR A 705 6.37 1.69 -24.49
C THR A 705 5.06 2.34 -24.03
N SER A 706 5.14 3.07 -22.91
CA SER A 706 3.99 3.70 -22.28
C SER A 706 3.24 4.61 -23.26
N GLY A 707 1.90 4.56 -23.19
CA GLY A 707 1.04 5.26 -24.13
C GLY A 707 -0.38 4.70 -24.12
N PHE A 708 -1.24 5.31 -24.94
CA PHE A 708 -2.66 5.01 -24.95
C PHE A 708 -3.05 4.41 -26.31
N HIS A 709 -3.74 3.26 -26.26
CA HIS A 709 -4.16 2.54 -27.46
C HIS A 709 -5.69 2.50 -27.56
N VAL A 710 -6.22 2.88 -28.73
CA VAL A 710 -7.66 2.80 -29.03
C VAL A 710 -7.98 1.75 -30.10
N ASN A 711 -6.94 1.09 -30.66
CA ASN A 711 -7.09 -0.17 -31.38
C ASN A 711 -7.05 -1.29 -30.34
N PRO A 712 -7.73 -2.43 -30.57
CA PRO A 712 -7.86 -3.49 -29.56
C PRO A 712 -6.57 -4.25 -29.22
N VAL A 713 -6.47 -4.61 -27.96
CA VAL A 713 -5.31 -5.32 -27.42
C VAL A 713 -5.79 -6.64 -26.85
N VAL A 714 -5.22 -7.74 -27.35
CA VAL A 714 -5.54 -9.08 -26.88
C VAL A 714 -4.49 -9.53 -25.87
N VAL A 715 -4.93 -10.07 -24.75
CA VAL A 715 -4.03 -10.50 -23.69
C VAL A 715 -3.90 -12.02 -23.76
N PHE A 716 -2.66 -12.49 -23.98
CA PHE A 716 -2.35 -13.92 -23.94
C PHE A 716 -1.60 -14.22 -22.64
N ASP A 717 -2.03 -15.28 -21.97
CA ASP A 717 -1.60 -15.64 -20.63
C ASP A 717 -1.28 -17.13 -20.60
N PHE A 718 -0.12 -17.53 -20.05
CA PHE A 718 0.17 -18.96 -19.89
C PHE A 718 -0.52 -19.50 -18.65
N ALA A 719 -1.33 -20.56 -18.84
CA ALA A 719 -1.93 -21.29 -17.72
C ALA A 719 -0.84 -22.03 -16.93
N SER A 720 -0.70 -21.71 -15.63
CA SER A 720 0.23 -22.36 -14.73
C SER A 720 1.64 -22.50 -15.34
N LEU A 721 2.27 -21.37 -15.70
CA LEU A 721 3.51 -21.39 -16.45
C LEU A 721 4.60 -22.21 -15.73
N TYR A 722 4.93 -21.89 -14.49
CA TYR A 722 6.09 -22.50 -13.83
C TYR A 722 5.82 -24.00 -13.58
N PRO A 723 4.69 -24.46 -12.99
CA PRO A 723 4.39 -25.89 -12.95
C PRO A 723 4.43 -26.61 -14.29
N SER A 724 3.92 -26.01 -15.36
CA SER A 724 3.94 -26.66 -16.67
C SER A 724 5.33 -26.72 -17.30
N ILE A 725 6.26 -25.77 -17.00
CA ILE A 725 7.63 -25.90 -17.45
C ILE A 725 8.28 -27.11 -16.77
N ILE A 726 8.11 -27.21 -15.43
CA ILE A 726 8.68 -28.29 -14.67
C ILE A 726 8.25 -29.64 -15.24
N GLN A 727 6.96 -29.79 -15.56
CA GLN A 727 6.44 -31.00 -16.17
C GLN A 727 6.93 -31.22 -17.60
N ALA A 728 6.79 -30.23 -18.49
CA ALA A 728 7.18 -30.35 -19.88
C ALA A 728 8.65 -30.68 -20.08
N HIS A 729 9.55 -30.15 -19.23
CA HIS A 729 10.98 -30.31 -19.38
C HIS A 729 11.58 -31.33 -18.39
N ASN A 730 10.74 -31.96 -17.55
CA ASN A 730 11.13 -33.06 -16.66
C ASN A 730 12.21 -32.59 -15.67
N LEU A 731 12.07 -31.37 -15.12
CA LEU A 731 13.08 -30.76 -14.24
C LEU A 731 12.93 -31.36 -12.83
N CYS A 732 14.07 -31.72 -12.20
CA CYS A 732 14.09 -32.30 -10.87
C CYS A 732 15.49 -32.23 -10.28
N PHE A 733 15.60 -32.38 -8.96
CA PHE A 733 16.84 -32.73 -8.28
C PHE A 733 17.52 -33.93 -8.95
N SER A 734 16.73 -34.97 -9.25
CA SER A 734 17.24 -36.26 -9.67
C SER A 734 17.45 -36.42 -11.18
N THR A 735 16.98 -35.45 -12.01
CA THR A 735 17.20 -35.50 -13.46
C THR A 735 18.28 -34.53 -13.92
N LEU A 736 18.71 -33.62 -13.03
CA LEU A 736 19.78 -32.65 -13.25
C LEU A 736 21.16 -33.31 -13.30
N SER A 737 22.01 -32.87 -14.23
CA SER A 737 23.46 -33.03 -14.13
C SER A 737 24.16 -31.69 -14.34
N LEU A 738 25.29 -31.50 -13.62
CA LEU A 738 26.18 -30.35 -13.78
C LEU A 738 27.39 -30.70 -14.66
N ARG A 739 27.45 -31.93 -15.17
CA ARG A 739 28.62 -32.51 -15.83
C ARG A 739 28.25 -33.13 -17.17
N ALA A 740 29.07 -32.91 -18.21
CA ALA A 740 28.84 -33.46 -19.53
C ALA A 740 29.08 -34.98 -19.56
N ASP A 741 30.05 -35.48 -18.79
CA ASP A 741 30.37 -36.91 -18.75
C ASP A 741 29.23 -37.76 -18.17
N ALA A 742 28.34 -37.16 -17.38
CA ALA A 742 27.17 -37.83 -16.84
C ALA A 742 26.17 -38.25 -17.92
N VAL A 743 26.17 -37.53 -19.07
CA VAL A 743 25.20 -37.77 -20.14
C VAL A 743 25.88 -38.21 -21.43
N ALA A 744 27.15 -38.65 -21.36
CA ALA A 744 27.93 -39.04 -22.54
C ALA A 744 27.36 -40.29 -23.24
N HIS A 745 26.64 -41.14 -22.50
CA HIS A 745 25.97 -42.32 -23.05
C HIS A 745 24.60 -42.03 -23.69
N LEU A 746 24.09 -40.80 -23.52
CA LEU A 746 22.80 -40.36 -24.06
C LEU A 746 23.00 -39.52 -25.33
N GLU A 747 21.91 -39.24 -26.05
CA GLU A 747 21.95 -38.39 -27.24
C GLU A 747 21.37 -37.00 -26.95
N ALA A 748 22.12 -35.94 -27.29
CA ALA A 748 21.68 -34.57 -27.06
C ALA A 748 20.36 -34.26 -27.77
N GLY A 749 19.49 -33.48 -27.10
CA GLY A 749 18.21 -33.09 -27.63
C GLY A 749 17.17 -34.22 -27.53
N LYS A 750 17.57 -35.44 -27.89
CA LYS A 750 16.68 -36.60 -27.90
C LYS A 750 16.49 -37.17 -26.49
N ASP A 751 17.57 -37.27 -25.69
CA ASP A 751 17.54 -37.87 -24.36
C ASP A 751 17.70 -36.84 -23.24
N TYR A 752 18.19 -35.62 -23.55
CA TYR A 752 18.33 -34.60 -22.54
C TYR A 752 18.24 -33.19 -23.14
N LEU A 753 17.83 -32.24 -22.29
CA LEU A 753 17.98 -30.82 -22.55
C LEU A 753 19.37 -30.36 -22.08
N GLU A 754 20.11 -29.62 -22.92
CA GLU A 754 21.18 -28.74 -22.49
C GLU A 754 20.63 -27.32 -22.41
N ILE A 755 21.02 -26.58 -21.36
CA ILE A 755 20.61 -25.20 -21.25
C ILE A 755 21.67 -24.41 -20.46
N GLU A 756 21.98 -23.19 -20.93
CA GLU A 756 22.83 -22.27 -20.19
C GLU A 756 21.97 -21.52 -19.16
N VAL A 757 22.37 -21.59 -17.88
CA VAL A 757 21.63 -20.97 -16.79
C VAL A 757 22.62 -20.36 -15.81
N GLY A 758 22.56 -19.05 -15.60
CA GLY A 758 23.51 -18.33 -14.75
C GLY A 758 24.96 -18.53 -15.18
N GLY A 759 25.19 -18.67 -16.50
CA GLY A 759 26.52 -18.89 -17.06
C GLY A 759 26.93 -20.37 -17.15
N ARG A 760 26.41 -21.22 -16.25
CA ARG A 760 26.73 -22.64 -16.23
C ARG A 760 25.94 -23.41 -17.29
N ARG A 761 26.56 -24.43 -17.89
CA ARG A 761 25.83 -25.38 -18.71
C ARG A 761 25.20 -26.46 -17.82
N LEU A 762 23.87 -26.62 -17.91
CA LEU A 762 23.12 -27.62 -17.16
C LEU A 762 22.52 -28.66 -18.11
N PHE A 763 22.36 -29.87 -17.61
CA PHE A 763 21.75 -30.97 -18.35
C PHE A 763 20.54 -31.49 -17.57
N PHE A 764 19.40 -31.72 -18.24
CA PHE A 764 18.27 -32.42 -17.64
C PHE A 764 17.84 -33.57 -18.53
N VAL A 765 17.88 -34.81 -18.02
CA VAL A 765 17.49 -35.97 -18.80
C VAL A 765 15.97 -35.98 -18.94
N LYS A 766 15.47 -36.54 -20.06
CA LYS A 766 14.05 -36.53 -20.38
C LYS A 766 13.34 -37.69 -19.69
N ALA A 767 12.00 -37.67 -19.68
CA ALA A 767 11.19 -38.55 -18.84
C ALA A 767 11.36 -40.04 -19.15
N HIS A 768 11.70 -40.40 -20.40
CA HIS A 768 11.93 -41.80 -20.76
C HIS A 768 13.26 -42.32 -20.21
N VAL A 769 14.23 -41.43 -19.91
CA VAL A 769 15.48 -41.81 -19.26
C VAL A 769 15.25 -41.95 -17.74
N ARG A 770 14.63 -40.93 -17.13
CA ARG A 770 14.25 -40.94 -15.72
C ARG A 770 13.15 -39.89 -15.52
N GLU A 771 12.04 -40.27 -14.89
CA GLU A 771 10.95 -39.34 -14.66
C GLU A 771 11.19 -38.49 -13.40
N SER A 772 11.04 -37.15 -13.54
CA SER A 772 11.16 -36.19 -12.47
C SER A 772 10.13 -36.44 -11.35
N LEU A 773 10.59 -36.38 -10.10
CA LEU A 773 9.71 -36.47 -8.93
C LEU A 773 8.78 -35.26 -8.86
N LEU A 774 9.32 -34.05 -9.14
CA LEU A 774 8.51 -32.83 -9.15
C LEU A 774 7.43 -32.95 -10.23
N SER A 775 7.76 -33.51 -11.38
CA SER A 775 6.85 -33.68 -12.50
C SER A 775 5.72 -34.66 -12.12
N ILE A 776 6.07 -35.79 -11.47
CA ILE A 776 5.09 -36.74 -10.98
C ILE A 776 4.14 -36.12 -9.93
N LEU A 777 4.65 -35.37 -8.97
CA LEU A 777 3.78 -34.66 -8.02
C LEU A 777 2.79 -33.76 -8.76
N LEU A 778 3.29 -32.88 -9.65
CA LEU A 778 2.46 -31.90 -10.34
C LEU A 778 1.43 -32.59 -11.21
N ARG A 779 1.83 -33.58 -11.99
CA ARG A 779 0.91 -34.30 -12.84
C ARG A 779 -0.22 -34.95 -12.04
N ASP A 780 0.11 -35.66 -10.96
CA ASP A 780 -0.90 -36.33 -10.15
C ASP A 780 -1.84 -35.36 -9.46
N TRP A 781 -1.33 -34.22 -8.94
CA TRP A 781 -2.17 -33.18 -8.39
C TRP A 781 -3.10 -32.56 -9.44
N LEU A 782 -2.59 -32.23 -10.63
CA LEU A 782 -3.42 -31.59 -11.65
C LEU A 782 -4.50 -32.56 -12.16
N ALA A 783 -4.20 -33.84 -12.29
CA ALA A 783 -5.19 -34.85 -12.64
C ALA A 783 -6.28 -34.93 -11.58
N MET A 784 -5.90 -34.87 -10.31
CA MET A 784 -6.83 -34.85 -9.18
C MET A 784 -7.70 -33.59 -9.20
N ARG A 785 -7.12 -32.40 -9.47
CA ARG A 785 -7.87 -31.16 -9.53
C ARG A 785 -8.90 -31.18 -10.65
N LYS A 786 -8.50 -31.65 -11.85
CA LYS A 786 -9.38 -31.76 -13.01
C LYS A 786 -10.52 -32.73 -12.72
N GLN A 787 -10.22 -33.86 -12.08
CA GLN A 787 -11.23 -34.83 -11.67
C GLN A 787 -12.23 -34.21 -10.69
N ILE A 788 -11.79 -33.54 -9.62
CA ILE A 788 -12.66 -32.87 -8.67
C ILE A 788 -13.57 -31.86 -9.38
N ARG A 789 -13.01 -30.97 -10.20
CA ARG A 789 -13.79 -29.94 -10.86
C ARG A 789 -14.77 -30.50 -11.89
N SER A 790 -14.54 -31.71 -12.42
CA SER A 790 -15.51 -32.39 -13.28
C SER A 790 -16.79 -32.76 -12.53
N ARG A 791 -16.69 -33.02 -11.21
CA ARG A 791 -17.80 -33.49 -10.40
C ARG A 791 -18.65 -32.36 -9.80
N ILE A 792 -18.14 -31.13 -9.75
CA ILE A 792 -18.80 -30.04 -9.04
C ILE A 792 -20.21 -29.78 -9.60
N PRO A 793 -20.46 -29.62 -10.92
CA PRO A 793 -21.81 -29.32 -11.42
C PRO A 793 -22.90 -30.35 -11.17
N GLN A 794 -22.55 -31.60 -10.83
CA GLN A 794 -23.54 -32.66 -10.62
C GLN A 794 -23.59 -33.11 -9.15
N SER A 795 -23.30 -32.19 -8.22
CA SER A 795 -23.17 -32.50 -6.80
C SER A 795 -24.10 -31.60 -5.97
N SER A 796 -24.45 -32.03 -4.74
CA SER A 796 -25.35 -31.26 -3.88
C SER A 796 -24.74 -29.91 -3.50
N PRO A 797 -25.54 -28.90 -3.10
CA PRO A 797 -25.01 -27.62 -2.63
C PRO A 797 -23.98 -27.72 -1.50
N GLU A 798 -24.06 -28.79 -0.68
CA GLU A 798 -23.11 -29.05 0.39
C GLU A 798 -21.83 -29.69 -0.14
N GLU A 799 -21.97 -30.68 -1.05
CA GLU A 799 -20.85 -31.32 -1.70
C GLU A 799 -20.02 -30.31 -2.51
N ALA A 800 -20.69 -29.41 -3.24
CA ALA A 800 -20.03 -28.40 -4.06
C ALA A 800 -19.10 -27.51 -3.22
N VAL A 801 -19.48 -27.19 -1.97
CA VAL A 801 -18.62 -26.43 -1.05
C VAL A 801 -17.35 -27.21 -0.73
N LEU A 802 -17.49 -28.49 -0.34
CA LEU A 802 -16.34 -29.32 0.00
C LEU A 802 -15.41 -29.50 -1.20
N LEU A 803 -15.97 -29.77 -2.38
CA LEU A 803 -15.20 -29.94 -3.60
C LEU A 803 -14.49 -28.65 -4.00
N ASP A 804 -15.13 -27.49 -3.83
CA ASP A 804 -14.49 -26.21 -4.09
C ASP A 804 -13.27 -25.98 -3.17
N LYS A 805 -13.40 -26.28 -1.88
CA LYS A 805 -12.29 -26.19 -0.96
C LYS A 805 -11.15 -27.15 -1.33
N GLN A 806 -11.48 -28.37 -1.78
CA GLN A 806 -10.49 -29.33 -2.23
C GLN A 806 -9.74 -28.86 -3.48
N GLN A 807 -10.45 -28.36 -4.52
CA GLN A 807 -9.78 -27.92 -5.74
C GLN A 807 -8.89 -26.71 -5.46
N ALA A 808 -9.30 -25.82 -4.54
CA ALA A 808 -8.51 -24.66 -4.14
C ALA A 808 -7.22 -25.08 -3.41
N ALA A 809 -7.28 -26.11 -2.55
CA ALA A 809 -6.12 -26.62 -1.85
C ALA A 809 -5.06 -27.14 -2.85
N ILE A 810 -5.50 -27.87 -3.88
CA ILE A 810 -4.57 -28.38 -4.88
C ILE A 810 -3.86 -27.24 -5.65
N LYS A 811 -4.57 -26.15 -5.96
CA LYS A 811 -3.98 -25.01 -6.65
C LYS A 811 -2.86 -24.38 -5.82
N VAL A 812 -3.08 -24.12 -4.52
CA VAL A 812 -2.08 -23.46 -3.69
C VAL A 812 -0.84 -24.35 -3.55
N VAL A 813 -1.01 -25.67 -3.45
CA VAL A 813 0.13 -26.58 -3.33
C VAL A 813 0.91 -26.66 -4.65
N CYS A 814 0.25 -26.82 -5.82
CA CYS A 814 0.93 -26.80 -7.11
C CYS A 814 1.75 -25.53 -7.35
N ASN A 815 1.20 -24.36 -6.99
CA ASN A 815 1.87 -23.08 -7.20
C ASN A 815 3.11 -22.90 -6.32
N SER A 816 3.22 -23.65 -5.22
CA SER A 816 4.32 -23.49 -4.28
C SER A 816 5.57 -24.31 -4.67
N VAL A 817 5.48 -25.18 -5.67
CA VAL A 817 6.58 -26.08 -6.01
C VAL A 817 7.82 -25.30 -6.48
N TYR A 818 7.64 -24.33 -7.39
CA TYR A 818 8.76 -23.54 -7.90
C TYR A 818 9.46 -22.80 -6.76
N GLY A 819 8.67 -22.20 -5.86
CA GLY A 819 9.20 -21.46 -4.74
C GLY A 819 9.97 -22.37 -3.81
N PHE A 820 9.46 -23.58 -3.60
CA PHE A 820 10.12 -24.58 -2.78
C PHE A 820 11.54 -24.84 -3.23
N THR A 821 11.78 -24.95 -4.54
CA THR A 821 13.13 -25.20 -5.05
C THR A 821 14.05 -23.98 -4.91
N GLY A 822 13.48 -22.77 -4.91
CA GLY A 822 14.26 -21.54 -4.97
C GLY A 822 14.68 -20.94 -3.63
N VAL A 823 14.19 -21.44 -2.49
CA VAL A 823 14.56 -20.89 -1.18
C VAL A 823 15.97 -21.35 -0.81
N GLN A 824 16.97 -20.47 -0.93
CA GLN A 824 18.31 -20.77 -0.43
C GLN A 824 18.27 -20.98 1.09
N HIS A 825 18.99 -22.00 1.58
CA HIS A 825 18.99 -22.44 2.98
C HIS A 825 17.61 -22.95 3.46
N GLY A 826 16.71 -23.29 2.53
CA GLY A 826 15.43 -23.91 2.88
C GLY A 826 15.55 -25.42 3.12
N LEU A 827 14.39 -26.09 3.18
CA LEU A 827 14.34 -27.55 3.08
C LEU A 827 14.60 -27.91 1.62
N LEU A 828 15.57 -28.79 1.39
CA LEU A 828 15.89 -29.34 0.06
C LEU A 828 15.94 -28.30 -1.06
N PRO A 829 16.86 -27.31 -1.03
CA PRO A 829 16.95 -26.30 -2.10
C PRO A 829 17.60 -26.84 -3.36
N CYS A 830 17.16 -26.35 -4.52
CA CYS A 830 17.89 -26.59 -5.76
C CYS A 830 17.79 -25.35 -6.66
N LEU A 831 18.75 -24.43 -6.52
CA LEU A 831 18.70 -23.16 -7.22
C LEU A 831 18.87 -23.36 -8.73
N HIS A 832 19.54 -24.45 -9.15
CA HIS A 832 19.65 -24.80 -10.55
C HIS A 832 18.27 -25.05 -11.21
N VAL A 833 17.36 -25.75 -10.51
CA VAL A 833 16.02 -26.00 -10.99
C VAL A 833 15.21 -24.69 -11.06
N ALA A 834 15.23 -23.87 -10.00
CA ALA A 834 14.53 -22.59 -10.01
C ALA A 834 15.02 -21.67 -11.13
N ALA A 835 16.35 -21.53 -11.28
CA ALA A 835 16.92 -20.68 -12.29
C ALA A 835 16.62 -21.21 -13.70
N THR A 836 16.54 -22.54 -13.88
CA THR A 836 16.18 -23.12 -15.17
C THR A 836 14.73 -22.80 -15.54
N VAL A 837 13.81 -22.90 -14.58
CA VAL A 837 12.41 -22.57 -14.79
C VAL A 837 12.27 -21.12 -15.29
N THR A 838 12.92 -20.13 -14.64
CA THR A 838 12.80 -18.75 -15.09
C THR A 838 13.48 -18.56 -16.44
N THR A 839 14.62 -19.22 -16.68
CA THR A 839 15.33 -19.12 -17.95
C THR A 839 14.45 -19.61 -19.10
N ILE A 840 13.76 -20.75 -18.93
CA ILE A 840 12.88 -21.30 -19.96
C ILE A 840 11.66 -20.39 -20.13
N GLY A 841 11.08 -19.90 -19.03
CA GLY A 841 9.97 -18.98 -19.09
C GLY A 841 10.28 -17.72 -19.89
N ARG A 842 11.45 -17.08 -19.67
CA ARG A 842 11.87 -15.91 -20.41
C ARG A 842 11.98 -16.24 -21.89
N GLU A 843 12.62 -17.35 -22.25
CA GLU A 843 12.77 -17.73 -23.65
C GLU A 843 11.43 -17.99 -24.35
N MET A 844 10.45 -18.57 -23.65
CA MET A 844 9.12 -18.81 -24.18
C MET A 844 8.35 -17.53 -24.55
N LEU A 845 8.48 -16.44 -23.78
CA LEU A 845 7.88 -15.15 -24.12
C LEU A 845 8.49 -14.60 -25.42
N LEU A 846 9.82 -14.63 -25.53
CA LEU A 846 10.53 -14.15 -26.72
C LEU A 846 10.17 -15.00 -27.93
N ALA A 847 10.06 -16.32 -27.76
CA ALA A 847 9.65 -17.21 -28.83
C ALA A 847 8.23 -16.89 -29.31
N THR A 848 7.30 -16.68 -28.36
CA THR A 848 5.92 -16.30 -28.67
C THR A 848 5.88 -14.98 -29.45
N ARG A 849 6.61 -13.96 -28.97
CA ARG A 849 6.75 -12.67 -29.64
C ARG A 849 7.25 -12.85 -31.08
N GLU A 850 8.41 -13.49 -31.27
CA GLU A 850 9.01 -13.67 -32.59
C GLU A 850 8.10 -14.44 -33.53
N TYR A 851 7.39 -15.44 -33.02
CA TYR A 851 6.42 -16.19 -33.80
C TYR A 851 5.24 -15.31 -34.25
N VAL A 852 4.62 -14.55 -33.33
CA VAL A 852 3.51 -13.67 -33.69
C VAL A 852 3.93 -12.65 -34.75
N HIS A 853 5.07 -11.97 -34.54
CA HIS A 853 5.57 -10.97 -35.47
C HIS A 853 5.85 -11.57 -36.85
N ALA A 854 6.37 -12.80 -36.93
CA ALA A 854 6.76 -13.42 -38.19
C ALA A 854 5.60 -14.11 -38.90
N ARG A 855 4.65 -14.68 -38.15
CA ARG A 855 3.55 -15.47 -38.70
C ARG A 855 2.39 -14.59 -39.21
N TRP A 856 2.13 -13.43 -38.55
CA TRP A 856 0.95 -12.63 -38.85
C TRP A 856 1.32 -11.14 -39.06
N ALA A 857 2.40 -10.90 -39.83
CA ALA A 857 2.85 -9.56 -40.19
C ALA A 857 1.86 -8.85 -41.11
N ALA A 858 1.13 -9.63 -41.94
CA ALA A 858 0.16 -9.12 -42.91
C ALA A 858 -1.21 -9.75 -42.69
N PHE A 859 -2.28 -8.97 -42.97
CA PHE A 859 -3.66 -9.40 -42.73
C PHE A 859 -4.01 -10.68 -43.50
N GLU A 860 -3.45 -10.84 -44.71
CA GLU A 860 -3.69 -12.02 -45.53
C GLU A 860 -3.18 -13.31 -44.85
N GLN A 861 -2.07 -13.23 -44.12
CA GLN A 861 -1.52 -14.37 -43.38
C GLN A 861 -2.43 -14.78 -42.22
N LEU A 862 -2.93 -13.78 -41.46
CA LEU A 862 -3.89 -14.01 -40.39
C LEU A 862 -5.17 -14.63 -40.94
N LEU A 863 -5.70 -14.07 -42.03
CA LEU A 863 -6.93 -14.53 -42.66
C LEU A 863 -6.81 -15.96 -43.18
N ALA A 864 -5.63 -16.33 -43.73
CA ALA A 864 -5.35 -17.69 -44.17
C ALA A 864 -5.36 -18.71 -43.01
N ASP A 865 -4.98 -18.31 -41.79
CA ASP A 865 -5.08 -19.16 -40.61
C ASP A 865 -6.49 -19.14 -40.00
N PHE A 866 -7.16 -17.97 -39.96
CA PHE A 866 -8.44 -17.77 -39.29
C PHE A 866 -9.43 -17.02 -40.21
N PRO A 867 -10.31 -17.74 -40.95
CA PRO A 867 -11.08 -17.13 -42.03
C PRO A 867 -12.17 -16.13 -41.59
N GLU A 868 -12.55 -16.11 -40.31
CA GLU A 868 -13.49 -15.11 -39.81
C GLU A 868 -12.85 -13.73 -39.69
N ALA A 869 -11.52 -13.61 -39.86
CA ALA A 869 -10.84 -12.32 -39.77
C ALA A 869 -11.36 -11.32 -40.82
N ALA A 870 -11.94 -11.81 -41.93
CA ALA A 870 -12.59 -10.98 -42.94
C ALA A 870 -13.71 -10.11 -42.36
N ASP A 871 -14.48 -10.64 -41.40
CA ASP A 871 -15.52 -9.90 -40.70
C ASP A 871 -14.94 -8.91 -39.69
N MET A 872 -13.75 -9.20 -39.16
CA MET A 872 -13.13 -8.40 -38.12
C MET A 872 -12.47 -7.12 -38.67
N ARG A 873 -12.09 -7.08 -39.95
CA ARG A 873 -11.27 -6.02 -40.52
C ARG A 873 -11.90 -4.63 -40.35
N ALA A 874 -11.18 -3.74 -39.65
CA ALA A 874 -11.58 -2.36 -39.41
C ALA A 874 -10.88 -1.41 -40.40
N PRO A 875 -11.33 -0.14 -40.53
CA PRO A 875 -10.56 0.87 -41.27
C PRO A 875 -9.16 1.11 -40.71
N GLY A 876 -8.26 1.60 -41.58
CA GLY A 876 -6.88 1.89 -41.19
C GLY A 876 -5.93 0.71 -41.46
N PRO A 877 -4.61 0.90 -41.22
CA PRO A 877 -3.62 -0.15 -41.47
C PRO A 877 -3.68 -1.32 -40.49
N TYR A 878 -3.48 -2.53 -41.02
CA TYR A 878 -3.37 -3.73 -40.19
C TYR A 878 -1.97 -3.87 -39.61
N SER A 879 -1.89 -4.28 -38.32
CA SER A 879 -0.70 -4.97 -37.80
C SER A 879 -1.01 -5.78 -36.54
N MET A 880 -0.14 -6.74 -36.20
CA MET A 880 -0.09 -7.33 -34.87
C MET A 880 1.29 -7.15 -34.26
N ARG A 881 1.38 -6.49 -33.09
CA ARG A 881 2.64 -6.31 -32.39
C ARG A 881 2.47 -6.55 -30.88
N ILE A 882 3.45 -7.22 -30.27
CA ILE A 882 3.54 -7.30 -28.83
C ILE A 882 3.92 -5.91 -28.31
N ILE A 883 3.07 -5.34 -27.43
CA ILE A 883 3.32 -4.03 -26.85
C ILE A 883 3.83 -4.11 -25.40
N TYR A 884 3.56 -5.26 -24.73
CA TYR A 884 3.96 -5.46 -23.34
C TYR A 884 4.04 -6.96 -23.03
N GLY A 885 4.91 -7.33 -22.06
CA GLY A 885 4.97 -8.70 -21.56
C GLY A 885 5.55 -8.75 -20.14
N ASP A 886 4.98 -9.61 -19.28
CA ASP A 886 5.38 -9.71 -17.88
C ASP A 886 5.25 -11.13 -17.34
N THR A 887 6.39 -11.83 -17.23
CA THR A 887 6.53 -13.13 -16.57
C THR A 887 5.79 -14.25 -17.31
N ASP A 888 4.46 -14.19 -17.39
CA ASP A 888 3.63 -15.24 -17.97
C ASP A 888 2.53 -14.72 -18.91
N SER A 889 2.57 -13.41 -19.23
CA SER A 889 1.57 -12.80 -20.11
C SER A 889 2.23 -11.88 -21.14
N ILE A 890 1.59 -11.79 -22.34
CA ILE A 890 1.92 -10.79 -23.35
C ILE A 890 0.66 -10.11 -23.88
N PHE A 891 0.78 -8.83 -24.22
CA PHE A 891 -0.30 -8.04 -24.79
C PHE A 891 -0.01 -7.80 -26.26
N VAL A 892 -0.93 -8.19 -27.16
CA VAL A 892 -0.79 -7.98 -28.58
C VAL A 892 -1.77 -6.93 -29.09
N LEU A 893 -1.22 -5.82 -29.60
CA LEU A 893 -2.00 -4.76 -30.23
C LEU A 893 -2.38 -5.22 -31.63
N CYS A 894 -3.68 -5.24 -31.91
CA CYS A 894 -4.23 -5.74 -33.16
C CYS A 894 -4.78 -4.59 -34.00
N ARG A 895 -3.88 -3.77 -34.52
CA ARG A 895 -4.25 -2.58 -35.28
C ARG A 895 -5.02 -2.97 -36.53
N GLY A 896 -6.05 -2.19 -36.88
CA GLY A 896 -6.82 -2.42 -38.09
C GLY A 896 -7.82 -3.58 -38.00
N LEU A 897 -8.11 -4.09 -36.78
CA LEU A 897 -9.16 -5.06 -36.51
C LEU A 897 -10.15 -4.52 -35.47
N THR A 898 -11.39 -5.03 -35.53
CA THR A 898 -12.43 -4.76 -34.53
C THR A 898 -12.30 -5.70 -33.33
N ALA A 899 -12.74 -5.23 -32.14
CA ALA A 899 -12.64 -5.98 -30.90
C ALA A 899 -13.59 -7.18 -30.83
N ALA A 900 -14.71 -7.12 -31.58
CA ALA A 900 -15.85 -8.01 -31.41
C ALA A 900 -15.50 -9.50 -31.63
N GLY A 901 -14.69 -9.81 -32.64
CA GLY A 901 -14.30 -11.19 -32.94
C GLY A 901 -12.95 -11.60 -32.31
N LEU A 902 -12.18 -10.66 -31.78
CA LEU A 902 -10.79 -10.89 -31.43
C LEU A 902 -10.63 -11.86 -30.25
N THR A 903 -11.64 -12.00 -29.38
CA THR A 903 -11.55 -12.99 -28.30
C THR A 903 -11.68 -14.41 -28.88
N ALA A 904 -12.61 -14.61 -29.82
CA ALA A 904 -12.81 -15.89 -30.48
C ALA A 904 -11.61 -16.28 -31.37
N VAL A 905 -11.08 -15.34 -32.15
CA VAL A 905 -9.87 -15.57 -32.93
C VAL A 905 -8.66 -15.72 -32.00
N GLY A 906 -8.64 -15.00 -30.86
CA GLY A 906 -7.59 -15.14 -29.86
C GLY A 906 -7.49 -16.55 -29.29
N ASP A 907 -8.60 -17.21 -28.95
CA ASP A 907 -8.60 -18.61 -28.54
C ASP A 907 -7.91 -19.53 -29.55
N LYS A 908 -8.16 -19.29 -30.85
CA LYS A 908 -7.57 -20.08 -31.92
C LYS A 908 -6.10 -19.71 -32.18
N MET A 909 -5.74 -18.43 -32.06
CA MET A 909 -4.34 -18.00 -32.07
C MET A 909 -3.59 -18.70 -30.94
N ALA A 910 -4.10 -18.62 -29.69
CA ALA A 910 -3.45 -19.18 -28.51
C ALA A 910 -3.28 -20.69 -28.63
N SER A 911 -4.28 -21.37 -29.20
CA SER A 911 -4.22 -22.81 -29.46
C SER A 911 -3.18 -23.14 -30.53
N HIS A 912 -3.17 -22.37 -31.61
CA HIS A 912 -2.22 -22.52 -32.70
C HIS A 912 -0.77 -22.33 -32.22
N ILE A 913 -0.51 -21.24 -31.47
CA ILE A 913 0.80 -20.95 -30.89
C ILE A 913 1.23 -22.11 -29.99
N SER A 914 0.36 -22.53 -29.06
CA SER A 914 0.65 -23.60 -28.12
C SER A 914 1.10 -24.87 -28.82
N ARG A 915 0.39 -25.29 -29.87
CA ARG A 915 0.73 -26.48 -30.64
C ARG A 915 1.97 -26.29 -31.53
N ALA A 916 2.25 -25.06 -31.98
CA ALA A 916 3.41 -24.79 -32.81
C ALA A 916 4.71 -24.81 -31.98
N LEU A 917 4.73 -24.19 -30.79
CA LEU A 917 5.96 -23.87 -30.10
C LEU A 917 6.28 -24.80 -28.92
N PHE A 918 5.26 -25.33 -28.21
CA PHE A 918 5.48 -25.80 -26.84
C PHE A 918 4.99 -27.24 -26.61
N LEU A 919 5.68 -27.92 -25.68
CA LEU A 919 5.32 -29.27 -25.26
C LEU A 919 4.19 -29.23 -24.25
N PRO A 920 3.15 -30.08 -24.38
CA PRO A 920 2.15 -30.23 -23.32
C PRO A 920 2.83 -30.63 -22.02
N PRO A 921 2.36 -30.19 -20.83
CA PRO A 921 1.14 -29.39 -20.65
C PRO A 921 1.22 -27.86 -20.71
N ILE A 922 2.24 -27.30 -21.37
CA ILE A 922 2.28 -25.85 -21.57
C ILE A 922 1.08 -25.42 -22.42
N LYS A 923 0.35 -24.38 -21.97
CA LYS A 923 -0.83 -23.89 -22.67
C LYS A 923 -0.96 -22.37 -22.55
N LEU A 924 -0.84 -21.69 -23.69
CA LEU A 924 -1.16 -20.27 -23.81
C LEU A 924 -2.68 -20.13 -23.98
N GLU A 925 -3.29 -19.16 -23.28
CA GLU A 925 -4.72 -18.90 -23.36
C GLU A 925 -5.00 -17.41 -23.62
N CYS A 926 -6.04 -17.13 -24.42
CA CYS A 926 -6.52 -15.77 -24.59
C CYS A 926 -7.36 -15.38 -23.36
N GLU A 927 -6.85 -14.46 -22.53
CA GLU A 927 -7.47 -14.15 -21.24
C GLU A 927 -8.65 -13.18 -21.43
N LYS A 928 -8.43 -12.09 -22.18
CA LYS A 928 -9.36 -10.99 -22.35
C LYS A 928 -8.96 -10.10 -23.54
N THR A 929 -9.91 -9.27 -24.02
CA THR A 929 -9.64 -8.25 -25.03
C THR A 929 -9.95 -6.86 -24.46
N PHE A 930 -8.95 -5.98 -24.44
CA PHE A 930 -9.17 -4.58 -24.16
C PHE A 930 -9.61 -3.84 -25.43
N THR A 931 -10.60 -2.95 -25.31
CA THR A 931 -10.94 -2.01 -26.37
C THR A 931 -10.10 -0.74 -26.27
N LYS A 932 -9.76 -0.33 -25.04
CA LYS A 932 -8.88 0.81 -24.78
C LYS A 932 -7.91 0.45 -23.66
N LEU A 933 -6.64 0.85 -23.79
CA LEU A 933 -5.63 0.52 -22.79
C LEU A 933 -4.64 1.69 -22.64
N LEU A 934 -4.27 1.97 -21.38
CA LEU A 934 -3.23 2.93 -21.04
C LEU A 934 -2.10 2.19 -20.36
N LEU A 935 -1.01 1.91 -21.09
CA LEU A 935 0.22 1.38 -20.50
C LEU A 935 0.95 2.52 -19.79
N ILE A 936 1.13 2.39 -18.46
CA ILE A 936 1.77 3.43 -17.66
C ILE A 936 3.23 3.05 -17.41
N ALA A 937 3.46 1.81 -16.93
CA ALA A 937 4.80 1.31 -16.62
C ALA A 937 4.76 -0.22 -16.51
N LYS A 938 5.91 -0.85 -16.22
CA LYS A 938 5.92 -2.28 -15.89
C LYS A 938 5.03 -2.52 -14.67
N LYS A 939 4.03 -3.42 -14.86
CA LYS A 939 2.98 -3.77 -13.91
C LYS A 939 2.05 -2.59 -13.55
N LYS A 940 1.98 -1.55 -14.38
CA LYS A 940 1.02 -0.45 -14.19
C LYS A 940 0.25 -0.18 -15.49
N TYR A 941 -1.08 -0.35 -15.46
CA TYR A 941 -1.94 0.02 -16.59
C TYR A 941 -3.41 0.18 -16.16
N ILE A 942 -4.18 0.85 -17.01
CA ILE A 942 -5.62 0.99 -16.88
C ILE A 942 -6.22 0.62 -18.24
N GLY A 943 -7.27 -0.20 -18.25
CA GLY A 943 -7.89 -0.58 -19.52
C GLY A 943 -9.38 -0.84 -19.38
N VAL A 944 -10.06 -0.86 -20.52
CA VAL A 944 -11.47 -1.22 -20.60
C VAL A 944 -11.59 -2.48 -21.44
N ILE A 945 -12.24 -3.50 -20.86
CA ILE A 945 -12.46 -4.79 -21.49
C ILE A 945 -13.66 -4.69 -22.43
N TYR A 946 -13.72 -5.54 -23.47
CA TYR A 946 -14.80 -5.48 -24.47
C TYR A 946 -16.19 -5.60 -23.84
N GLY A 947 -16.31 -6.32 -22.70
CA GLY A 947 -17.56 -6.39 -21.96
C GLY A 947 -17.90 -5.15 -21.10
N GLY A 948 -17.21 -4.02 -21.33
CA GLY A 948 -17.56 -2.74 -20.73
C GLY A 948 -16.87 -2.46 -19.38
N LYS A 949 -16.34 -3.51 -18.73
CA LYS A 949 -15.69 -3.37 -17.43
C LYS A 949 -14.34 -2.66 -17.54
N MET A 950 -14.11 -1.65 -16.69
CA MET A 950 -12.79 -1.06 -16.51
C MET A 950 -11.97 -1.90 -15.51
N LEU A 951 -10.67 -2.02 -15.81
CA LEU A 951 -9.70 -2.75 -14.99
C LEU A 951 -8.47 -1.89 -14.76
N ILE A 952 -7.95 -1.94 -13.51
CA ILE A 952 -6.80 -1.15 -13.08
C ILE A 952 -5.77 -2.07 -12.43
N LYS A 953 -4.49 -1.90 -12.80
CA LYS A 953 -3.39 -2.65 -12.19
C LYS A 953 -2.26 -1.69 -11.80
N GLY A 954 -1.74 -1.87 -10.57
CA GLY A 954 -0.55 -1.18 -10.08
C GLY A 954 -0.77 0.31 -9.76
N VAL A 955 -2.03 0.79 -9.77
CA VAL A 955 -2.34 2.21 -9.59
C VAL A 955 -3.52 2.37 -8.62
N ASP A 956 -3.43 3.34 -7.71
CA ASP A 956 -4.55 3.76 -6.88
C ASP A 956 -5.07 5.12 -7.35
N LEU A 957 -6.32 5.17 -7.81
CA LEU A 957 -6.95 6.42 -8.22
C LEU A 957 -7.54 7.20 -7.04
N VAL A 958 -7.73 6.53 -5.88
CA VAL A 958 -8.25 7.15 -4.66
C VAL A 958 -7.15 7.14 -3.60
N ARG A 959 -6.86 8.33 -3.02
CA ARG A 959 -5.85 8.50 -1.99
C ARG A 959 -6.50 8.77 -0.62
N LYS A 960 -5.97 8.11 0.43
CA LYS A 960 -6.54 8.15 1.77
C LYS A 960 -6.47 9.54 2.40
N ASN A 961 -5.38 10.27 2.09
CA ASN A 961 -5.06 11.56 2.68
C ASN A 961 -5.70 12.74 1.94
N ASN A 962 -6.23 12.52 0.72
CA ASN A 962 -6.81 13.57 -0.10
C ASN A 962 -8.25 13.87 0.31
N CYS A 963 -8.68 15.11 0.03
CA CYS A 963 -10.07 15.52 0.19
C CYS A 963 -10.92 14.89 -0.92
N ALA A 964 -12.24 14.84 -0.70
CA ALA A 964 -13.19 14.23 -1.63
C ALA A 964 -13.13 14.89 -3.01
N PHE A 965 -12.97 16.24 -3.05
CA PHE A 965 -12.88 16.99 -4.29
C PHE A 965 -11.82 16.46 -5.26
N ILE A 966 -10.61 16.14 -4.77
CA ILE A 966 -9.52 15.71 -5.64
C ILE A 966 -9.68 14.24 -6.05
N ASN A 967 -10.08 13.37 -5.13
CA ASN A 967 -10.36 11.97 -5.46
C ASN A 967 -11.42 11.87 -6.56
N ARG A 968 -12.56 12.56 -6.37
CA ARG A 968 -13.68 12.52 -7.31
C ARG A 968 -13.31 13.13 -8.68
N THR A 969 -12.58 14.25 -8.70
CA THR A 969 -12.20 14.90 -9.94
C THR A 969 -11.14 14.08 -10.69
N SER A 970 -10.16 13.52 -9.98
CA SER A 970 -9.15 12.65 -10.61
C SER A 970 -9.80 11.47 -11.32
N ARG A 971 -10.77 10.82 -10.67
CA ARG A 971 -11.50 9.72 -11.26
C ARG A 971 -12.34 10.17 -12.47
N ALA A 972 -12.92 11.39 -12.44
CA ALA A 972 -13.66 11.94 -13.56
C ALA A 972 -12.77 12.14 -14.81
N LEU A 973 -11.52 12.57 -14.64
CA LEU A 973 -10.57 12.70 -15.75
C LEU A 973 -10.25 11.35 -16.39
N VAL A 974 -10.11 10.29 -15.58
CA VAL A 974 -9.88 8.94 -16.08
C VAL A 974 -11.13 8.41 -16.79
N ASP A 975 -12.32 8.49 -16.16
CA ASP A 975 -13.57 8.09 -16.80
C ASP A 975 -13.74 8.78 -18.15
N LEU A 976 -13.44 10.08 -18.24
CA LEU A 976 -13.57 10.81 -19.49
C LEU A 976 -12.61 10.32 -20.57
N LEU A 977 -11.34 10.06 -20.23
CA LEU A 977 -10.36 9.53 -21.18
C LEU A 977 -10.83 8.21 -21.80
N PHE A 978 -11.50 7.35 -21.02
CA PHE A 978 -11.96 6.06 -21.48
C PHE A 978 -13.37 6.07 -22.10
N TYR A 979 -14.28 6.99 -21.70
CA TYR A 979 -15.68 6.87 -22.11
C TYR A 979 -16.16 7.97 -23.07
N ASP A 980 -15.34 8.98 -23.41
CA ASP A 980 -15.63 9.85 -24.56
C ASP A 980 -14.66 9.52 -25.70
N ASP A 981 -15.19 8.93 -26.78
CA ASP A 981 -14.39 8.56 -27.95
C ASP A 981 -13.69 9.76 -28.59
N THR A 982 -14.23 10.98 -28.38
CA THR A 982 -13.60 12.21 -28.84
C THR A 982 -12.27 12.41 -28.11
N VAL A 983 -12.29 12.28 -26.77
CA VAL A 983 -11.11 12.46 -25.95
C VAL A 983 -10.16 11.28 -26.13
N SER A 984 -10.66 10.04 -26.21
CA SER A 984 -9.84 8.86 -26.48
C SER A 984 -9.06 8.99 -27.79
N GLY A 985 -9.75 9.38 -28.88
CA GLY A 985 -9.10 9.58 -30.17
C GLY A 985 -8.05 10.68 -30.15
N ALA A 986 -8.34 11.78 -29.44
CA ALA A 986 -7.41 12.90 -29.29
C ALA A 986 -6.18 12.50 -28.46
N ALA A 987 -6.38 11.72 -27.40
CA ALA A 987 -5.29 11.21 -26.56
C ALA A 987 -4.38 10.25 -27.34
N ALA A 988 -4.95 9.39 -28.18
CA ALA A 988 -4.18 8.47 -29.02
C ALA A 988 -3.31 9.22 -30.04
N ALA A 989 -3.74 10.40 -30.51
CA ALA A 989 -2.97 11.22 -31.43
C ALA A 989 -1.69 11.81 -30.80
N LEU A 990 -1.62 11.91 -29.47
CA LEU A 990 -0.46 12.50 -28.79
C LEU A 990 0.81 11.68 -29.02
N ALA A 991 0.66 10.37 -29.24
CA ALA A 991 1.79 9.45 -29.42
C ALA A 991 2.53 9.65 -30.75
N GLU A 992 1.94 10.39 -31.70
CA GLU A 992 2.51 10.58 -33.03
C GLU A 992 3.69 11.56 -33.04
N ARG A 993 3.97 12.26 -31.92
CA ARG A 993 5.02 13.28 -31.84
C ARG A 993 5.77 13.16 -30.50
N PRO A 994 7.06 13.57 -30.42
CA PRO A 994 7.77 13.63 -29.14
C PRO A 994 7.06 14.53 -28.12
N ALA A 995 7.22 14.21 -26.84
CA ALA A 995 6.53 14.92 -25.76
C ALA A 995 6.91 16.41 -25.72
N GLU A 996 8.19 16.74 -25.98
CA GLU A 996 8.68 18.11 -26.01
C GLU A 996 8.02 18.95 -27.11
N GLU A 997 7.62 18.31 -28.22
CA GLU A 997 7.08 19.01 -29.38
C GLU A 997 5.68 19.57 -29.10
N TRP A 998 4.91 18.94 -28.19
CA TRP A 998 3.60 19.43 -27.80
C TRP A 998 3.67 20.75 -27.01
N LEU A 999 4.85 21.15 -26.50
CA LEU A 999 5.01 22.44 -25.85
C LEU A 999 4.84 23.60 -26.83
N ALA A 1000 5.08 23.37 -28.14
CA ALA A 1000 5.28 24.42 -29.13
C ALA A 1000 4.22 24.42 -30.24
N ARG A 1001 3.13 23.66 -30.08
CA ARG A 1001 2.05 23.57 -31.06
C ARG A 1001 0.73 23.30 -30.34
N PRO A 1002 -0.44 23.65 -30.92
CA PRO A 1002 -1.72 23.40 -30.25
C PRO A 1002 -2.02 21.90 -30.15
N LEU A 1003 -2.54 21.48 -28.99
CA LEU A 1003 -2.88 20.09 -28.72
C LEU A 1003 -4.02 19.63 -29.63
N PRO A 1004 -4.18 18.30 -29.85
CA PRO A 1004 -5.21 17.76 -30.73
C PRO A 1004 -6.65 18.22 -30.46
N GLU A 1005 -7.45 18.18 -31.52
CA GLU A 1005 -8.89 18.42 -31.43
C GLU A 1005 -9.57 17.26 -30.69
N GLY A 1006 -10.26 17.58 -29.59
CA GLY A 1006 -10.94 16.60 -28.75
C GLY A 1006 -10.56 16.73 -27.27
N LEU A 1007 -9.30 17.07 -26.98
CA LEU A 1007 -8.85 17.26 -25.60
C LEU A 1007 -9.48 18.51 -24.94
N GLN A 1008 -10.20 19.35 -25.71
CA GLN A 1008 -10.86 20.53 -25.15
C GLN A 1008 -11.93 20.14 -24.12
N ALA A 1009 -12.58 18.98 -24.32
CA ALA A 1009 -13.52 18.42 -23.36
C ALA A 1009 -12.83 17.96 -22.07
N PHE A 1010 -11.57 17.51 -22.16
CA PHE A 1010 -10.76 17.13 -21.01
C PHE A 1010 -10.30 18.38 -20.23
N GLY A 1011 -9.83 19.39 -20.96
CA GLY A 1011 -9.50 20.68 -20.36
C GLY A 1011 -10.66 21.31 -19.59
N ALA A 1012 -11.88 21.19 -20.11
CA ALA A 1012 -13.08 21.74 -19.48
C ALA A 1012 -13.32 21.20 -18.06
N VAL A 1013 -12.91 19.96 -17.77
CA VAL A 1013 -13.03 19.40 -16.43
C VAL A 1013 -12.09 20.11 -15.46
N LEU A 1014 -10.86 20.42 -15.90
CA LEU A 1014 -9.88 21.13 -15.09
C LEU A 1014 -10.32 22.58 -14.86
N VAL A 1015 -10.89 23.23 -15.88
CA VAL A 1015 -11.43 24.58 -15.76
C VAL A 1015 -12.58 24.62 -14.77
N ASP A 1016 -13.50 23.65 -14.86
CA ASP A 1016 -14.61 23.54 -13.93
C ASP A 1016 -14.13 23.27 -12.50
N ALA A 1017 -13.10 22.41 -12.34
CA ALA A 1017 -12.51 22.12 -11.03
C ALA A 1017 -11.88 23.37 -10.41
N HIS A 1018 -11.13 24.13 -11.19
CA HIS A 1018 -10.53 25.40 -10.77
C HIS A 1018 -11.61 26.39 -10.32
N ARG A 1019 -12.64 26.57 -11.15
CA ARG A 1019 -13.84 27.34 -10.83
C ARG A 1019 -14.47 26.88 -9.50
N ARG A 1020 -14.69 25.56 -9.33
CA ARG A 1020 -15.32 24.98 -8.16
C ARG A 1020 -14.56 25.18 -6.84
N ILE A 1021 -13.28 25.59 -6.87
CA ILE A 1021 -12.56 26.00 -5.65
C ILE A 1021 -12.92 27.46 -5.33
N THR A 1022 -13.00 28.31 -6.36
CA THR A 1022 -13.23 29.75 -6.23
C THR A 1022 -14.70 30.12 -5.99
N ASP A 1023 -15.65 29.22 -6.33
CA ASP A 1023 -17.08 29.46 -6.16
C ASP A 1023 -17.45 29.73 -4.69
N PRO A 1024 -18.20 30.81 -4.36
CA PRO A 1024 -18.59 31.12 -2.98
C PRO A 1024 -19.71 30.26 -2.38
N GLU A 1025 -20.51 29.58 -3.22
CA GLU A 1025 -21.68 28.84 -2.75
C GLU A 1025 -21.33 27.42 -2.27
N ARG A 1026 -20.04 27.03 -2.25
CA ARG A 1026 -19.63 25.64 -2.08
C ARG A 1026 -19.85 25.08 -0.67
N ASP A 1027 -20.10 23.76 -0.64
CA ASP A 1027 -19.95 22.92 0.53
C ASP A 1027 -18.47 22.74 0.87
N ILE A 1028 -18.00 23.45 1.90
CA ILE A 1028 -16.60 23.43 2.33
C ILE A 1028 -16.19 22.00 2.72
N GLN A 1029 -17.16 21.16 3.12
CA GLN A 1029 -16.92 19.77 3.52
C GLN A 1029 -16.23 18.94 2.44
N ASP A 1030 -16.40 19.32 1.15
CA ASP A 1030 -15.80 18.63 0.02
C ASP A 1030 -14.27 18.76 -0.01
N PHE A 1031 -13.72 19.76 0.71
CA PHE A 1031 -12.30 20.10 0.72
C PHE A 1031 -11.60 19.78 2.04
N VAL A 1032 -12.30 19.14 2.99
CA VAL A 1032 -11.79 18.89 4.34
C VAL A 1032 -10.71 17.80 4.33
N LEU A 1033 -9.53 18.18 4.86
CA LEU A 1033 -8.46 17.29 5.29
C LEU A 1033 -8.64 16.96 6.77
N THR A 1034 -7.99 15.91 7.30
CA THR A 1034 -8.04 15.67 8.75
C THR A 1034 -6.85 14.81 9.24
N ALA A 1035 -6.49 15.00 10.53
CA ALA A 1035 -5.41 14.27 11.21
C ALA A 1035 -5.70 14.15 12.71
N GLU A 1036 -5.17 13.12 13.39
CA GLU A 1036 -5.31 12.98 14.84
C GLU A 1036 -4.04 13.40 15.57
N LEU A 1037 -4.18 14.19 16.66
CA LEU A 1037 -3.07 14.46 17.57
C LEU A 1037 -2.62 13.15 18.22
N SER A 1038 -1.36 12.76 17.97
CA SER A 1038 -0.76 11.55 18.54
C SER A 1038 -0.47 11.68 20.03
N ARG A 1039 -0.26 12.94 20.49
CA ARG A 1039 0.11 13.28 21.86
C ARG A 1039 -0.22 14.76 22.11
N HIS A 1040 -0.11 15.21 23.37
CA HIS A 1040 -0.42 16.58 23.73
C HIS A 1040 0.47 17.57 22.98
N PRO A 1041 -0.06 18.67 22.36
CA PRO A 1041 0.71 19.54 21.47
C PRO A 1041 2.07 20.06 21.87
N ARG A 1042 2.34 20.21 23.17
CA ARG A 1042 3.66 20.64 23.65
C ARG A 1042 4.78 19.66 23.28
N ALA A 1043 4.46 18.37 23.10
CA ALA A 1043 5.46 17.32 22.93
C ALA A 1043 5.93 17.14 21.48
N TYR A 1044 5.41 17.95 20.53
CA TYR A 1044 5.81 17.88 19.12
C TYR A 1044 7.18 18.52 18.87
N THR A 1045 7.98 17.89 17.97
CA THR A 1045 9.30 18.39 17.59
C THR A 1045 9.16 19.53 16.58
N ASN A 1046 8.39 19.28 15.51
CA ASN A 1046 8.07 20.27 14.49
C ASN A 1046 6.68 20.85 14.77
N LYS A 1047 6.57 22.19 14.85
CA LYS A 1047 5.34 22.86 15.24
C LYS A 1047 4.40 23.07 14.04
N ARG A 1048 4.95 23.10 12.81
CA ARG A 1048 4.18 23.30 11.59
C ARG A 1048 3.69 21.96 11.02
N LEU A 1049 2.45 21.57 11.37
CA LEU A 1049 1.83 20.32 10.91
C LEU A 1049 0.35 20.49 10.53
N ALA A 1050 -0.08 21.73 10.23
CA ALA A 1050 -1.44 22.11 9.86
C ALA A 1050 -2.46 21.90 11.00
N HIS A 1051 -2.67 20.67 11.47
CA HIS A 1051 -3.65 20.38 12.51
C HIS A 1051 -3.27 20.98 13.87
N LEU A 1052 -1.96 21.18 14.13
CA LEU A 1052 -1.50 21.94 15.28
C LEU A 1052 -1.91 23.41 15.20
N THR A 1053 -1.80 24.02 14.01
CA THR A 1053 -2.23 25.41 13.80
C THR A 1053 -3.71 25.55 14.15
N VAL A 1054 -4.54 24.60 13.69
CA VAL A 1054 -5.97 24.62 13.98
C VAL A 1054 -6.23 24.44 15.48
N TYR A 1055 -5.46 23.60 16.19
CA TYR A 1055 -5.57 23.50 17.64
C TYR A 1055 -5.37 24.87 18.31
N TYR A 1056 -4.29 25.58 17.95
CA TYR A 1056 -3.99 26.88 18.55
C TYR A 1056 -4.98 27.96 18.09
N LYS A 1057 -5.39 27.96 16.82
CA LYS A 1057 -6.44 28.85 16.33
C LYS A 1057 -7.77 28.65 17.06
N LEU A 1058 -8.16 27.40 17.36
CA LEU A 1058 -9.35 27.13 18.13
C LEU A 1058 -9.22 27.69 19.55
N MET A 1059 -8.14 27.37 20.25
CA MET A 1059 -8.01 27.67 21.67
C MET A 1059 -7.72 29.16 21.94
N ALA A 1060 -7.03 29.85 21.00
CA ALA A 1060 -6.72 31.27 21.15
C ALA A 1060 -7.69 32.15 20.34
N ARG A 1061 -7.50 32.22 19.01
CA ARG A 1061 -8.23 33.12 18.11
C ARG A 1061 -9.76 32.98 18.23
N ARG A 1062 -10.27 31.74 18.27
CA ARG A 1062 -11.70 31.46 18.44
C ARG A 1062 -12.12 31.35 19.92
N ALA A 1063 -11.17 31.19 20.85
CA ALA A 1063 -11.41 30.98 22.28
C ALA A 1063 -12.40 29.83 22.57
N GLN A 1064 -12.50 28.84 21.66
CA GLN A 1064 -13.27 27.62 21.89
C GLN A 1064 -12.41 26.53 22.54
N VAL A 1065 -13.04 25.54 23.16
CA VAL A 1065 -12.33 24.38 23.69
C VAL A 1065 -11.74 23.59 22.51
N PRO A 1066 -10.40 23.38 22.44
CA PRO A 1066 -9.81 22.56 21.37
C PRO A 1066 -10.03 21.09 21.67
N SER A 1067 -10.18 20.29 20.60
CA SER A 1067 -10.57 18.88 20.76
C SER A 1067 -9.41 18.07 21.36
N ILE A 1068 -9.74 17.18 22.31
CA ILE A 1068 -8.73 16.52 23.13
C ILE A 1068 -8.30 15.21 22.48
N LYS A 1069 -7.07 15.19 21.92
CA LYS A 1069 -6.36 13.99 21.48
C LYS A 1069 -7.23 13.13 20.55
N ASP A 1070 -7.79 13.76 19.49
CA ASP A 1070 -8.65 13.12 18.51
C ASP A 1070 -8.50 13.75 17.11
N ARG A 1071 -9.39 13.40 16.17
CA ARG A 1071 -9.29 13.86 14.78
C ARG A 1071 -9.71 15.34 14.64
N ILE A 1072 -8.77 16.17 14.16
CA ILE A 1072 -8.99 17.56 13.84
C ILE A 1072 -9.27 17.67 12.34
N PRO A 1073 -10.46 18.18 11.91
CA PRO A 1073 -10.70 18.51 10.51
C PRO A 1073 -10.18 19.91 10.18
N TYR A 1074 -9.70 20.11 8.95
CA TYR A 1074 -9.18 21.39 8.51
C TYR A 1074 -9.28 21.59 6.99
N VAL A 1075 -9.17 22.86 6.55
CA VAL A 1075 -9.10 23.24 5.15
C VAL A 1075 -7.97 24.26 4.99
N ILE A 1076 -7.46 24.46 3.76
CA ILE A 1076 -6.38 25.41 3.51
C ILE A 1076 -6.97 26.69 2.88
N VAL A 1077 -6.61 27.84 3.48
CA VAL A 1077 -7.20 29.14 3.17
C VAL A 1077 -6.21 30.02 2.39
N ALA A 1078 -6.73 30.94 1.58
CA ALA A 1078 -5.88 31.89 0.85
C ALA A 1078 -5.28 32.94 1.79
N GLN A 1079 -4.02 33.36 1.55
CA GLN A 1079 -3.36 34.38 2.36
C GLN A 1079 -4.06 35.74 2.22
N THR A 1080 -4.45 36.33 3.37
CA THR A 1080 -5.09 37.64 3.47
C THR A 1080 -4.75 38.31 4.81
N ARG A 1081 -5.10 39.59 4.96
CA ARG A 1081 -5.32 40.18 6.28
C ARG A 1081 -6.28 39.31 7.10
N GLU A 1082 -6.25 39.50 8.43
CA GLU A 1082 -6.85 38.61 9.42
C GLU A 1082 -6.00 37.34 9.60
N VAL A 1083 -5.65 36.67 8.48
CA VAL A 1083 -4.82 35.48 8.53
C VAL A 1083 -3.39 35.87 8.91
N GLU A 1084 -2.81 36.87 8.22
CA GLU A 1084 -1.48 37.38 8.55
C GLU A 1084 -1.38 37.88 10.00
N GLU A 1085 -2.43 38.55 10.50
CA GLU A 1085 -2.48 39.00 11.89
C GLU A 1085 -2.55 37.83 12.87
N THR A 1086 -3.50 36.89 12.67
CA THR A 1086 -3.74 35.81 13.63
C THR A 1086 -2.61 34.77 13.63
N VAL A 1087 -1.72 34.77 12.63
CA VAL A 1087 -0.49 33.99 12.64
C VAL A 1087 0.46 34.41 13.78
N ALA A 1088 0.28 35.60 14.37
CA ALA A 1088 0.98 36.01 15.58
C ALA A 1088 0.41 35.30 16.83
N ARG A 1089 0.32 33.95 16.78
CA ARG A 1089 -0.30 33.14 17.82
C ARG A 1089 0.69 32.84 18.96
N LEU A 1090 1.15 33.90 19.64
CA LEU A 1090 2.14 33.80 20.72
C LEU A 1090 1.60 32.96 21.91
N ALA A 1091 0.28 32.75 21.96
CA ALA A 1091 -0.36 31.85 22.94
C ALA A 1091 0.12 30.39 22.83
N ALA A 1092 0.82 30.04 21.75
CA ALA A 1092 1.45 28.72 21.59
C ALA A 1092 2.58 28.49 22.60
N LEU A 1093 3.14 29.57 23.19
CA LEU A 1093 4.18 29.51 24.21
C LEU A 1093 3.54 29.71 25.60
N ARG A 1094 3.87 28.81 26.55
CA ARG A 1094 3.16 28.71 27.82
C ARG A 1094 4.07 28.06 28.90
N LYS A 1133 7.04 32.35 6.43
CA LYS A 1133 7.40 33.60 7.17
C LYS A 1133 6.45 34.73 6.76
N PRO A 1134 6.30 35.81 7.57
CA PRO A 1134 5.22 36.78 7.41
C PRO A 1134 4.92 37.39 6.04
N ARG A 1135 5.91 37.49 5.13
CA ARG A 1135 5.69 38.00 3.79
C ARG A 1135 4.83 37.04 2.96
N LYS A 1136 5.12 35.72 3.05
CA LYS A 1136 4.38 34.70 2.33
C LYS A 1136 4.22 33.45 3.19
N LEU A 1137 2.98 33.19 3.63
CA LEU A 1137 2.66 32.14 4.59
C LEU A 1137 2.83 30.74 3.99
N LEU A 1138 3.18 29.78 4.87
CA LEU A 1138 3.28 28.37 4.54
C LEU A 1138 1.91 27.67 4.69
N VAL A 1139 1.76 26.50 4.06
CA VAL A 1139 0.50 25.74 4.03
C VAL A 1139 0.05 25.40 5.46
N SER A 1140 0.99 25.07 6.36
CA SER A 1140 0.69 24.81 7.76
C SER A 1140 0.14 26.04 8.50
N GLU A 1141 0.50 27.27 8.05
CA GLU A 1141 0.00 28.51 8.64
C GLU A 1141 -1.39 28.84 8.10
N LEU A 1142 -1.61 28.51 6.83
CA LEU A 1142 -2.85 28.76 6.11
C LEU A 1142 -3.95 27.73 6.41
N ALA A 1143 -3.70 26.75 7.30
CA ALA A 1143 -4.72 25.81 7.73
C ALA A 1143 -5.78 26.50 8.59
N GLU A 1144 -7.04 26.06 8.48
CA GLU A 1144 -8.16 26.69 9.16
C GLU A 1144 -9.28 25.69 9.48
N ASP A 1145 -10.08 26.00 10.51
CA ASP A 1145 -11.23 25.20 10.93
C ASP A 1145 -12.40 25.29 9.94
N PRO A 1146 -13.02 24.18 9.47
CA PRO A 1146 -14.12 24.24 8.51
C PRO A 1146 -15.35 25.02 8.99
N ALA A 1147 -15.72 24.89 10.26
CA ALA A 1147 -16.87 25.61 10.81
C ALA A 1147 -16.62 27.13 10.78
N TYR A 1148 -15.42 27.57 11.20
CA TYR A 1148 -14.99 28.96 11.07
C TYR A 1148 -14.99 29.40 9.59
N ALA A 1149 -14.47 28.56 8.70
CA ALA A 1149 -14.35 28.88 7.28
C ALA A 1149 -15.72 29.08 6.63
N ILE A 1150 -16.72 28.25 6.98
CA ILE A 1150 -18.10 28.42 6.55
C ILE A 1150 -18.68 29.73 7.12
N ALA A 1151 -18.57 29.91 8.45
CA ALA A 1151 -19.24 31.00 9.16
C ALA A 1151 -18.80 32.40 8.68
N HIS A 1152 -17.51 32.55 8.32
CA HIS A 1152 -16.97 33.83 7.86
C HIS A 1152 -16.80 33.88 6.33
N GLY A 1153 -17.24 32.86 5.61
CA GLY A 1153 -17.19 32.83 4.15
C GLY A 1153 -15.76 32.94 3.61
N VAL A 1154 -14.82 32.23 4.24
CA VAL A 1154 -13.39 32.36 3.96
C VAL A 1154 -13.04 31.69 2.62
N ALA A 1155 -12.11 32.31 1.87
CA ALA A 1155 -11.70 31.81 0.56
C ALA A 1155 -10.71 30.63 0.68
N LEU A 1156 -11.01 29.52 -0.01
CA LEU A 1156 -10.13 28.36 -0.09
C LEU A 1156 -8.91 28.65 -0.97
N ASN A 1157 -7.79 27.99 -0.64
CA ASN A 1157 -6.50 28.23 -1.29
C ASN A 1157 -6.45 27.56 -2.67
N THR A 1158 -6.60 28.36 -3.75
CA THR A 1158 -6.67 27.83 -5.11
C THR A 1158 -5.37 27.13 -5.50
N ASP A 1159 -4.22 27.71 -5.14
CA ASP A 1159 -2.92 27.14 -5.48
C ASP A 1159 -2.72 25.78 -4.79
N TYR A 1160 -3.09 25.66 -3.51
CA TYR A 1160 -2.95 24.40 -2.78
C TYR A 1160 -3.78 23.29 -3.43
N TYR A 1161 -5.11 23.49 -3.52
CA TYR A 1161 -5.99 22.43 -4.01
C TYR A 1161 -5.76 22.14 -5.49
N PHE A 1162 -5.56 23.15 -6.34
CA PHE A 1162 -5.38 22.88 -7.77
C PHE A 1162 -4.02 22.25 -8.06
N SER A 1163 -2.93 22.62 -7.36
CA SER A 1163 -1.65 21.94 -7.55
C SER A 1163 -1.71 20.49 -7.08
N HIS A 1164 -2.45 20.18 -6.01
CA HIS A 1164 -2.71 18.81 -5.61
C HIS A 1164 -3.53 18.05 -6.67
N LEU A 1165 -4.51 18.69 -7.29
CA LEU A 1165 -5.28 18.08 -8.36
C LEU A 1165 -4.40 17.73 -9.56
N LEU A 1166 -3.53 18.65 -10.00
CA LEU A 1166 -2.58 18.35 -11.06
C LEU A 1166 -1.58 17.27 -10.63
N GLY A 1167 -1.12 17.29 -9.37
CA GLY A 1167 -0.26 16.23 -8.84
C GLY A 1167 -0.91 14.85 -8.90
N ALA A 1168 -2.23 14.77 -8.65
CA ALA A 1168 -3.00 13.54 -8.77
C ALA A 1168 -3.16 13.12 -10.23
N ALA A 1169 -3.47 14.09 -11.12
CA ALA A 1169 -3.68 13.86 -12.54
C ALA A 1169 -2.40 13.38 -13.25
N CYS A 1170 -1.26 14.05 -13.01
CA CYS A 1170 -0.02 13.77 -13.72
C CYS A 1170 0.49 12.34 -13.53
N VAL A 1171 0.33 11.74 -12.35
CA VAL A 1171 0.78 10.38 -12.09
C VAL A 1171 0.13 9.37 -13.06
N THR A 1172 -1.11 9.64 -13.52
CA THR A 1172 -1.74 8.83 -14.55
C THR A 1172 -1.35 9.32 -15.95
N PHE A 1173 -1.55 10.61 -16.26
CA PHE A 1173 -1.48 11.09 -17.64
C PHE A 1173 -0.05 11.31 -18.15
N LYS A 1174 0.98 11.13 -17.30
CA LYS A 1174 2.38 11.01 -17.70
C LYS A 1174 2.56 10.12 -18.93
N ALA A 1175 1.81 9.01 -19.00
CA ALA A 1175 1.88 8.05 -20.08
C ALA A 1175 1.55 8.65 -21.46
N LEU A 1176 0.72 9.70 -21.51
CA LEU A 1176 0.36 10.38 -22.75
C LEU A 1176 1.52 11.25 -23.28
N PHE A 1177 2.46 11.64 -22.40
CA PHE A 1177 3.53 12.59 -22.72
C PHE A 1177 4.91 12.05 -22.31
N GLY A 1178 5.20 10.79 -22.69
CA GLY A 1178 6.53 10.20 -22.57
C GLY A 1178 7.10 10.18 -21.15
N ASN A 1179 6.23 10.03 -20.15
CA ASN A 1179 6.54 9.97 -18.72
C ASN A 1179 7.15 11.26 -18.15
N ASN A 1180 7.13 12.36 -18.91
CA ASN A 1180 7.69 13.62 -18.44
C ASN A 1180 6.64 14.34 -17.57
N ALA A 1181 6.82 14.32 -16.25
CA ALA A 1181 5.90 14.96 -15.31
C ALA A 1181 5.85 16.48 -15.48
N LYS A 1182 6.98 17.12 -15.79
CA LYS A 1182 7.04 18.57 -15.98
C LYS A 1182 6.27 19.02 -17.22
N ILE A 1183 6.44 18.31 -18.35
CA ILE A 1183 5.66 18.57 -19.56
C ILE A 1183 4.17 18.33 -19.31
N THR A 1184 3.83 17.20 -18.65
CA THR A 1184 2.45 16.85 -18.35
C THR A 1184 1.81 17.97 -17.53
N GLU A 1185 2.40 18.36 -16.39
CA GLU A 1185 1.85 19.41 -15.54
C GLU A 1185 1.76 20.75 -16.28
N SER A 1186 2.78 21.11 -17.07
CA SER A 1186 2.79 22.34 -17.85
C SER A 1186 1.63 22.41 -18.84
N LEU A 1187 1.42 21.34 -19.62
CA LEU A 1187 0.33 21.28 -20.59
C LEU A 1187 -1.04 21.29 -19.92
N LEU A 1188 -1.20 20.65 -18.75
CA LEU A 1188 -2.46 20.68 -18.03
C LEU A 1188 -2.74 22.08 -17.44
N LYS A 1189 -1.74 22.85 -17.01
CA LYS A 1189 -1.96 24.21 -16.55
C LYS A 1189 -2.54 25.11 -17.64
N ARG A 1190 -2.10 24.92 -18.90
CA ARG A 1190 -2.47 25.80 -20.01
C ARG A 1190 -3.98 25.86 -20.29
N PHE A 1191 -4.76 24.85 -19.87
CA PHE A 1191 -6.21 24.88 -20.06
C PHE A 1191 -6.90 25.99 -19.23
N ILE A 1192 -6.31 26.39 -18.09
CA ILE A 1192 -6.93 27.35 -17.17
C ILE A 1192 -6.86 28.77 -17.75
N PRO A 1193 -7.95 29.58 -17.66
CA PRO A 1193 -7.93 30.95 -18.17
C PRO A 1193 -7.10 31.90 -17.28
N GLU A 1194 -5.97 32.36 -17.82
CA GLU A 1194 -5.13 33.35 -17.13
C GLU A 1194 -5.77 34.74 -17.20
N VAL A 1195 -5.63 35.50 -16.10
CA VAL A 1195 -6.05 36.90 -16.02
C VAL A 1195 -4.98 37.72 -15.30
N TRP A 1196 -4.94 39.04 -15.57
CA TRP A 1196 -3.99 39.93 -14.90
C TRP A 1196 -4.64 41.28 -14.58
N HIS A 1197 -4.42 41.76 -13.36
CA HIS A 1197 -4.89 43.08 -12.91
C HIS A 1197 -3.87 43.71 -11.95
N PRO A 1198 -3.73 45.05 -11.90
CA PRO A 1198 -2.98 45.70 -10.83
C PRO A 1198 -3.71 45.55 -9.49
N PRO A 1199 -2.99 45.54 -8.35
CA PRO A 1199 -3.62 45.56 -7.03
C PRO A 1199 -4.57 46.74 -6.85
N ASP A 1200 -5.55 46.59 -5.95
CA ASP A 1200 -6.63 47.56 -5.75
C ASP A 1200 -6.11 48.96 -5.40
N ASP A 1201 -5.11 49.02 -4.51
CA ASP A 1201 -4.48 50.25 -4.07
C ASP A 1201 -3.77 50.95 -5.24
N VAL A 1202 -2.97 50.17 -5.98
CA VAL A 1202 -2.21 50.65 -7.13
C VAL A 1202 -3.15 51.20 -8.20
N ALA A 1203 -4.23 50.47 -8.50
CA ALA A 1203 -5.23 50.90 -9.47
C ALA A 1203 -5.86 52.24 -9.09
N ALA A 1204 -6.18 52.43 -7.80
CA ALA A 1204 -6.75 53.69 -7.31
C ALA A 1204 -5.75 54.85 -7.49
N ARG A 1205 -4.50 54.67 -7.03
CA ARG A 1205 -3.46 55.69 -7.17
C ARG A 1205 -3.27 56.10 -8.63
N LEU A 1206 -3.08 55.12 -9.53
CA LEU A 1206 -2.84 55.40 -10.94
C LEU A 1206 -4.03 56.12 -11.59
N ARG A 1207 -5.28 55.77 -11.25
CA ARG A 1207 -6.43 56.52 -11.72
C ARG A 1207 -6.43 57.98 -11.23
N THR A 1208 -6.05 58.24 -9.97
CA THR A 1208 -5.91 59.61 -9.47
C THR A 1208 -4.70 60.34 -10.09
N ALA A 1209 -3.72 59.60 -10.63
CA ALA A 1209 -2.62 60.14 -11.42
C ALA A 1209 -2.99 60.32 -12.90
N GLY A 1210 -4.26 60.11 -13.27
CA GLY A 1210 -4.75 60.39 -14.61
C GLY A 1210 -4.45 59.29 -15.65
N PHE A 1211 -3.95 58.12 -15.22
CA PHE A 1211 -3.75 57.00 -16.13
C PHE A 1211 -5.10 56.49 -16.66
N GLY A 1212 -5.13 56.13 -17.95
CA GLY A 1212 -6.34 55.57 -18.56
C GLY A 1212 -6.31 54.04 -18.58
N ALA A 1213 -7.50 53.43 -18.66
CA ALA A 1213 -7.64 51.98 -18.59
C ALA A 1213 -7.63 51.35 -19.98
N VAL A 1214 -6.70 50.41 -20.20
CA VAL A 1214 -6.64 49.56 -21.38
C VAL A 1214 -7.06 48.15 -20.99
N GLY A 1215 -7.88 47.51 -21.83
CA GLY A 1215 -8.32 46.14 -21.60
C GLY A 1215 -9.83 46.06 -21.29
N ALA A 1216 -10.18 45.23 -20.31
CA ALA A 1216 -11.57 45.00 -19.92
C ALA A 1216 -12.19 46.24 -19.27
N GLY A 1217 -13.53 46.27 -19.23
CA GLY A 1217 -14.28 47.38 -18.64
C GLY A 1217 -14.40 48.59 -19.58
N ALA A 1218 -14.04 48.41 -20.86
CA ALA A 1218 -14.11 49.45 -21.88
C ALA A 1218 -14.35 48.82 -23.25
N THR A 1219 -14.99 49.58 -24.17
CA THR A 1219 -15.24 49.11 -25.53
C THR A 1219 -13.93 49.07 -26.33
N ALA A 1220 -13.92 48.31 -27.44
CA ALA A 1220 -12.71 48.07 -28.23
C ALA A 1220 -12.04 49.36 -28.71
N GLU A 1221 -12.83 50.33 -29.21
CA GLU A 1221 -12.29 51.59 -29.70
C GLU A 1221 -11.78 52.49 -28.57
N GLU A 1222 -12.34 52.38 -27.36
CA GLU A 1222 -11.82 53.08 -26.19
C GLU A 1222 -10.43 52.53 -25.82
N THR A 1223 -10.29 51.20 -25.77
CA THR A 1223 -9.00 50.54 -25.53
C THR A 1223 -7.98 50.93 -26.59
N ARG A 1224 -8.36 50.87 -27.87
CA ARG A 1224 -7.49 51.21 -28.99
C ARG A 1224 -7.03 52.66 -28.93
N ARG A 1225 -7.97 53.61 -28.79
CA ARG A 1225 -7.64 55.02 -28.72
C ARG A 1225 -6.79 55.33 -27.48
N MET A 1226 -7.03 54.63 -26.37
CA MET A 1226 -6.22 54.79 -25.17
C MET A 1226 -4.77 54.32 -25.41
N LEU A 1227 -4.58 53.20 -26.12
CA LEU A 1227 -3.23 52.79 -26.52
C LEU A 1227 -2.57 53.83 -27.43
N HIS A 1228 -3.32 54.45 -28.36
CA HIS A 1228 -2.75 55.51 -29.19
C HIS A 1228 -2.27 56.68 -28.32
N ARG A 1229 -3.03 57.07 -27.29
CA ARG A 1229 -2.57 58.06 -26.33
C ARG A 1229 -1.29 57.58 -25.62
N ALA A 1230 -1.25 56.32 -25.18
CA ALA A 1230 -0.13 55.79 -24.43
C ALA A 1230 1.19 55.84 -25.24
N PHE A 1231 1.16 55.43 -26.51
CA PHE A 1231 2.32 55.52 -27.38
C PHE A 1231 2.75 56.97 -27.64
N ASP A 1232 1.80 57.92 -27.71
CA ASP A 1232 2.11 59.33 -27.93
C ASP A 1232 2.76 59.98 -26.69
N THR A 1233 2.31 59.61 -25.48
CA THR A 1233 2.88 60.12 -24.22
C THR A 1233 4.27 59.54 -23.96
N LEU A 1234 4.45 58.24 -24.25
CA LEU A 1234 5.71 57.53 -24.00
C LEU A 1234 6.76 57.72 -25.10
N ALA A 1235 6.50 58.58 -26.09
CA ALA A 1235 7.44 58.91 -27.16
C ALA A 1235 8.70 59.62 -26.65
N GLY B 28 -1.38 32.91 -44.45
CA GLY B 28 -0.74 32.93 -43.12
C GLY B 28 -1.68 33.44 -42.04
N ALA B 29 -1.11 33.75 -40.87
CA ALA B 29 -1.86 34.23 -39.71
C ALA B 29 -2.56 35.57 -39.99
N PRO B 30 -3.67 35.90 -39.30
CA PRO B 30 -4.32 37.20 -39.45
C PRO B 30 -3.49 38.34 -38.86
N CYS B 31 -2.79 38.07 -37.75
CA CYS B 31 -1.85 39.00 -37.14
C CYS B 31 -0.42 38.45 -37.26
N GLN B 32 0.50 39.26 -37.77
CA GLN B 32 1.88 38.83 -37.99
C GLN B 32 2.85 39.99 -37.77
N VAL B 33 3.96 39.70 -37.08
CA VAL B 33 5.02 40.66 -36.81
C VAL B 33 6.36 40.00 -37.15
N VAL B 34 7.25 40.72 -37.85
CA VAL B 34 8.51 40.16 -38.33
C VAL B 34 9.67 41.12 -38.02
N LEU B 35 10.81 40.55 -37.59
CA LEU B 35 12.07 41.28 -37.45
C LEU B 35 13.18 40.53 -38.19
N GLN B 36 13.94 41.26 -39.01
CA GLN B 36 15.17 40.75 -39.63
C GLN B 36 16.12 41.93 -39.92
N GLY B 37 17.40 41.64 -40.15
CA GLY B 37 18.35 42.64 -40.64
C GLY B 37 18.42 43.90 -39.79
N ALA B 38 18.21 45.07 -40.42
CA ALA B 38 18.33 46.38 -39.78
C ALA B 38 17.33 46.57 -38.64
N GLU B 39 16.06 46.14 -38.83
CA GLU B 39 15.04 46.29 -37.81
C GLU B 39 15.33 45.41 -36.60
N LEU B 40 15.82 44.18 -36.83
CA LEU B 40 16.21 43.29 -35.74
C LEU B 40 17.40 43.88 -34.95
N ASN B 41 18.40 44.42 -35.64
CA ASN B 41 19.51 45.11 -34.98
C ASN B 41 19.01 46.30 -34.13
N GLY B 42 17.98 47.01 -34.61
CA GLY B 42 17.33 48.07 -33.84
C GLY B 42 16.72 47.57 -32.52
N ILE B 43 15.96 46.46 -32.56
CA ILE B 43 15.34 45.91 -31.35
C ILE B 43 16.41 45.30 -30.42
N LEU B 44 17.43 44.62 -30.98
CA LEU B 44 18.52 44.11 -30.18
C LEU B 44 19.26 45.24 -29.44
N GLN B 45 19.56 46.35 -30.13
CA GLN B 45 20.16 47.51 -29.49
C GLN B 45 19.26 48.11 -28.40
N ALA B 46 17.93 48.08 -28.59
CA ALA B 46 16.98 48.58 -27.58
C ALA B 46 16.95 47.70 -26.33
N PHE B 47 17.10 46.38 -26.46
CA PHE B 47 17.11 45.48 -25.30
C PHE B 47 18.49 45.29 -24.67
N ALA B 48 19.58 45.60 -25.39
CA ALA B 48 20.94 45.38 -24.90
C ALA B 48 21.20 46.00 -23.51
N PRO B 49 20.85 47.29 -23.21
CA PRO B 49 21.04 47.84 -21.86
C PRO B 49 20.01 47.38 -20.83
N LEU B 50 18.87 46.83 -21.26
CA LEU B 50 17.78 46.45 -20.37
C LEU B 50 18.03 45.10 -19.69
N ARG B 51 18.96 44.29 -20.20
CA ARG B 51 19.35 43.05 -19.54
C ARG B 51 18.13 42.20 -19.18
N THR B 52 17.99 41.84 -17.89
CA THR B 52 16.97 40.92 -17.41
C THR B 52 15.71 41.66 -16.92
N SER B 53 15.65 43.00 -17.02
CA SER B 53 14.65 43.81 -16.33
C SER B 53 13.22 43.64 -16.87
N LEU B 54 13.05 43.10 -18.09
CA LEU B 54 11.73 43.02 -18.71
C LEU B 54 11.23 41.58 -18.90
N LEU B 55 11.98 40.53 -18.47
CA LEU B 55 11.65 39.16 -18.84
C LEU B 55 10.29 38.72 -18.29
N ASP B 56 9.93 39.15 -17.07
CA ASP B 56 8.59 38.98 -16.54
C ASP B 56 7.84 40.31 -16.69
N SER B 57 6.79 40.31 -17.53
CA SER B 57 6.15 41.53 -18.01
C SER B 57 4.85 41.20 -18.74
N LEU B 58 4.05 42.24 -19.02
CA LEU B 58 2.85 42.13 -19.84
C LEU B 58 3.12 42.74 -21.21
N LEU B 59 2.87 41.97 -22.28
CA LEU B 59 2.91 42.44 -23.66
C LEU B 59 1.49 42.81 -24.08
N VAL B 60 1.28 44.05 -24.55
CA VAL B 60 -0.03 44.48 -25.04
C VAL B 60 0.12 44.88 -26.51
N MET B 61 -0.71 44.30 -27.38
CA MET B 61 -0.52 44.41 -28.82
C MET B 61 -1.77 44.97 -29.49
N GLY B 62 -1.55 45.82 -30.51
CA GLY B 62 -2.61 46.43 -31.29
C GLY B 62 -2.06 46.99 -32.60
N ASP B 63 -2.89 47.76 -33.33
CA ASP B 63 -2.51 48.30 -34.64
C ASP B 63 -1.36 49.31 -34.56
N ARG B 64 -1.06 49.84 -33.36
CA ARG B 64 0.00 50.85 -33.16
C ARG B 64 1.38 50.23 -32.95
N GLY B 65 1.43 49.03 -32.33
CA GLY B 65 2.70 48.39 -31.99
C GLY B 65 2.54 47.48 -30.75
N ILE B 66 3.67 47.11 -30.14
CA ILE B 66 3.69 46.33 -28.91
C ILE B 66 4.09 47.24 -27.75
N LEU B 67 3.23 47.33 -26.73
CA LEU B 67 3.56 48.04 -25.50
C LEU B 67 3.91 47.01 -24.44
N ILE B 68 5.10 47.15 -23.84
CA ILE B 68 5.56 46.22 -22.83
C ILE B 68 5.49 46.92 -21.47
N HIS B 69 4.90 46.25 -20.47
CA HIS B 69 4.64 46.83 -19.15
C HIS B 69 5.21 45.95 -18.04
N ASN B 70 5.79 46.58 -17.01
CA ASN B 70 6.32 45.90 -15.84
C ASN B 70 6.31 46.86 -14.63
N THR B 71 6.47 46.32 -13.40
CA THR B 71 6.74 47.14 -12.23
C THR B 71 8.08 46.74 -11.58
N ILE B 72 8.95 47.73 -11.37
CA ILE B 72 10.26 47.53 -10.74
C ILE B 72 10.29 48.30 -9.42
N PHE B 73 10.58 47.59 -8.31
CA PHE B 73 10.52 48.12 -6.95
C PHE B 73 9.18 48.81 -6.65
N GLY B 74 8.10 48.40 -7.34
CA GLY B 74 6.77 48.98 -7.14
C GLY B 74 6.44 50.13 -8.10
N GLU B 75 7.44 50.68 -8.81
CA GLU B 75 7.24 51.79 -9.75
C GLU B 75 6.86 51.25 -11.14
N GLN B 76 6.06 52.01 -11.90
CA GLN B 76 5.57 51.59 -13.21
C GLN B 76 6.65 51.78 -14.28
N VAL B 77 6.83 50.77 -15.16
CA VAL B 77 7.84 50.79 -16.23
C VAL B 77 7.22 50.36 -17.56
N PHE B 78 7.50 51.12 -18.63
CA PHE B 78 6.95 50.86 -19.96
C PHE B 78 8.03 50.88 -21.04
N LEU B 79 7.90 50.01 -22.04
CA LEU B 79 8.70 50.07 -23.25
C LEU B 79 7.78 49.95 -24.46
N PRO B 80 7.47 51.06 -25.17
CA PRO B 80 6.71 51.00 -26.41
C PRO B 80 7.61 50.63 -27.59
N LEU B 81 7.20 49.63 -28.35
CA LEU B 81 7.79 49.32 -29.65
C LEU B 81 6.77 49.65 -30.73
N GLU B 82 7.02 50.73 -31.48
CA GLU B 82 6.14 51.18 -32.55
C GLU B 82 6.17 50.20 -33.73
N HIS B 83 5.03 50.03 -34.42
CA HIS B 83 4.92 49.21 -35.62
C HIS B 83 5.98 49.57 -36.68
N SER B 84 6.41 50.84 -36.70
CA SER B 84 7.45 51.35 -37.59
C SER B 84 8.83 50.69 -37.40
N GLN B 85 9.06 50.07 -36.24
CA GLN B 85 10.36 49.50 -35.88
C GLN B 85 10.49 48.01 -36.25
N PHE B 86 9.51 47.46 -36.98
CA PHE B 86 9.48 46.07 -37.39
C PHE B 86 9.59 45.94 -38.91
N SER B 87 10.18 44.82 -39.38
CA SER B 87 10.33 44.55 -40.81
C SER B 87 8.97 44.41 -41.50
N ARG B 88 8.02 43.80 -40.78
CA ARG B 88 6.61 43.71 -41.19
C ARG B 88 5.75 43.76 -39.93
N TYR B 89 4.65 44.52 -39.98
CA TYR B 89 3.71 44.58 -38.88
C TYR B 89 2.29 44.64 -39.42
N ARG B 90 1.49 43.62 -39.11
CA ARG B 90 0.12 43.49 -39.63
C ARG B 90 -0.79 43.01 -38.50
N TRP B 91 -1.89 43.75 -38.27
CA TRP B 91 -2.79 43.50 -37.16
C TRP B 91 -4.25 43.52 -37.63
N ARG B 92 -5.08 42.63 -37.07
CA ARG B 92 -6.54 42.64 -37.26
C ARG B 92 -7.24 42.25 -35.96
N GLY B 93 -8.44 42.81 -35.74
CA GLY B 93 -9.25 42.48 -34.57
C GLY B 93 -8.80 43.24 -33.32
N PRO B 94 -9.38 42.90 -32.13
CA PRO B 94 -9.13 43.63 -30.89
C PRO B 94 -7.67 43.65 -30.43
N THR B 95 -7.36 44.54 -29.48
CA THR B 95 -6.11 44.47 -28.71
C THR B 95 -5.95 43.08 -28.08
N ALA B 96 -4.70 42.62 -27.97
CA ALA B 96 -4.37 41.36 -27.30
C ALA B 96 -3.38 41.62 -26.17
N ALA B 97 -3.39 40.79 -25.13
CA ALA B 97 -2.43 40.89 -24.05
C ALA B 97 -1.89 39.51 -23.65
N PHE B 98 -0.57 39.41 -23.47
CA PHE B 98 0.11 38.17 -23.14
C PHE B 98 1.09 38.42 -22.00
N LEU B 99 1.13 37.54 -20.98
CA LEU B 99 2.22 37.57 -20.02
C LEU B 99 3.45 36.93 -20.65
N SER B 100 4.63 37.55 -20.44
CA SER B 100 5.86 37.15 -21.11
C SER B 100 6.33 35.75 -20.72
N LEU B 101 6.00 35.28 -19.51
CA LEU B 101 6.44 33.97 -19.05
C LEU B 101 5.57 32.85 -19.62
N VAL B 102 6.25 31.83 -20.18
CA VAL B 102 5.65 30.62 -20.72
C VAL B 102 5.97 29.46 -19.77
N ASP B 103 4.93 28.74 -19.33
CA ASP B 103 5.06 27.64 -18.37
C ASP B 103 5.84 28.05 -17.10
N GLN B 104 5.75 29.33 -16.72
CA GLN B 104 6.41 29.93 -15.56
C GLN B 104 7.95 29.88 -15.64
N LYS B 105 8.53 29.48 -16.79
CA LYS B 105 10.00 29.33 -16.92
C LYS B 105 10.57 30.28 -17.97
N ARG B 106 10.39 29.97 -19.27
CA ARG B 106 10.99 30.74 -20.36
C ARG B 106 10.20 32.01 -20.65
N SER B 107 10.89 33.08 -21.07
CA SER B 107 10.25 34.35 -21.41
C SER B 107 10.22 34.55 -22.92
N LEU B 108 9.09 35.04 -23.46
CA LEU B 108 9.00 35.46 -24.86
C LEU B 108 10.09 36.47 -25.22
N LEU B 109 10.46 37.37 -24.29
CA LEU B 109 11.44 38.41 -24.56
C LEU B 109 12.90 37.95 -24.43
N SER B 110 13.17 36.67 -24.10
CA SER B 110 14.53 36.16 -23.94
C SER B 110 15.37 36.37 -25.21
N VAL B 111 14.75 36.20 -26.39
CA VAL B 111 15.43 36.24 -27.67
C VAL B 111 16.18 37.57 -27.87
N PHE B 112 15.73 38.65 -27.22
CA PHE B 112 16.33 39.96 -27.40
C PHE B 112 17.46 40.29 -26.41
N ARG B 113 17.75 39.43 -25.41
CA ARG B 113 18.87 39.68 -24.51
C ARG B 113 20.19 39.65 -25.29
N ALA B 114 21.17 40.44 -24.81
CA ALA B 114 22.32 40.90 -25.57
C ALA B 114 23.16 39.76 -26.19
N ASN B 115 23.21 38.58 -25.53
CA ASN B 115 24.03 37.45 -25.97
C ASN B 115 23.27 36.11 -25.92
N GLN B 116 21.93 36.12 -26.01
CA GLN B 116 21.14 34.91 -25.80
C GLN B 116 21.32 33.92 -26.95
N TYR B 117 21.20 34.43 -28.19
CA TYR B 117 21.37 33.65 -29.41
C TYR B 117 22.31 34.43 -30.34
N PRO B 118 23.65 34.24 -30.24
CA PRO B 118 24.63 35.03 -31.01
C PRO B 118 24.46 35.05 -32.53
N ASP B 119 23.90 33.97 -33.10
CA ASP B 119 23.76 33.82 -34.55
C ASP B 119 22.42 34.33 -35.08
N LEU B 120 21.60 34.98 -34.24
CA LEU B 120 20.21 35.31 -34.55
C LEU B 120 20.08 36.10 -35.87
N ARG B 121 19.12 35.70 -36.71
CA ARG B 121 18.96 36.22 -38.06
C ARG B 121 17.58 36.85 -38.31
N ARG B 122 16.52 36.24 -37.76
CA ARG B 122 15.14 36.65 -38.00
C ARG B 122 14.23 36.12 -36.88
N VAL B 123 13.16 36.88 -36.57
CA VAL B 123 12.17 36.51 -35.56
C VAL B 123 10.76 36.80 -36.09
N GLU B 124 9.81 35.88 -35.84
CA GLU B 124 8.41 36.13 -36.14
C GLU B 124 7.53 35.95 -34.91
N LEU B 125 6.51 36.80 -34.79
CA LEU B 125 5.32 36.52 -33.99
C LEU B 125 4.16 36.27 -34.94
N ALA B 126 3.48 35.13 -34.79
CA ALA B 126 2.23 34.86 -35.47
C ALA B 126 1.12 34.73 -34.42
N ILE B 127 0.05 35.54 -34.54
CA ILE B 127 -1.06 35.48 -33.60
C ILE B 127 -2.31 35.02 -34.35
N THR B 128 -2.92 33.92 -33.88
CA THR B 128 -3.96 33.19 -34.60
C THR B 128 -5.15 32.89 -33.69
N GLY B 129 -6.33 32.66 -34.28
CA GLY B 129 -7.54 32.29 -33.56
C GLY B 129 -8.54 33.45 -33.47
N GLN B 130 -9.48 33.35 -32.51
CA GLN B 130 -10.55 34.32 -32.32
C GLN B 130 -10.58 34.78 -30.86
N ALA B 131 -10.76 36.10 -30.64
CA ALA B 131 -10.76 36.68 -29.31
C ALA B 131 -11.91 36.13 -28.47
N PRO B 132 -11.78 35.96 -27.13
CA PRO B 132 -10.55 36.18 -26.36
C PRO B 132 -9.64 34.95 -26.18
N PHE B 133 -9.57 34.09 -27.21
CA PHE B 133 -8.80 32.83 -27.11
C PHE B 133 -7.74 32.70 -28.21
N ARG B 134 -7.14 33.83 -28.63
CA ARG B 134 -6.06 33.81 -29.60
C ARG B 134 -4.76 33.29 -28.99
N THR B 135 -3.92 32.65 -29.83
CA THR B 135 -2.63 32.12 -29.42
C THR B 135 -1.52 32.82 -30.20
N LEU B 136 -0.47 33.26 -29.48
CA LEU B 136 0.76 33.76 -30.06
C LEU B 136 1.77 32.61 -30.16
N VAL B 137 2.37 32.45 -31.34
CA VAL B 137 3.52 31.57 -31.52
C VAL B 137 4.71 32.42 -31.97
N GLN B 138 5.83 32.29 -31.24
CA GLN B 138 7.07 33.00 -31.56
C GLN B 138 8.09 32.02 -32.14
N ARG B 139 8.63 32.37 -33.32
CA ARG B 139 9.58 31.54 -34.06
C ARG B 139 10.90 32.29 -34.29
N ILE B 140 12.00 31.52 -34.36
CA ILE B 140 13.36 32.04 -34.29
C ILE B 140 14.21 31.40 -35.39
N TRP B 141 15.01 32.21 -36.10
CA TRP B 141 15.94 31.73 -37.12
C TRP B 141 17.36 32.22 -36.84
N THR B 142 18.37 31.37 -37.14
CA THR B 142 19.78 31.71 -36.96
C THR B 142 20.57 31.58 -38.27
N THR B 143 21.74 32.23 -38.29
CA THR B 143 22.70 32.22 -39.39
C THR B 143 23.52 30.92 -39.33
N THR B 144 23.74 30.30 -40.50
CA THR B 144 24.53 29.07 -40.62
C THR B 144 25.52 29.17 -41.81
N SER B 145 25.94 28.02 -42.38
CA SER B 145 26.89 27.99 -43.48
C SER B 145 26.43 28.85 -44.68
N ASP B 146 27.37 29.59 -45.28
CA ASP B 146 27.12 30.50 -46.40
C ASP B 146 26.02 31.53 -46.07
N GLY B 147 25.88 31.86 -44.76
CA GLY B 147 24.92 32.85 -44.30
C GLY B 147 23.46 32.40 -44.28
N GLU B 148 23.17 31.12 -44.58
CA GLU B 148 21.81 30.63 -44.77
C GLU B 148 21.02 30.59 -43.45
N ALA B 149 19.71 30.89 -43.54
CA ALA B 149 18.79 30.85 -42.40
C ALA B 149 18.36 29.42 -42.06
N VAL B 150 18.38 29.08 -40.76
CA VAL B 150 17.81 27.83 -40.26
C VAL B 150 16.89 28.13 -39.08
N GLU B 151 15.68 27.55 -39.06
CA GLU B 151 14.76 27.71 -37.95
C GLU B 151 15.25 26.92 -36.72
N LEU B 152 15.43 27.63 -35.60
CA LEU B 152 15.94 27.06 -34.36
C LEU B 152 14.78 26.46 -33.56
N ALA B 153 14.19 25.39 -34.11
CA ALA B 153 12.84 24.94 -33.80
C ALA B 153 12.62 24.58 -32.33
N SER B 154 13.67 24.10 -31.63
CA SER B 154 13.60 23.74 -30.21
C SER B 154 13.22 24.92 -29.32
N GLU B 155 13.53 26.16 -29.75
CA GLU B 155 13.35 27.35 -28.94
C GLU B 155 11.96 27.97 -29.09
N THR B 156 11.10 27.43 -29.96
CA THR B 156 9.78 27.96 -30.27
C THR B 156 8.93 28.10 -29.00
N LEU B 157 8.19 29.20 -28.87
CA LEU B 157 7.33 29.47 -27.73
C LEU B 157 5.88 29.68 -28.18
N MET B 158 4.93 29.24 -27.33
CA MET B 158 3.50 29.41 -27.59
C MET B 158 2.80 29.89 -26.31
N LYS B 159 1.90 30.89 -26.46
CA LYS B 159 1.23 31.52 -25.32
C LYS B 159 -0.17 32.00 -25.74
N ARG B 160 -1.22 31.57 -25.03
CA ARG B 160 -2.57 32.07 -25.27
C ARG B 160 -2.75 33.45 -24.60
N GLU B 161 -3.55 34.33 -25.21
CA GLU B 161 -3.84 35.65 -24.65
C GLU B 161 -4.56 35.54 -23.30
N LEU B 162 -4.47 36.60 -22.48
CA LEU B 162 -5.22 36.69 -21.24
C LEU B 162 -6.72 36.76 -21.56
N THR B 163 -7.52 35.95 -20.83
CA THR B 163 -8.96 35.86 -21.04
C THR B 163 -9.63 37.21 -20.73
N SER B 164 -9.15 37.88 -19.68
CA SER B 164 -9.42 39.28 -19.44
C SER B 164 -8.23 39.91 -18.72
N PHE B 165 -8.03 41.22 -18.94
CA PHE B 165 -6.94 41.95 -18.32
C PHE B 165 -7.33 43.41 -18.14
N VAL B 166 -6.72 44.08 -17.17
CA VAL B 166 -6.79 45.53 -17.06
C VAL B 166 -5.37 46.05 -16.85
N VAL B 167 -4.97 47.06 -17.63
CA VAL B 167 -3.71 47.75 -17.40
C VAL B 167 -3.94 49.25 -17.51
N LEU B 168 -3.32 50.01 -16.60
CA LEU B 168 -3.46 51.45 -16.55
C LEU B 168 -2.22 52.09 -17.16
N VAL B 169 -2.43 52.99 -18.14
CA VAL B 169 -1.36 53.53 -18.96
C VAL B 169 -1.33 55.06 -18.90
N PRO B 170 -0.13 55.69 -19.01
CA PRO B 170 -0.04 57.15 -19.17
C PRO B 170 -0.78 57.66 -20.39
N GLN B 171 -1.23 58.92 -20.31
CA GLN B 171 -1.91 59.59 -21.41
C GLN B 171 -1.77 61.11 -21.29
N GLY B 172 -1.98 61.81 -22.41
CA GLY B 172 -1.90 63.27 -22.45
C GLY B 172 -0.47 63.79 -22.60
N THR B 173 -0.33 65.13 -22.53
CA THR B 173 0.94 65.81 -22.74
C THR B 173 1.49 66.28 -21.39
N PRO B 174 2.79 66.05 -21.08
CA PRO B 174 3.38 66.56 -19.84
C PRO B 174 3.45 68.08 -19.85
N ASP B 175 3.29 68.66 -18.65
CA ASP B 175 3.31 70.10 -18.44
C ASP B 175 4.71 70.70 -18.67
N VAL B 176 5.77 69.95 -18.30
CA VAL B 176 7.16 70.35 -18.53
C VAL B 176 7.98 69.15 -19.00
N GLN B 177 8.90 69.37 -19.95
CA GLN B 177 9.87 68.37 -20.38
C GLN B 177 11.28 68.96 -20.33
N LEU B 178 12.24 68.23 -19.72
CA LEU B 178 13.65 68.64 -19.64
C LEU B 178 14.55 67.47 -20.06
N ARG B 179 15.51 67.71 -20.97
CA ARG B 179 16.43 66.67 -21.45
C ARG B 179 17.77 66.75 -20.71
N LEU B 180 18.18 65.63 -20.10
CA LEU B 180 19.44 65.49 -19.38
C LEU B 180 20.35 64.45 -20.07
N THR B 181 21.67 64.68 -20.01
CA THR B 181 22.66 63.84 -20.66
C THR B 181 23.00 62.61 -19.78
N ARG B 182 24.06 61.85 -20.14
CA ARG B 182 24.64 60.80 -19.30
C ARG B 182 25.18 61.36 -17.98
N PRO B 183 26.06 62.40 -17.96
CA PRO B 183 26.18 63.28 -16.80
C PRO B 183 24.91 64.13 -16.72
N GLN B 184 24.76 64.94 -15.65
CA GLN B 184 23.51 65.65 -15.36
C GLN B 184 22.46 64.70 -14.78
N LEU B 185 21.99 63.68 -15.52
CA LEU B 185 21.02 62.74 -14.96
C LEU B 185 21.64 61.95 -13.79
N THR B 186 22.87 61.45 -13.94
CA THR B 186 23.56 60.76 -12.84
C THR B 186 23.80 61.69 -11.65
N LYS B 187 24.00 63.00 -11.88
CA LYS B 187 24.08 63.98 -10.80
C LYS B 187 22.75 64.09 -10.05
N VAL B 188 21.63 64.18 -10.78
CA VAL B 188 20.28 64.25 -10.23
C VAL B 188 19.96 63.00 -9.41
N LEU B 189 20.28 61.80 -9.92
CA LEU B 189 20.06 60.56 -9.18
C LEU B 189 20.87 60.54 -7.89
N ASN B 190 22.15 60.95 -7.91
CA ASN B 190 22.98 61.00 -6.71
C ASN B 190 22.45 62.06 -5.71
N ALA B 191 21.90 63.18 -6.22
CA ALA B 191 21.34 64.25 -5.40
C ALA B 191 19.98 63.88 -4.76
N THR B 192 19.34 62.81 -5.26
CA THR B 192 18.07 62.30 -4.73
C THR B 192 18.28 61.69 -3.34
N GLY B 193 17.31 61.89 -2.43
CA GLY B 193 17.38 61.34 -1.09
C GLY B 193 17.31 59.81 -1.08
N ALA B 194 18.04 59.19 -0.14
CA ALA B 194 18.26 57.75 -0.11
C ALA B 194 17.02 56.97 0.36
N ASP B 195 16.13 57.62 1.12
CA ASP B 195 15.02 56.95 1.80
C ASP B 195 13.91 57.96 2.15
N SER B 196 12.71 57.43 2.43
CA SER B 196 11.54 58.14 2.95
C SER B 196 11.83 59.05 4.16
N ALA B 197 12.94 58.80 4.87
CA ALA B 197 13.39 59.64 5.96
C ALA B 197 13.83 61.04 5.51
N THR B 198 14.14 61.23 4.20
CA THR B 198 14.60 62.50 3.66
C THR B 198 14.04 62.72 2.25
N PRO B 199 12.86 63.38 2.11
CA PRO B 199 12.20 63.54 0.81
C PRO B 199 12.96 64.43 -0.16
N THR B 200 12.73 64.22 -1.46
CA THR B 200 13.43 64.92 -2.53
C THR B 200 12.50 65.93 -3.18
N THR B 201 12.98 67.18 -3.35
CA THR B 201 12.25 68.23 -4.03
C THR B 201 12.85 68.43 -5.42
N PHE B 202 11.99 68.44 -6.45
CA PHE B 202 12.31 68.91 -7.80
C PHE B 202 11.65 70.27 -8.00
N GLU B 203 12.39 71.25 -8.50
CA GLU B 203 11.88 72.60 -8.61
C GLU B 203 12.37 73.26 -9.90
N LEU B 204 11.50 74.06 -10.53
CA LEU B 204 11.88 74.91 -11.64
C LEU B 204 11.49 76.34 -11.29
N GLY B 205 12.50 77.19 -11.03
CA GLY B 205 12.30 78.57 -10.62
C GLY B 205 12.40 79.57 -11.78
N VAL B 206 12.40 80.85 -11.42
CA VAL B 206 12.45 81.96 -12.38
C VAL B 206 13.73 81.91 -13.20
N ASN B 207 13.67 82.33 -14.47
CA ASN B 207 14.82 82.32 -15.37
C ASN B 207 15.42 80.92 -15.48
N GLY B 208 14.57 79.90 -15.66
CA GLY B 208 15.00 78.54 -15.92
C GLY B 208 16.06 78.05 -14.92
N LYS B 209 15.75 78.13 -13.62
CA LYS B 209 16.65 77.60 -12.60
C LYS B 209 16.15 76.24 -12.12
N PHE B 210 16.42 75.17 -12.88
CA PHE B 210 16.03 73.83 -12.48
C PHE B 210 16.90 73.41 -11.30
N SER B 211 16.29 72.78 -10.28
CA SER B 211 17.06 72.32 -9.15
C SER B 211 16.43 71.06 -8.54
N VAL B 212 17.30 70.18 -7.99
CA VAL B 212 16.87 69.00 -7.26
C VAL B 212 17.62 68.97 -5.93
N PHE B 213 16.91 68.76 -4.82
CA PHE B 213 17.56 68.84 -3.51
C PHE B 213 16.79 68.07 -2.43
N THR B 214 17.47 67.88 -1.28
CA THR B 214 16.90 67.26 -0.09
C THR B 214 17.52 67.91 1.17
N THR B 215 17.50 67.24 2.32
CA THR B 215 17.98 67.81 3.59
C THR B 215 19.50 68.04 3.58
N SER B 216 20.23 67.50 2.59
CA SER B 216 21.67 67.65 2.47
C SER B 216 22.10 68.03 1.05
N THR B 217 21.97 67.09 0.09
CA THR B 217 22.44 67.29 -1.29
C THR B 217 21.55 68.26 -2.07
N CYS B 218 22.18 68.99 -3.00
CA CYS B 218 21.51 69.92 -3.89
C CYS B 218 22.27 70.01 -5.23
N VAL B 219 21.52 70.06 -6.35
CA VAL B 219 22.06 70.34 -7.68
C VAL B 219 21.18 71.39 -8.37
N THR B 220 21.80 72.18 -9.26
CA THR B 220 21.12 73.27 -9.97
C THR B 220 21.58 73.30 -11.43
N PHE B 221 20.65 73.63 -12.34
CA PHE B 221 20.90 73.70 -13.78
C PHE B 221 20.18 74.91 -14.39
N ALA B 222 20.63 75.33 -15.58
CA ALA B 222 20.02 76.44 -16.31
C ALA B 222 19.25 75.90 -17.51
N ALA B 223 17.93 75.76 -17.36
CA ALA B 223 17.03 75.32 -18.43
C ALA B 223 16.77 76.42 -19.45
N ARG B 224 16.65 76.03 -20.74
CA ARG B 224 16.27 76.92 -21.83
C ARG B 224 15.42 76.18 -22.88
N GLU B 225 14.70 76.93 -23.72
CA GLU B 225 13.84 76.37 -24.76
C GLU B 225 14.65 75.61 -25.83
N GLU B 226 14.06 74.54 -26.38
CA GLU B 226 14.59 73.81 -27.53
C GLU B 226 14.57 74.73 -28.77
N ASN B 252 29.32 74.26 -20.73
CA ASN B 252 27.89 73.99 -21.04
C ASN B 252 27.31 72.85 -20.18
N ALA B 253 28.08 72.33 -19.21
CA ALA B 253 27.69 71.19 -18.39
C ALA B 253 26.46 71.50 -17.52
N LYS B 254 26.20 72.80 -17.25
CA LYS B 254 25.06 73.27 -16.46
C LYS B 254 23.79 73.47 -17.29
N THR B 255 23.89 73.48 -18.63
CA THR B 255 22.77 73.84 -19.52
C THR B 255 21.82 72.64 -19.70
N VAL B 256 20.51 72.94 -19.74
CA VAL B 256 19.45 71.95 -19.94
C VAL B 256 18.48 72.46 -21.00
N TYR B 257 17.97 71.55 -21.86
CA TYR B 257 17.06 71.92 -22.94
C TYR B 257 15.67 71.34 -22.68
N GLY B 258 14.61 72.15 -22.92
CA GLY B 258 13.25 71.74 -22.57
C GLY B 258 12.17 72.34 -23.49
N GLU B 259 10.93 71.84 -23.33
CA GLU B 259 9.83 72.15 -24.24
C GLU B 259 8.90 73.25 -23.70
N ASN B 260 8.95 73.56 -22.39
CA ASN B 260 8.00 74.49 -21.79
C ASN B 260 8.60 75.13 -20.52
N THR B 261 9.69 75.90 -20.70
CA THR B 261 10.55 76.34 -19.59
C THR B 261 9.87 77.38 -18.70
N HIS B 262 8.81 78.05 -19.20
CA HIS B 262 8.16 79.17 -18.52
C HIS B 262 7.32 78.72 -17.32
N ARG B 263 6.85 77.46 -17.33
CA ARG B 263 5.98 76.92 -16.30
C ARG B 263 6.78 76.57 -15.04
N THR B 264 6.93 77.54 -14.13
CA THR B 264 7.56 77.28 -12.83
C THR B 264 6.72 76.28 -12.02
N PHE B 265 7.40 75.46 -11.20
CA PHE B 265 6.75 74.49 -10.33
C PHE B 265 7.69 74.07 -9.19
N SER B 266 7.13 73.42 -8.16
CA SER B 266 7.92 72.79 -7.12
C SER B 266 7.17 71.57 -6.57
N VAL B 267 7.80 70.37 -6.66
CA VAL B 267 7.13 69.11 -6.36
C VAL B 267 8.07 68.18 -5.58
N VAL B 268 7.48 67.23 -4.83
CA VAL B 268 8.21 66.39 -3.89
C VAL B 268 7.97 64.90 -4.20
N VAL B 269 8.97 64.06 -3.91
CA VAL B 269 8.80 62.62 -3.82
C VAL B 269 9.39 62.13 -2.49
N ASP B 270 8.64 61.27 -1.77
CA ASP B 270 8.89 60.98 -0.35
C ASP B 270 8.95 59.47 -0.04
N ASP B 271 9.04 58.63 -1.09
CA ASP B 271 9.36 57.21 -0.98
C ASP B 271 10.14 56.82 -2.23
N CYS B 272 11.29 57.48 -2.42
CA CYS B 272 11.86 57.65 -3.76
C CYS B 272 12.70 56.45 -4.21
N SER B 273 12.09 55.56 -5.02
CA SER B 273 12.79 54.42 -5.58
C SER B 273 13.63 54.76 -6.83
N MET B 274 13.63 56.01 -7.30
CA MET B 274 13.97 56.25 -8.70
C MET B 274 15.47 56.07 -8.99
N ARG B 275 16.36 56.26 -7.99
CA ARG B 275 17.77 55.93 -8.16
C ARG B 275 17.99 54.42 -8.28
N ALA B 276 17.13 53.61 -7.64
CA ALA B 276 17.18 52.15 -7.79
C ALA B 276 16.65 51.74 -9.17
N VAL B 277 15.48 52.26 -9.58
CA VAL B 277 14.83 51.92 -10.84
C VAL B 277 15.66 52.36 -12.06
N LEU B 278 16.09 53.62 -12.13
CA LEU B 278 16.71 54.14 -13.34
C LEU B 278 18.11 53.59 -13.56
N ARG B 279 18.80 53.15 -12.49
CA ARG B 279 20.07 52.45 -12.61
C ARG B 279 19.86 50.96 -12.88
N ARG B 280 18.82 50.33 -12.30
CA ARG B 280 18.41 48.98 -12.67
C ARG B 280 18.22 48.87 -14.19
N LEU B 281 17.47 49.84 -14.76
CA LEU B 281 17.21 49.97 -16.19
C LEU B 281 18.39 50.51 -17.01
N GLN B 282 19.51 50.91 -16.37
CA GLN B 282 20.68 51.51 -17.01
C GLN B 282 20.33 52.67 -17.95
N VAL B 283 19.53 53.63 -17.47
CA VAL B 283 19.17 54.80 -18.27
C VAL B 283 20.38 55.73 -18.44
N GLY B 284 20.90 55.79 -19.67
CA GLY B 284 22.03 56.65 -20.03
C GLY B 284 21.57 57.98 -20.64
N GLY B 285 21.07 58.88 -19.79
CA GLY B 285 20.48 60.14 -20.23
C GLY B 285 19.02 59.98 -20.68
N GLY B 286 18.20 61.00 -20.40
CA GLY B 286 16.76 60.89 -20.57
C GLY B 286 16.03 62.22 -20.43
N THR B 287 14.71 62.19 -20.68
CA THR B 287 13.84 63.35 -20.52
C THR B 287 13.03 63.19 -19.24
N LEU B 288 13.12 64.17 -18.35
CA LEU B 288 12.18 64.31 -17.25
C LEU B 288 10.89 64.93 -17.80
N LYS B 289 9.77 64.22 -17.67
CA LYS B 289 8.45 64.70 -18.08
C LYS B 289 7.57 64.85 -16.83
N PHE B 290 7.07 66.06 -16.58
CA PHE B 290 6.28 66.34 -15.38
C PHE B 290 4.80 66.46 -15.73
N PHE B 291 3.95 65.76 -14.97
CA PHE B 291 2.51 65.93 -15.04
C PHE B 291 2.07 66.61 -13.74
N LEU B 292 1.57 67.85 -13.87
CA LEU B 292 1.35 68.76 -12.75
C LEU B 292 -0.13 69.13 -12.62
N THR B 293 -0.82 69.19 -13.77
CA THR B 293 -2.25 69.46 -13.88
C THR B 293 -3.08 68.19 -13.58
N THR B 294 -2.86 67.59 -12.40
CA THR B 294 -3.43 66.28 -12.05
C THR B 294 -3.49 66.14 -10.52
N PRO B 295 -4.55 65.51 -9.93
CA PRO B 295 -4.65 65.34 -8.48
C PRO B 295 -3.44 64.72 -7.79
N VAL B 296 -2.90 63.62 -8.35
CA VAL B 296 -1.60 63.10 -7.95
C VAL B 296 -0.59 63.43 -9.07
N PRO B 297 0.31 64.42 -8.87
CA PRO B 297 1.31 64.76 -9.89
C PRO B 297 2.25 63.58 -10.12
N SER B 298 2.87 63.52 -11.31
CA SER B 298 3.71 62.39 -11.69
C SER B 298 4.94 62.85 -12.47
N LEU B 299 6.06 62.14 -12.29
CA LEU B 299 7.25 62.32 -13.10
C LEU B 299 7.47 61.06 -13.93
N CYS B 300 7.45 61.20 -15.26
CA CYS B 300 7.83 60.13 -16.16
C CYS B 300 9.24 60.41 -16.67
N VAL B 301 10.17 59.46 -16.48
CA VAL B 301 11.51 59.61 -17.01
C VAL B 301 11.66 58.66 -18.20
N THR B 302 11.88 59.24 -19.40
CA THR B 302 12.02 58.48 -20.64
C THR B 302 13.50 58.49 -21.04
N ALA B 303 14.09 57.30 -21.25
CA ALA B 303 15.48 57.19 -21.70
C ALA B 303 15.65 57.72 -23.13
N THR B 304 16.86 58.20 -23.46
CA THR B 304 17.17 58.74 -24.79
C THR B 304 18.37 58.06 -25.45
N GLY B 305 18.91 57.00 -24.84
CA GLY B 305 19.91 56.15 -25.47
C GLY B 305 19.29 55.20 -26.50
N PRO B 306 19.95 54.05 -26.80
CA PRO B 306 19.39 53.01 -27.70
C PRO B 306 18.01 52.51 -27.28
N ASN B 307 17.78 52.48 -25.96
CA ASN B 307 16.52 52.11 -25.31
C ASN B 307 15.59 53.31 -25.13
N ALA B 308 14.30 53.15 -25.47
CA ALA B 308 13.28 54.17 -25.27
C ALA B 308 12.42 53.87 -24.03
N VAL B 309 12.97 53.12 -23.05
CA VAL B 309 12.26 52.71 -21.85
C VAL B 309 11.85 53.95 -21.03
N SER B 310 10.68 53.86 -20.38
CA SER B 310 10.18 54.93 -19.52
C SER B 310 9.77 54.36 -18.17
N ALA B 311 10.03 55.10 -17.08
CA ALA B 311 9.52 54.75 -15.76
C ALA B 311 8.69 55.93 -15.23
N VAL B 312 7.59 55.65 -14.51
CA VAL B 312 6.71 56.70 -14.01
C VAL B 312 6.61 56.63 -12.48
N PHE B 313 6.96 57.75 -11.84
CA PHE B 313 7.00 57.90 -10.39
C PHE B 313 5.91 58.86 -9.94
N LEU B 314 5.12 58.46 -8.94
CA LEU B 314 4.08 59.33 -8.39
C LEU B 314 4.72 60.33 -7.41
N LEU B 315 4.26 61.59 -7.47
CA LEU B 315 4.78 62.69 -6.67
C LEU B 315 3.80 63.08 -5.54
N LYS B 316 4.16 64.17 -4.83
CA LYS B 316 3.48 64.63 -3.63
C LYS B 316 3.69 66.15 -3.49
N PRO B 317 2.79 66.93 -2.83
CA PRO B 317 1.42 66.55 -2.50
C PRO B 317 0.35 66.93 -3.52
N GLN B 318 0.69 67.82 -4.46
CA GLN B 318 -0.27 68.70 -5.11
C GLN B 318 -1.37 67.90 -5.83
#